data_1Z1G
#
_entry.id   1Z1G
#
_cell.length_a   109.759
_cell.length_b   109.759
_cell.length_c   265.971
_cell.angle_alpha   90.00
_cell.angle_beta   90.00
_cell.angle_gamma   120.00
#
_symmetry.space_group_name_H-M   'P 31'
#
loop_
_entity.id
_entity.type
_entity.pdbx_description
1 polymer 29-MER
2 polymer 29-MER
3 polymer 29-MER
4 polymer 29-MER
5 polymer "5'-D(*AP*CP*AP*GP*GP*TP*CP*AP*CP*TP*AP*TP*CP*AP*GP*TP*CP*AP*AP*AP*AP*TP*AP*CP*C)-3'"
6 polymer 25-MER
7 polymer Integrase
#
loop_
_entity_poly.entity_id
_entity_poly.type
_entity_poly.pdbx_seq_one_letter_code
_entity_poly.pdbx_strand_id
1 'polydeoxyribonucleotide'
;(DA)(DA)(DC)(DT)(DC)(DT)(DG)(DC)(DT)(DT)(DT)(DT)(DT)(DA)(DC)(DA)(DA)(DC)(DA)(DA)
(DA)(DG)(DT)(DT)(DG)(DG)(DA)(DT)(DC)
;
I
2 'polydeoxyribonucleotide'
;(DC)(DG)(DC)(DT)(DC)(DA)(DA)(DG)(DT)(DT)(DT)(DA)(DT)(DA)(DT)(DT)(DA)(DA)(DA)(DA)
(DA)(DG)(DC)(DA)(DG)(DA)(DG)(DT)(DT)
;
J
3 'polydeoxyribonucleotide'
;(DT)(DT)(DG)(DC)(DC)(DA)(DG)(DC)(DT)(DT)(DT)(DA)(DT)(DT)(DA)(DT)(DA)(DT)(DA)(DA)
(DA)(DC)(DT)(DT)(DG)(DA)(DG)(DC)(DG)
;
K
4 'polydeoxyribonucleotide'
;(DG)(DA)(DT)(DC)(DC)(DA)(DA)(DC)(DT)(DT)(DT)(DG)(DT)(DT)(DG)(DA)(DA)(DT)(DA)(DA)
(DA)(DG)(DC)(DT)(DG)(DG)(DC)(DA)(DA)
;
L
5 'polydeoxyribonucleotide'
;(DA)(DC)(DA)(DG)(DG)(DT)(DC)(DA)(DC)(DT)(DA)(DT)(DC)(DA)(DG)(DT)(DC)(DA)(DA)(DA)
(DA)(DT)(DA)(DC)(DC)
;
E,G
6 'polydeoxyribonucleotide'
;(DG)(DG)(DT)(DA)(DT)(DT)(DT)(DT)(DG)(DA)(DC)(DT)(DG)(DA)(DT)(DA)(DG)(DT)(DG)(DA)
(DC)(DC)(DT)(DG)(DT)
;
F,H
7 'polypeptide(L)'
;(MSE)GRRRSHERRDLPPNLYIRNNGYYCYRDPRTGKEFGLGRDRRIAITEAIQANIELFSGHKHKPLTARINSDNSVTL
HSWLDRYEKILASRGIKQKTLINY(MSE)SKIKAIRRGLPDAPLEDITTKEIAA(MSE)LNGYIDEGKAASAKLIRSTLS
DAFREAIAEGHITTNHVAATRAAKSEVRRSRLTADEYLKIYQAAESSPCWLRLA(MSE)ELAVVTGQRVGDLCE(MSE)K
WSDIVDGYLYVEQSKTGVKIAIPTALHIDALGIS(MSE)KETLDKCKEILGGETIIASTRREPLSSGTVSRYF(MSE)RA
RKASGLSFEGDPPTFHELRSLSARLYEKQISDKFAQHLLGHKSDT(MSE)ASQFRDDRGREWDKIEIK
;
A,B,C,D
#
loop_
_chem_comp.id
_chem_comp.type
_chem_comp.name
_chem_comp.formula
DA DNA linking 2'-DEOXYADENOSINE-5'-MONOPHOSPHATE 'C10 H14 N5 O6 P'
DC DNA linking 2'-DEOXYCYTIDINE-5'-MONOPHOSPHATE 'C9 H14 N3 O7 P'
DG DNA linking 2'-DEOXYGUANOSINE-5'-MONOPHOSPHATE 'C10 H14 N5 O7 P'
DT DNA linking THYMIDINE-5'-MONOPHOSPHATE 'C10 H15 N2 O8 P'
#
# COMPACT_ATOMS: atom_id res chain seq x y z
N GLU I 8 12.85 70.76 -26.05
CA GLU I 8 12.45 69.89 -24.78
C GLU I 8 10.95 69.25 -24.60
N ARG I 9 10.86 67.93 -24.19
CA ARG I 9 9.57 67.12 -24.21
C ARG I 9 9.10 66.29 -22.96
N ARG I 10 9.99 65.31 -22.50
CA ARG I 10 9.64 64.08 -21.66
C ARG I 10 10.69 63.26 -20.78
N ASP I 11 10.14 62.59 -19.75
CA ASP I 11 10.90 61.84 -18.74
C ASP I 11 10.68 60.27 -18.73
N LEU I 12 10.55 59.71 -19.94
CA LEU I 12 10.33 58.29 -20.22
C LEU I 12 11.41 57.38 -19.65
N PRO I 13 11.13 56.79 -18.47
CA PRO I 13 12.04 55.81 -17.86
C PRO I 13 12.37 54.72 -18.86
N PRO I 14 13.65 54.47 -19.00
CA PRO I 14 14.11 53.41 -19.88
C PRO I 14 13.42 52.06 -19.68
N ASN I 15 13.35 51.31 -20.77
CA ASN I 15 12.71 50.02 -20.83
C ASN I 15 11.28 50.18 -20.96
N LEU I 16 10.78 51.36 -20.60
CA LEU I 16 9.33 51.60 -20.59
C LEU I 16 8.98 52.30 -21.84
N TYR I 17 7.90 51.88 -22.48
CA TYR I 17 7.47 52.56 -23.69
C TYR I 17 6.03 52.84 -23.56
N ILE I 18 5.58 53.73 -24.42
CA ILE I 18 4.18 54.11 -24.54
C ILE I 18 3.59 53.58 -25.85
N ARG I 19 2.26 53.36 -25.78
CA ARG I 19 1.43 52.98 -26.90
C ARG I 19 0.63 54.16 -27.50
N ASN I 20 0.04 53.89 -28.67
CA ASN I 20 -0.66 54.86 -29.51
C ASN I 20 -1.76 55.60 -28.78
N ASN I 21 -2.35 54.99 -27.80
CA ASN I 21 -3.40 55.78 -27.26
C ASN I 21 -3.02 56.45 -25.96
N GLY I 22 -1.84 56.03 -25.49
CA GLY I 22 -1.34 56.39 -24.18
C GLY I 22 -1.45 55.21 -23.19
N TYR I 23 -1.10 54.01 -23.63
CA TYR I 23 -1.05 52.91 -22.68
C TYR I 23 0.42 52.46 -22.50
N TYR I 24 0.74 52.19 -21.27
CA TYR I 24 2.09 52.07 -20.88
C TYR I 24 2.58 50.61 -20.70
N CYS I 25 3.75 50.28 -21.24
CA CYS I 25 4.35 48.96 -21.01
C CYS I 25 5.89 48.93 -20.82
N TYR I 26 6.34 47.96 -20.06
CA TYR I 26 7.70 47.84 -19.71
C TYR I 26 8.03 46.67 -20.46
N ARG I 27 9.26 46.68 -20.92
CA ARG I 27 9.79 45.58 -21.72
C ARG I 27 10.99 45.01 -21.03
N ASP I 28 10.85 43.75 -20.67
CA ASP I 28 11.98 43.02 -20.20
C ASP I 28 12.77 42.85 -21.47
N PRO I 29 14.01 43.31 -21.49
CA PRO I 29 14.87 43.09 -22.67
C PRO I 29 15.54 41.77 -22.61
N ARG I 30 15.36 41.14 -21.49
CA ARG I 30 15.88 39.88 -21.13
C ARG I 30 15.09 38.92 -22.08
N THR I 31 13.76 39.01 -22.04
CA THR I 31 12.85 38.17 -22.86
C THR I 31 12.56 38.84 -24.25
N GLY I 32 12.23 40.12 -24.18
CA GLY I 32 11.81 40.89 -25.34
C GLY I 32 10.35 41.21 -25.19
N LYS I 33 9.70 40.42 -24.32
CA LYS I 33 8.25 40.50 -23.97
C LYS I 33 7.80 41.76 -23.17
N GLU I 34 6.65 42.34 -23.54
CA GLU I 34 6.16 43.59 -22.98
C GLU I 34 5.30 43.24 -21.93
N PHE I 35 5.03 44.21 -21.06
CA PHE I 35 3.98 43.97 -20.06
C PHE I 35 3.05 45.10 -19.79
N GLY I 36 1.86 44.72 -19.41
CA GLY I 36 0.85 45.71 -19.18
C GLY I 36 0.82 46.34 -17.81
N LEU I 37 0.79 47.68 -17.78
CA LEU I 37 0.75 48.45 -16.54
C LEU I 37 -0.66 49.03 -16.28
N GLY I 38 -1.04 50.09 -16.96
CA GLY I 38 -2.35 50.70 -16.79
C GLY I 38 -2.39 51.99 -17.54
N ARG I 39 -3.04 53.00 -16.97
CA ARG I 39 -3.21 54.32 -17.58
C ARG I 39 -2.41 55.47 -16.94
N ASP I 40 -2.11 55.26 -15.66
CA ASP I 40 -1.54 56.24 -14.76
C ASP I 40 -0.03 56.37 -14.85
N ARG I 41 0.40 57.36 -15.65
CA ARG I 41 1.77 57.73 -15.88
C ARG I 41 2.59 57.66 -14.57
N ARG I 42 2.05 58.37 -13.59
CA ARG I 42 2.49 58.36 -12.19
C ARG I 42 2.75 56.92 -11.62
N ILE I 43 1.79 56.03 -11.77
CA ILE I 43 1.92 54.71 -11.21
C ILE I 43 2.82 53.77 -12.03
N ALA I 44 2.77 53.96 -13.35
CA ALA I 44 3.61 53.25 -14.34
C ALA I 44 5.05 53.41 -14.04
N ILE I 45 5.38 54.69 -14.09
CA ILE I 45 6.60 55.25 -13.63
C ILE I 45 7.04 54.39 -12.47
N THR I 46 6.20 54.44 -11.45
CA THR I 46 6.52 53.84 -10.20
C THR I 46 7.02 52.42 -10.37
N GLU I 47 6.14 51.57 -10.90
CA GLU I 47 6.46 50.16 -11.05
C GLU I 47 7.67 49.98 -11.95
N ALA I 48 7.73 50.89 -12.89
CA ALA I 48 8.81 50.91 -13.79
C ALA I 48 10.10 50.97 -13.02
N ILE I 49 10.29 52.02 -12.22
CA ILE I 49 11.59 52.12 -11.55
C ILE I 49 11.86 50.84 -10.73
N GLN I 50 10.88 50.38 -9.95
CA GLN I 50 11.04 49.13 -9.19
C GLN I 50 11.78 48.09 -10.04
N ALA I 51 11.35 47.97 -11.30
CA ALA I 51 11.89 46.99 -12.24
C ALA I 51 13.31 47.25 -12.65
N ASN I 52 13.63 48.53 -12.80
CA ASN I 52 14.95 49.02 -13.21
C ASN I 52 15.97 48.81 -12.17
N ILE I 53 15.49 48.64 -10.98
CA ILE I 53 16.33 48.27 -9.85
C ILE I 53 16.70 46.77 -9.94
N GLU I 54 15.64 45.95 -10.16
CA GLU I 54 15.64 44.50 -10.25
C GLU I 54 16.74 43.92 -11.26
N LEU I 55 16.67 44.42 -12.48
CA LEU I 55 17.68 44.21 -13.48
C LEU I 55 19.04 44.39 -12.88
N PHE I 56 19.16 45.29 -11.90
CA PHE I 56 20.47 45.62 -11.39
C PHE I 56 20.91 44.91 -10.09
N SER I 57 20.10 43.98 -9.58
CA SER I 57 20.44 43.29 -8.33
C SER I 57 19.83 41.94 -7.84
N GLY I 58 19.27 41.08 -8.71
CA GLY I 58 18.66 39.82 -8.27
C GLY I 58 17.56 40.22 -7.29
N HIS I 59 18.02 40.98 -6.30
CA HIS I 59 17.21 41.75 -5.34
C HIS I 59 15.78 42.08 -5.88
N LYS I 60 14.82 41.64 -5.11
CA LYS I 60 13.52 42.02 -5.46
C LYS I 60 12.84 42.56 -4.23
N HIS I 61 12.02 43.60 -4.46
CA HIS I 61 11.06 44.03 -3.46
C HIS I 61 10.09 42.84 -3.51
N LYS I 62 10.28 41.97 -2.54
CA LYS I 62 9.41 40.88 -2.39
C LYS I 62 8.40 41.21 -1.37
N PRO I 63 7.21 40.92 -1.79
CA PRO I 63 6.03 40.78 -0.97
C PRO I 63 6.13 40.62 0.55
N LEU I 64 5.05 41.16 1.15
CA LEU I 64 4.83 41.22 2.56
C LEU I 64 4.35 39.85 2.78
N THR I 65 3.62 39.40 1.81
CA THR I 65 3.32 38.03 1.72
C THR I 65 4.60 37.22 2.06
N ALA I 66 5.52 37.18 1.08
CA ALA I 66 6.78 36.46 1.16
C ALA I 66 7.24 36.72 2.56
N ARG I 67 7.80 37.96 2.71
CA ARG I 67 8.23 38.64 3.96
C ARG I 67 7.41 38.37 5.29
N ILE I 68 6.39 37.54 5.19
CA ILE I 68 5.80 37.08 6.41
C ILE I 68 6.36 35.72 6.54
N ASN I 69 5.97 34.93 5.59
CA ASN I 69 6.17 33.54 5.73
C ASN I 69 7.53 33.03 5.99
N SER I 70 8.48 33.91 5.80
CA SER I 70 9.88 33.55 5.95
C SER I 70 10.64 33.80 7.30
N ASP I 71 10.24 34.75 8.20
CA ASP I 71 11.08 35.02 9.46
C ASP I 71 10.74 33.95 10.50
N ASN I 72 9.98 32.95 10.07
CA ASN I 72 9.63 31.83 10.93
C ASN I 72 9.55 30.43 10.22
N SER I 73 9.46 30.38 8.86
CA SER I 73 9.26 29.13 8.09
C SER I 73 10.61 28.66 7.54
N VAL I 74 11.16 27.72 8.28
CA VAL I 74 12.61 27.60 8.56
C VAL I 74 13.90 27.71 7.69
N THR I 75 14.80 26.75 7.78
CA THR I 75 15.96 26.90 6.96
C THR I 75 16.63 25.56 6.90
N LEU I 76 17.05 25.19 5.72
CA LEU I 76 17.55 23.84 5.48
C LEU I 76 18.49 23.33 6.42
N HIS I 77 19.63 23.98 6.46
CA HIS I 77 20.68 23.54 7.32
C HIS I 77 20.20 23.48 8.79
N SER I 78 19.43 24.49 9.23
CA SER I 78 18.83 24.54 10.58
C SER I 78 17.93 23.37 10.97
N TRP I 79 17.28 22.77 9.97
CA TRP I 79 16.31 21.72 10.18
C TRP I 79 16.92 20.39 10.08
N LEU I 80 17.90 20.34 9.22
CA LEU I 80 18.74 19.18 9.04
C LEU I 80 19.43 18.91 10.35
N ASP I 81 19.90 19.99 10.95
CA ASP I 81 20.44 19.92 12.29
C ASP I 81 19.42 19.25 13.21
N ARG I 82 18.15 19.65 13.13
CA ARG I 82 17.14 18.99 13.96
C ARG I 82 16.78 17.59 13.37
N TYR I 83 16.83 17.45 12.05
CA TYR I 83 16.57 16.16 11.47
C TYR I 83 17.41 15.24 12.23
N GLU I 84 18.69 15.56 12.19
CA GLU I 84 19.69 14.77 12.82
C GLU I 84 19.12 14.15 14.07
N LYS I 85 18.82 15.02 15.01
CA LYS I 85 18.43 14.59 16.33
C LYS I 85 17.27 13.63 16.30
N ILE I 86 16.34 13.82 15.38
CA ILE I 86 15.19 12.94 15.39
C ILE I 86 15.66 11.55 15.10
N LEU I 87 16.67 11.49 14.25
CA LEU I 87 17.24 10.25 13.82
C LEU I 87 17.80 9.55 15.00
N ALA I 88 18.66 10.22 15.73
CA ALA I 88 19.27 9.53 16.87
C ALA I 88 18.22 8.85 17.77
N SER I 89 16.98 9.37 17.76
CA SER I 89 15.89 8.86 18.59
C SER I 89 15.20 7.64 18.02
N ARG I 90 15.21 7.51 16.70
CA ARG I 90 14.54 6.38 16.02
C ARG I 90 14.93 4.94 16.51
N GLY I 91 16.06 4.82 17.21
CA GLY I 91 16.50 3.55 17.76
C GLY I 91 17.00 2.68 16.64
N ILE I 92 18.26 2.94 16.29
CA ILE I 92 18.89 2.43 15.10
C ILE I 92 20.24 1.94 15.40
N LYS I 93 20.80 1.09 14.53
CA LYS I 93 22.17 0.63 14.73
C LYS I 93 23.20 1.71 14.45
N GLN I 94 24.17 1.80 15.37
CA GLN I 94 25.21 2.82 15.37
C GLN I 94 25.77 3.16 14.00
N LYS I 95 25.86 2.21 13.07
CA LYS I 95 26.39 2.60 11.76
C LYS I 95 25.35 3.04 10.72
N THR I 96 24.16 2.43 10.80
CA THR I 96 23.04 2.85 9.98
C THR I 96 23.09 4.41 10.04
N LEU I 97 23.00 4.90 11.27
CA LEU I 97 23.18 6.27 11.64
C LEU I 97 24.20 6.99 10.76
N ILE I 98 25.45 6.58 10.82
CA ILE I 98 26.44 7.34 10.10
C ILE I 98 26.25 7.32 8.64
N ASN I 99 25.73 6.22 8.14
CA ASN I 99 25.51 6.20 6.73
C ASN I 99 24.65 7.40 6.48
N TYR I 100 23.48 7.39 7.08
CA TYR I 100 22.56 8.49 6.95
C TYR I 100 23.35 9.79 7.09
N MSE I 101 24.14 9.87 8.16
CA MSE I 101 24.88 11.07 8.51
C MSE I 101 25.66 11.63 7.36
O MSE I 101 25.65 12.82 7.06
CB MSE I 101 25.83 10.76 9.68
CG MSE I 101 25.22 10.97 11.07
SE MSE I 101 24.61 12.83 11.46
CE MSE I 101 25.14 12.93 13.48
N SER I 102 26.35 10.71 6.70
CA SER I 102 27.16 11.06 5.59
C SER I 102 26.29 11.69 4.51
N LYS I 103 25.13 11.13 4.31
CA LYS I 103 24.33 11.68 3.27
C LYS I 103 23.95 13.13 3.61
N ILE I 104 23.32 13.32 4.76
CA ILE I 104 23.03 14.66 5.19
C ILE I 104 24.11 15.52 4.64
N LYS I 105 25.27 15.34 5.25
CA LYS I 105 26.45 16.13 4.94
C LYS I 105 26.33 16.31 3.45
N ALA I 106 26.25 15.24 2.71
CA ALA I 106 26.16 15.36 1.30
C ALA I 106 25.27 16.52 0.95
N ILE I 107 24.11 16.51 1.55
CA ILE I 107 23.16 17.51 1.23
C ILE I 107 23.61 18.89 1.58
N ARG I 108 24.04 19.04 2.81
CA ARG I 108 24.51 20.32 3.28
C ARG I 108 25.31 21.02 2.17
N ARG I 109 26.25 20.28 1.59
CA ARG I 109 27.22 20.77 0.58
C ARG I 109 26.64 20.81 -0.82
N GLY I 110 25.47 20.23 -1.01
CA GLY I 110 24.86 20.33 -2.32
C GLY I 110 23.91 21.50 -2.38
N LEU I 111 23.36 21.85 -1.25
CA LEU I 111 22.35 22.85 -1.34
C LEU I 111 22.46 24.05 -0.45
N PRO I 112 21.78 25.11 -0.94
CA PRO I 112 21.56 26.39 -0.24
C PRO I 112 21.09 26.28 1.22
N ASP I 113 21.55 27.18 2.08
CA ASP I 113 21.06 27.24 3.44
C ASP I 113 19.86 28.20 3.40
N ALA I 114 18.92 27.92 2.51
CA ALA I 114 17.75 28.79 2.41
C ALA I 114 16.59 28.24 3.24
N PRO I 115 15.41 28.77 3.02
CA PRO I 115 14.21 28.33 3.70
C PRO I 115 13.58 27.18 2.98
N LEU I 116 12.95 26.26 3.68
CA LEU I 116 12.33 25.09 3.07
C LEU I 116 11.50 25.19 1.83
N GLU I 117 10.40 25.90 1.91
CA GLU I 117 9.51 25.89 0.75
C GLU I 117 10.06 26.55 -0.48
N ASP I 118 11.24 27.12 -0.30
CA ASP I 118 11.91 27.89 -1.32
C ASP I 118 12.85 26.95 -2.14
N ILE I 119 12.94 25.71 -1.67
CA ILE I 119 13.78 24.80 -2.33
C ILE I 119 12.94 24.25 -3.37
N THR I 120 13.46 24.29 -4.58
CA THR I 120 12.73 23.66 -5.61
C THR I 120 13.26 22.38 -6.15
N THR I 121 12.28 21.57 -6.44
CA THR I 121 12.53 20.40 -7.15
C THR I 121 13.75 20.50 -8.05
N LYS I 122 13.67 21.38 -9.04
CA LYS I 122 14.77 21.43 -9.97
C LYS I 122 16.11 21.57 -9.27
N GLU I 123 16.18 22.46 -8.28
CA GLU I 123 17.41 22.64 -7.58
C GLU I 123 17.82 21.24 -7.12
N ILE I 124 16.86 20.45 -6.62
CA ILE I 124 17.15 19.13 -6.07
C ILE I 124 17.65 18.22 -7.10
N ALA I 125 16.95 18.22 -8.19
CA ALA I 125 17.38 17.41 -9.27
C ALA I 125 18.81 17.73 -9.57
N ALA I 126 18.98 19.00 -9.93
CA ALA I 126 20.25 19.54 -10.36
C ALA I 126 21.36 18.89 -9.57
N MSE I 127 21.36 19.07 -8.28
CA MSE I 127 22.38 18.44 -7.51
C MSE I 127 22.31 16.92 -7.68
O MSE I 127 23.33 16.26 -7.88
CB MSE I 127 22.24 18.87 -6.07
CG MSE I 127 23.05 18.06 -5.13
SE MSE I 127 21.95 17.34 -3.67
CE MSE I 127 20.44 16.37 -4.80
N LEU I 128 21.10 16.36 -7.62
CA LEU I 128 20.97 14.94 -7.71
C LEU I 128 21.76 14.51 -8.95
N ASN I 129 21.49 15.17 -10.06
CA ASN I 129 22.17 14.81 -11.29
C ASN I 129 23.67 14.91 -11.26
N GLY I 130 24.14 15.87 -10.49
CA GLY I 130 25.55 16.08 -10.37
C GLY I 130 26.18 14.75 -10.04
N TYR I 131 25.47 14.00 -9.21
CA TYR I 131 25.91 12.73 -8.68
C TYR I 131 25.80 11.56 -9.66
N ILE I 132 24.83 11.64 -10.56
CA ILE I 132 24.73 10.62 -11.60
C ILE I 132 25.83 10.80 -12.59
N ASP I 133 25.98 12.04 -13.03
CA ASP I 133 26.89 12.40 -14.09
C ASP I 133 28.33 11.92 -13.80
N GLU I 134 28.70 11.98 -12.50
CA GLU I 134 30.00 11.49 -11.99
C GLU I 134 30.05 9.92 -11.90
N GLY I 135 28.88 9.30 -12.09
CA GLY I 135 28.77 7.85 -12.13
C GLY I 135 28.42 7.23 -10.79
N LYS I 136 28.14 8.09 -9.81
CA LYS I 136 27.83 7.61 -8.47
C LYS I 136 26.32 7.47 -8.30
N ALA I 137 25.79 6.76 -9.28
CA ALA I 137 24.41 6.45 -9.35
C ALA I 137 23.87 6.16 -7.99
N ALA I 138 24.20 4.99 -7.49
CA ALA I 138 23.57 4.57 -6.26
C ALA I 138 23.49 5.66 -5.21
N SER I 139 24.57 6.41 -5.03
CA SER I 139 24.60 7.45 -4.05
C SER I 139 23.34 8.19 -4.18
N ALA I 140 23.19 8.73 -5.37
CA ALA I 140 22.06 9.57 -5.65
C ALA I 140 20.82 9.04 -5.02
N LYS I 141 20.62 7.73 -5.20
CA LYS I 141 19.46 7.09 -4.67
C LYS I 141 19.36 7.48 -3.22
N LEU I 142 20.35 7.10 -2.43
CA LEU I 142 20.22 7.28 -0.98
C LEU I 142 20.15 8.71 -0.53
N ILE I 143 20.84 9.55 -1.27
CA ILE I 143 20.77 10.95 -1.01
C ILE I 143 19.34 11.25 -1.11
N ARG I 144 18.86 11.09 -2.33
CA ARG I 144 17.48 11.33 -2.58
C ARG I 144 16.76 10.76 -1.38
N SER I 145 16.64 9.44 -1.34
CA SER I 145 15.87 8.81 -0.29
C SER I 145 15.82 9.61 0.95
N THR I 146 16.98 9.93 1.47
CA THR I 146 16.97 10.54 2.74
C THR I 146 16.46 11.90 2.66
N LEU I 147 16.98 12.67 1.74
CA LEU I 147 16.51 14.01 1.68
C LEU I 147 15.04 13.95 1.83
N SER I 148 14.45 13.07 1.04
CA SER I 148 13.01 12.87 0.99
C SER I 148 12.51 12.80 2.38
N ASP I 149 13.10 11.89 3.11
CA ASP I 149 12.61 11.61 4.41
C ASP I 149 12.62 12.86 5.20
N ALA I 150 13.79 13.45 5.25
CA ALA I 150 13.95 14.64 6.04
C ALA I 150 12.76 15.56 5.81
N PHE I 151 12.40 15.69 4.53
CA PHE I 151 11.26 16.48 4.17
C PHE I 151 10.05 15.94 4.86
N ARG I 152 9.71 14.68 4.60
CA ARG I 152 8.53 14.10 5.25
C ARG I 152 8.34 14.76 6.59
N GLU I 153 9.32 14.45 7.42
CA GLU I 153 9.29 14.76 8.79
C GLU I 153 9.18 16.20 8.93
N ALA I 154 9.92 16.92 8.12
CA ALA I 154 9.75 18.35 8.18
C ALA I 154 8.24 18.73 8.04
N ILE I 155 7.57 17.97 7.19
CA ILE I 155 6.19 18.18 6.90
C ILE I 155 5.43 17.77 8.09
N ALA I 156 5.94 16.73 8.76
CA ALA I 156 5.32 16.17 9.97
C ALA I 156 5.30 17.15 11.06
N GLU I 157 6.18 18.14 10.97
CA GLU I 157 6.28 19.18 11.96
C GLU I 157 5.87 20.51 11.34
N GLY I 158 5.22 20.39 10.17
CA GLY I 158 4.50 21.44 9.46
C GLY I 158 5.22 22.70 9.08
N HIS I 159 6.46 22.55 8.68
CA HIS I 159 7.08 23.76 8.31
C HIS I 159 6.71 23.83 6.90
N ILE I 160 6.39 22.68 6.37
CA ILE I 160 6.07 22.67 4.99
C ILE I 160 4.82 22.03 4.79
N THR I 161 4.44 22.04 3.55
CA THR I 161 3.24 21.40 3.19
C THR I 161 3.40 20.34 2.12
N THR I 162 4.47 20.41 1.31
CA THR I 162 4.69 19.52 0.13
C THR I 162 6.12 19.01 -0.12
N ASN I 163 6.23 17.72 -0.34
CA ASN I 163 7.56 17.20 -0.50
C ASN I 163 8.11 17.52 -1.86
N HIS I 164 9.00 18.48 -2.02
CA HIS I 164 9.36 18.69 -3.43
C HIS I 164 10.06 17.53 -4.03
N VAL I 165 10.70 16.76 -3.18
CA VAL I 165 11.47 15.60 -3.50
C VAL I 165 10.73 14.63 -4.32
N ALA I 166 9.60 14.23 -3.77
CA ALA I 166 8.86 13.08 -4.30
C ALA I 166 8.58 13.15 -5.76
N ALA I 167 8.60 14.38 -6.27
CA ALA I 167 8.41 14.64 -7.69
C ALA I 167 9.58 14.03 -8.54
N THR I 168 10.72 13.91 -7.92
CA THR I 168 11.78 13.46 -8.69
C THR I 168 11.99 12.01 -8.71
N ARG I 169 12.84 11.58 -9.64
CA ARG I 169 13.11 10.19 -9.77
C ARG I 169 14.48 9.68 -9.55
N ALA I 170 14.38 8.54 -8.90
CA ALA I 170 15.47 7.77 -8.36
C ALA I 170 16.24 7.14 -9.46
N ALA I 171 17.55 7.29 -9.41
CA ALA I 171 18.34 6.60 -10.39
C ALA I 171 18.16 5.12 -10.15
N LYS I 172 18.05 4.39 -11.22
CA LYS I 172 17.96 2.97 -11.02
C LYS I 172 19.39 2.49 -11.36
N SER I 173 19.91 1.56 -10.52
CA SER I 173 21.31 1.06 -10.60
C SER I 173 21.48 -0.38 -11.00
N GLU I 174 22.18 -0.57 -12.10
CA GLU I 174 22.56 -1.92 -12.46
C GLU I 174 23.86 -2.24 -11.67
N VAL I 175 23.81 -3.32 -10.85
CA VAL I 175 24.94 -3.75 -9.99
C VAL I 175 26.16 -4.09 -10.86
N ARG I 176 27.33 -3.57 -10.48
CA ARG I 176 28.57 -3.71 -11.26
C ARG I 176 29.52 -4.87 -10.80
N ARG I 177 29.62 -5.05 -9.49
CA ARG I 177 30.41 -6.14 -8.91
C ARG I 177 30.21 -7.46 -9.64
N SER I 178 31.27 -7.92 -10.23
CA SER I 178 31.21 -9.16 -10.92
C SER I 178 31.23 -10.24 -9.85
N ARG I 179 30.80 -11.43 -10.25
CA ARG I 179 30.84 -12.58 -9.38
C ARG I 179 32.15 -13.43 -9.49
N LEU I 180 32.30 -14.38 -8.59
CA LEU I 180 33.52 -15.12 -8.52
C LEU I 180 33.22 -16.55 -8.86
N THR I 181 34.04 -17.12 -9.75
CA THR I 181 33.98 -18.54 -10.13
C THR I 181 34.99 -19.36 -9.34
N ALA I 182 34.68 -20.65 -9.21
CA ALA I 182 35.51 -21.60 -8.49
C ALA I 182 37.00 -21.53 -8.89
N ASP I 183 37.25 -21.44 -10.20
CA ASP I 183 38.62 -21.38 -10.72
C ASP I 183 39.39 -20.16 -10.16
N GLU I 184 38.74 -19.00 -10.20
CA GLU I 184 39.34 -17.76 -9.72
C GLU I 184 39.71 -17.83 -8.23
N TYR I 185 38.79 -18.33 -7.41
CA TYR I 185 39.07 -18.53 -5.99
C TYR I 185 40.40 -19.27 -5.82
N LEU I 186 40.51 -20.42 -6.45
CA LEU I 186 41.74 -21.21 -6.39
C LEU I 186 42.85 -20.24 -6.72
N LYS I 187 42.71 -19.52 -7.83
CA LYS I 187 43.73 -18.60 -8.33
C LYS I 187 44.15 -17.62 -7.27
N ILE I 188 43.18 -17.12 -6.51
CA ILE I 188 43.52 -16.18 -5.47
C ILE I 188 44.05 -16.87 -4.23
N TYR I 189 43.45 -17.99 -3.83
CA TYR I 189 43.92 -18.78 -2.70
C TYR I 189 45.43 -18.95 -2.83
N GLN I 190 45.85 -19.13 -4.07
CA GLN I 190 47.26 -19.30 -4.43
C GLN I 190 48.11 -18.06 -4.20
N ALA I 191 47.69 -16.92 -4.72
CA ALA I 191 48.49 -15.72 -4.54
C ALA I 191 48.52 -15.28 -3.08
N ALA I 192 47.57 -15.80 -2.31
CA ALA I 192 47.41 -15.52 -0.89
C ALA I 192 48.57 -16.03 -0.05
N GLU I 193 49.53 -16.64 -0.73
CA GLU I 193 50.69 -17.23 -0.07
C GLU I 193 51.56 -16.19 0.62
N SER I 194 51.78 -15.06 -0.05
CA SER I 194 52.56 -13.94 0.45
C SER I 194 51.87 -13.25 1.62
N SER I 195 50.60 -13.57 1.78
CA SER I 195 49.80 -12.96 2.82
C SER I 195 49.89 -13.75 4.10
N PRO I 196 49.66 -13.08 5.22
CA PRO I 196 49.65 -13.75 6.51
C PRO I 196 48.66 -14.90 6.48
N CYS I 197 49.00 -15.90 7.26
CA CYS I 197 48.27 -17.16 7.35
C CYS I 197 46.72 -17.13 7.44
N TRP I 198 46.15 -16.24 8.27
CA TRP I 198 44.70 -16.24 8.51
C TRP I 198 43.89 -15.98 7.29
N LEU I 199 44.47 -15.21 6.36
CA LEU I 199 43.77 -14.88 5.15
C LEU I 199 43.20 -16.15 4.57
N ARG I 200 44.08 -17.07 4.25
CA ARG I 200 43.68 -18.33 3.68
C ARG I 200 42.52 -18.89 4.49
N LEU I 201 42.74 -19.07 5.78
CA LEU I 201 41.77 -19.71 6.65
C LEU I 201 40.45 -19.01 6.59
N ALA I 202 40.50 -17.70 6.68
CA ALA I 202 39.28 -16.92 6.60
C ALA I 202 38.57 -17.27 5.31
N MSE I 203 39.31 -17.25 4.21
CA MSE I 203 38.73 -17.51 2.90
C MSE I 203 38.01 -18.81 2.92
O MSE I 203 36.81 -18.86 2.66
CB MSE I 203 39.82 -17.57 1.84
CG MSE I 203 40.20 -16.23 1.37
SE MSE I 203 41.68 -16.30 0.19
CE MSE I 203 40.73 -16.46 -1.46
N GLU I 204 38.74 -19.85 3.25
CA GLU I 204 38.17 -21.17 3.33
C GLU I 204 36.93 -21.09 4.24
N LEU I 205 37.12 -20.66 5.48
CA LEU I 205 36.02 -20.53 6.42
C LEU I 205 34.81 -19.85 5.80
N ALA I 206 35.07 -18.73 5.13
CA ALA I 206 34.02 -17.93 4.53
C ALA I 206 33.18 -18.71 3.56
N VAL I 207 33.84 -19.45 2.70
CA VAL I 207 33.11 -20.17 1.70
C VAL I 207 32.38 -21.35 2.32
N VAL I 208 33.00 -21.98 3.31
CA VAL I 208 32.41 -23.16 3.94
C VAL I 208 31.23 -22.81 4.83
N THR I 209 31.30 -21.65 5.45
CA THR I 209 30.27 -21.20 6.35
C THR I 209 29.28 -20.38 5.60
N GLY I 210 29.73 -19.77 4.50
CA GLY I 210 28.91 -18.88 3.69
C GLY I 210 28.40 -17.75 4.56
N GLN I 211 29.21 -17.38 5.54
CA GLN I 211 28.82 -16.39 6.51
C GLN I 211 29.39 -15.02 6.20
N ARG I 212 28.72 -14.00 6.72
CA ARG I 212 29.15 -12.63 6.54
C ARG I 212 30.51 -12.45 7.20
N VAL I 213 31.40 -11.79 6.49
CA VAL I 213 32.70 -11.43 7.02
C VAL I 213 32.51 -10.80 8.42
N GLY I 214 31.62 -9.80 8.52
CA GLY I 214 31.32 -9.12 9.78
C GLY I 214 31.07 -10.09 10.93
N ASP I 215 30.35 -11.17 10.65
CA ASP I 215 30.01 -12.18 11.66
C ASP I 215 31.17 -13.09 11.86
N LEU I 216 31.85 -13.34 10.75
CA LEU I 216 33.01 -14.17 10.68
C LEU I 216 34.06 -13.72 11.72
N CYS I 217 34.32 -12.42 11.74
CA CYS I 217 35.30 -11.85 12.64
C CYS I 217 34.86 -11.85 14.09
N GLU I 218 33.64 -12.29 14.33
CA GLU I 218 33.11 -12.26 15.68
C GLU I 218 32.84 -13.64 16.28
N MSE I 219 33.21 -14.69 15.55
CA MSE I 219 33.01 -16.03 16.04
C MSE I 219 34.05 -16.39 17.08
O MSE I 219 35.25 -16.22 16.84
CB MSE I 219 33.12 -17.02 14.90
CG MSE I 219 32.11 -16.83 13.80
SE MSE I 219 32.65 -17.91 12.24
CE MSE I 219 31.08 -17.43 11.00
N LYS I 220 33.56 -16.89 18.22
CA LYS I 220 34.38 -17.35 19.35
C LYS I 220 34.48 -18.89 19.37
N TRP I 221 35.57 -19.44 19.90
CA TRP I 221 35.70 -20.91 20.03
C TRP I 221 34.66 -21.42 21.04
N SER I 222 34.12 -20.50 21.85
CA SER I 222 33.04 -20.82 22.78
C SER I 222 31.68 -20.91 22.04
N ASP I 223 31.64 -20.51 20.76
CA ASP I 223 30.43 -20.57 19.92
C ASP I 223 30.15 -21.98 19.40
N ILE I 224 31.10 -22.88 19.60
CA ILE I 224 30.97 -24.28 19.15
C ILE I 224 30.71 -25.27 20.31
N VAL I 225 29.56 -25.94 20.28
CA VAL I 225 29.27 -27.05 21.21
C VAL I 225 28.66 -28.28 20.48
N ASP I 226 29.22 -29.46 20.81
CA ASP I 226 28.81 -30.76 20.27
C ASP I 226 28.75 -30.89 18.73
N GLY I 227 29.73 -30.33 18.03
CA GLY I 227 29.82 -30.39 16.58
C GLY I 227 29.01 -29.35 15.80
N TYR I 228 28.54 -28.30 16.48
CA TYR I 228 27.74 -27.24 15.83
C TYR I 228 28.25 -25.84 16.16
N LEU I 229 28.39 -25.03 15.12
CA LEU I 229 28.85 -23.67 15.29
C LEU I 229 27.67 -22.71 15.36
N TYR I 230 27.52 -22.05 16.50
CA TYR I 230 26.43 -21.12 16.73
C TYR I 230 26.80 -19.75 16.21
N VAL I 231 25.95 -19.20 15.34
CA VAL I 231 26.19 -17.83 14.90
C VAL I 231 24.95 -16.94 15.01
N GLU I 232 25.22 -15.76 15.57
CA GLU I 232 24.27 -14.69 15.75
C GLU I 232 24.63 -13.62 14.71
N GLN I 233 23.91 -13.57 13.59
CA GLN I 233 24.19 -12.58 12.54
C GLN I 233 23.94 -11.18 13.06
N SER I 234 24.94 -10.33 12.90
CA SER I 234 24.85 -8.97 13.40
C SER I 234 23.90 -8.11 12.55
N LYS I 235 23.84 -8.39 11.24
CA LYS I 235 23.01 -7.63 10.29
C LYS I 235 21.47 -7.80 10.42
N THR I 236 21.02 -9.05 10.52
CA THR I 236 19.58 -9.38 10.59
C THR I 236 19.09 -10.04 11.89
N GLY I 237 20.01 -10.45 12.77
CA GLY I 237 19.69 -11.11 14.05
C GLY I 237 19.28 -12.57 13.94
N VAL I 238 19.28 -13.11 12.72
CA VAL I 238 18.94 -14.51 12.42
C VAL I 238 19.95 -15.41 13.13
N LYS I 239 19.45 -16.48 13.73
CA LYS I 239 20.27 -17.37 14.54
C LYS I 239 20.38 -18.74 13.87
N ILE I 240 21.61 -19.23 13.70
CA ILE I 240 21.83 -20.55 13.09
C ILE I 240 22.94 -21.35 13.78
N ALA I 241 22.90 -22.65 13.55
CA ALA I 241 23.90 -23.58 14.04
C ALA I 241 24.43 -24.40 12.87
N ILE I 242 25.65 -24.10 12.45
CA ILE I 242 26.25 -24.82 11.35
C ILE I 242 27.01 -26.06 11.87
N PRO I 243 26.67 -27.25 11.35
CA PRO I 243 27.37 -28.50 11.71
C PRO I 243 28.81 -28.57 11.20
N THR I 244 29.74 -28.96 12.08
CA THR I 244 31.17 -29.03 11.76
C THR I 244 31.49 -30.10 10.71
N ALA I 245 30.45 -30.63 10.09
CA ALA I 245 30.54 -31.73 9.14
C ALA I 245 30.56 -31.32 7.68
N LEU I 246 30.33 -30.04 7.41
CA LEU I 246 30.26 -29.55 6.04
C LEU I 246 31.56 -29.72 5.26
N HIS I 247 31.42 -29.99 3.97
CA HIS I 247 32.56 -30.06 3.06
C HIS I 247 32.19 -29.59 1.65
N ILE I 248 33.00 -28.70 1.07
CA ILE I 248 32.78 -28.23 -0.29
C ILE I 248 33.63 -29.04 -1.26
N ASP I 249 33.00 -29.93 -2.03
CA ASP I 249 33.75 -30.85 -2.88
C ASP I 249 34.44 -30.19 -4.10
N ALA I 250 33.82 -29.18 -4.72
CA ALA I 250 34.42 -28.54 -5.90
C ALA I 250 35.77 -27.86 -5.62
N LEU I 251 36.05 -27.58 -4.34
CA LEU I 251 37.29 -26.92 -3.91
C LEU I 251 38.21 -27.70 -2.92
N GLY I 252 37.75 -28.86 -2.43
CA GLY I 252 38.51 -29.69 -1.52
C GLY I 252 38.77 -29.07 -0.14
N ILE I 253 37.71 -28.54 0.48
CA ILE I 253 37.76 -27.92 1.81
C ILE I 253 36.75 -28.52 2.80
N SER I 254 37.28 -28.99 3.93
CA SER I 254 36.50 -29.61 4.98
C SER I 254 36.38 -28.62 6.13
N MSE I 255 35.14 -28.32 6.54
CA MSE I 255 34.88 -27.43 7.66
C MSE I 255 35.72 -27.83 8.87
O MSE I 255 36.47 -27.02 9.40
CB MSE I 255 33.39 -27.46 8.01
CG MSE I 255 33.00 -26.59 9.21
SE MSE I 255 31.23 -25.72 9.10
CE MSE I 255 31.22 -24.94 10.93
N LYS I 256 35.57 -29.06 9.30
CA LYS I 256 36.30 -29.54 10.47
C LYS I 256 37.80 -29.36 10.29
N GLU I 257 38.32 -29.78 9.13
CA GLU I 257 39.75 -29.67 8.84
C GLU I 257 40.19 -28.21 8.76
N THR I 258 39.29 -27.37 8.29
CA THR I 258 39.54 -25.96 8.24
C THR I 258 39.61 -25.37 9.66
N LEU I 259 38.66 -25.77 10.51
CA LEU I 259 38.54 -25.26 11.89
C LEU I 259 39.73 -25.58 12.78
N ASP I 260 40.23 -26.80 12.69
CA ASP I 260 41.37 -27.18 13.52
C ASP I 260 42.71 -26.56 13.04
N LYS I 261 42.79 -26.17 11.76
CA LYS I 261 43.92 -25.41 11.19
C LYS I 261 43.98 -24.08 11.96
N CYS I 262 42.79 -23.53 12.24
CA CYS I 262 42.59 -22.27 12.94
C CYS I 262 43.01 -22.34 14.40
N LYS I 263 42.72 -23.47 15.04
CA LYS I 263 43.07 -23.69 16.45
C LYS I 263 44.58 -23.73 16.65
N GLU I 264 45.27 -24.48 15.79
CA GLU I 264 46.73 -24.69 15.87
C GLU I 264 47.58 -23.50 15.41
N ILE I 265 47.36 -22.99 14.21
CA ILE I 265 48.22 -21.91 13.71
C ILE I 265 47.80 -20.48 14.14
N LEU I 266 46.52 -20.28 14.46
CA LEU I 266 46.07 -18.96 14.86
C LEU I 266 46.02 -18.76 16.37
N GLY I 267 45.42 -19.71 17.09
CA GLY I 267 45.36 -19.69 18.54
C GLY I 267 44.96 -18.37 19.17
N GLY I 268 43.67 -18.23 19.48
CA GLY I 268 43.11 -17.02 20.08
C GLY I 268 41.66 -17.25 20.43
N GLU I 269 41.03 -16.27 21.10
CA GLU I 269 39.64 -16.39 21.51
C GLU I 269 38.72 -16.51 20.30
N THR I 270 39.03 -15.73 19.26
CA THR I 270 38.31 -15.75 18.00
C THR I 270 38.80 -16.89 17.14
N ILE I 271 37.91 -17.46 16.34
CA ILE I 271 38.31 -18.52 15.44
C ILE I 271 39.25 -17.92 14.39
N ILE I 272 38.94 -16.73 13.93
CA ILE I 272 39.88 -16.03 13.06
C ILE I 272 40.54 -14.99 13.91
N ALA I 273 41.87 -14.96 13.86
CA ALA I 273 42.67 -14.06 14.70
C ALA I 273 43.94 -13.52 14.02
N SER I 274 44.52 -12.47 14.61
CA SER I 274 45.74 -11.78 14.11
C SER I 274 46.99 -12.58 14.42
N THR I 275 48.13 -12.14 13.92
CA THR I 275 49.40 -12.83 14.23
C THR I 275 49.82 -12.63 15.70
N ARG I 276 49.31 -11.59 16.36
CA ARG I 276 49.56 -11.43 17.81
C ARG I 276 48.38 -11.91 18.70
N ARG I 277 47.61 -12.88 18.18
CA ARG I 277 46.52 -13.61 18.90
C ARG I 277 45.24 -12.79 19.27
N GLU I 278 44.98 -11.71 18.53
CA GLU I 278 43.87 -10.78 18.82
C GLU I 278 42.79 -10.78 17.71
N PRO I 279 41.58 -10.27 18.00
CA PRO I 279 40.48 -10.24 17.02
C PRO I 279 40.72 -9.22 15.91
N LEU I 280 40.37 -9.53 14.66
CA LEU I 280 40.60 -8.61 13.54
C LEU I 280 39.43 -7.75 13.21
N SER I 281 39.70 -6.69 12.45
CA SER I 281 38.66 -5.78 11.93
C SER I 281 38.13 -6.25 10.60
N SER I 282 36.80 -6.34 10.53
CA SER I 282 36.10 -6.75 9.32
C SER I 282 36.83 -6.26 8.07
N GLY I 283 37.12 -4.96 8.09
CA GLY I 283 37.73 -4.30 6.96
C GLY I 283 39.10 -4.81 6.55
N THR I 284 39.90 -5.16 7.53
CA THR I 284 41.20 -5.59 7.13
C THR I 284 41.05 -6.85 6.31
N VAL I 285 40.22 -7.77 6.79
CA VAL I 285 40.05 -9.04 6.12
C VAL I 285 39.78 -8.84 4.65
N SER I 286 38.77 -8.07 4.34
CA SER I 286 38.48 -7.79 2.95
C SER I 286 39.71 -7.19 2.37
N ARG I 287 40.29 -6.24 3.11
CA ARG I 287 41.43 -5.46 2.62
C ARG I 287 42.56 -6.30 2.08
N TYR I 288 42.96 -7.31 2.82
CA TYR I 288 44.07 -8.10 2.36
C TYR I 288 43.58 -8.99 1.22
N PHE I 289 42.36 -9.47 1.32
CA PHE I 289 41.84 -10.29 0.24
C PHE I 289 42.04 -9.53 -1.05
N MSE I 290 41.80 -8.24 -0.98
CA MSE I 290 41.95 -7.36 -2.12
C MSE I 290 43.34 -7.51 -2.69
O MSE I 290 43.49 -7.73 -3.90
CB MSE I 290 41.80 -5.88 -1.73
CG MSE I 290 41.84 -4.85 -2.92
SE MSE I 290 43.39 -3.58 -3.14
CE MSE I 290 43.50 -2.81 -1.26
N ARG I 291 44.33 -7.39 -1.82
CA ARG I 291 45.73 -7.40 -2.24
C ARG I 291 45.99 -8.62 -3.08
N ALA I 292 45.53 -9.75 -2.58
CA ALA I 292 45.65 -11.05 -3.23
C ALA I 292 44.96 -11.07 -4.57
N ARG I 293 43.85 -10.33 -4.66
CA ARG I 293 43.08 -10.16 -5.90
C ARG I 293 43.99 -9.53 -6.95
N LYS I 294 44.51 -8.34 -6.64
CA LYS I 294 45.42 -7.63 -7.51
C LYS I 294 46.63 -8.49 -7.88
N ALA I 295 47.24 -9.12 -6.87
CA ALA I 295 48.45 -9.94 -7.05
C ALA I 295 48.25 -11.25 -7.85
N SER I 296 46.99 -11.67 -7.99
CA SER I 296 46.63 -12.84 -8.79
C SER I 296 46.63 -12.46 -10.27
N GLY I 297 46.38 -11.17 -10.53
CA GLY I 297 46.46 -10.60 -11.86
C GLY I 297 45.34 -10.86 -12.85
N LEU I 298 44.26 -11.47 -12.40
CA LEU I 298 43.16 -11.76 -13.35
C LEU I 298 42.38 -10.51 -13.79
N SER I 299 41.67 -10.67 -14.91
CA SER I 299 40.88 -9.64 -15.58
C SER I 299 39.40 -9.95 -15.40
N PHE I 300 38.61 -8.91 -15.13
CA PHE I 300 37.15 -9.00 -14.97
C PHE I 300 36.49 -7.91 -15.74
N GLU I 301 35.22 -8.11 -16.02
CA GLU I 301 34.42 -7.05 -16.60
C GLU I 301 33.65 -6.34 -15.46
N GLY I 302 33.62 -4.99 -15.55
CA GLY I 302 33.09 -4.15 -14.48
C GLY I 302 34.06 -4.08 -13.29
N ASP I 303 33.49 -3.98 -12.08
CA ASP I 303 34.29 -3.94 -10.84
C ASP I 303 34.70 -5.37 -10.43
N PRO I 304 35.90 -5.54 -9.87
CA PRO I 304 36.36 -6.88 -9.45
C PRO I 304 35.61 -7.39 -8.23
N PRO I 305 35.27 -8.67 -8.17
CA PRO I 305 34.56 -9.21 -7.00
C PRO I 305 35.33 -8.93 -5.72
N THR I 306 34.71 -9.06 -4.56
CA THR I 306 35.48 -8.99 -3.33
C THR I 306 35.00 -9.97 -2.33
N PHE I 307 35.59 -9.90 -1.16
CA PHE I 307 35.43 -10.93 -0.20
C PHE I 307 34.00 -11.39 0.00
N HIS I 308 33.07 -10.49 0.28
CA HIS I 308 31.73 -10.98 0.51
C HIS I 308 31.40 -11.93 -0.63
N GLU I 309 31.93 -11.62 -1.80
CA GLU I 309 31.69 -12.44 -2.94
C GLU I 309 31.85 -13.91 -2.58
N LEU I 310 32.66 -14.18 -1.55
CA LEU I 310 32.93 -15.53 -1.09
C LEU I 310 31.68 -16.20 -0.59
N ARG I 311 30.82 -15.37 -0.02
CA ARG I 311 29.54 -15.84 0.45
C ARG I 311 28.66 -16.29 -0.74
N SER I 312 28.70 -15.51 -1.82
CA SER I 312 27.92 -15.82 -3.03
C SER I 312 28.43 -17.10 -3.74
N LEU I 313 29.74 -17.25 -3.80
CA LEU I 313 30.34 -18.44 -4.32
C LEU I 313 29.85 -19.59 -3.46
N SER I 314 29.96 -19.42 -2.13
CA SER I 314 29.55 -20.42 -1.17
C SER I 314 28.15 -20.97 -1.43
N ALA I 315 27.20 -20.09 -1.69
CA ALA I 315 25.82 -20.51 -1.98
C ALA I 315 25.69 -21.22 -3.32
N ARG I 316 26.35 -20.68 -4.36
CA ARG I 316 26.28 -21.22 -5.72
C ARG I 316 26.83 -22.64 -5.84
N LEU I 317 27.83 -22.97 -5.02
CA LEU I 317 28.40 -24.33 -5.04
C LEU I 317 27.66 -25.27 -4.06
N TYR I 318 27.02 -24.68 -3.03
CA TYR I 318 26.13 -25.38 -2.09
C TYR I 318 24.83 -25.79 -2.81
N GLU I 319 24.36 -24.91 -3.70
CA GLU I 319 23.15 -25.13 -4.54
C GLU I 319 23.23 -26.44 -5.32
N LYS I 320 24.34 -26.62 -6.04
CA LYS I 320 24.56 -27.78 -6.90
C LYS I 320 25.05 -29.04 -6.15
N GLN I 321 25.84 -28.83 -5.08
CA GLN I 321 26.29 -29.92 -4.24
C GLN I 321 25.12 -30.64 -3.53
N ILE I 322 24.49 -30.02 -2.54
CA ILE I 322 23.36 -30.68 -1.83
C ILE I 322 21.94 -30.20 -2.29
N SER I 323 21.52 -28.99 -1.94
CA SER I 323 20.21 -28.45 -2.39
C SER I 323 20.01 -26.92 -2.20
N ASP I 324 19.08 -26.36 -2.98
CA ASP I 324 18.70 -24.92 -2.96
C ASP I 324 18.14 -24.48 -1.61
N LYS I 325 17.50 -25.46 -0.96
CA LYS I 325 16.88 -25.33 0.38
C LYS I 325 17.97 -25.27 1.44
N PHE I 326 19.10 -25.95 1.17
CA PHE I 326 20.25 -25.91 2.05
C PHE I 326 21.03 -24.58 1.96
N ALA I 327 21.30 -24.09 0.73
CA ALA I 327 21.93 -22.75 0.48
C ALA I 327 21.21 -21.57 1.17
N GLN I 328 19.88 -21.63 1.12
CA GLN I 328 19.01 -20.70 1.80
C GLN I 328 19.13 -20.70 3.34
N HIS I 329 19.10 -21.90 3.96
CA HIS I 329 19.19 -22.09 5.44
C HIS I 329 20.52 -21.57 6.03
N LEU I 330 21.63 -21.83 5.33
CA LEU I 330 22.97 -21.47 5.80
C LEU I 330 23.25 -19.99 5.87
N LEU I 331 22.72 -19.22 4.93
CA LEU I 331 23.01 -17.77 4.79
C LEU I 331 22.53 -16.82 5.89
N GLY I 332 21.45 -17.18 6.57
CA GLY I 332 20.82 -16.25 7.51
C GLY I 332 19.84 -15.45 6.69
N HIS I 333 19.70 -15.87 5.44
CA HIS I 333 18.75 -15.30 4.52
C HIS I 333 17.44 -16.15 4.48
N LYS I 334 16.28 -15.48 4.45
CA LYS I 334 14.93 -16.11 4.61
C LYS I 334 13.94 -16.35 3.39
N SER I 335 13.49 -15.22 2.78
CA SER I 335 12.35 -15.13 1.82
C SER I 335 12.41 -15.78 0.43
N ASP I 336 11.97 -15.00 -0.58
CA ASP I 336 11.84 -15.40 -2.02
C ASP I 336 12.23 -14.39 -3.23
N THR I 337 12.94 -13.26 -2.98
CA THR I 337 13.41 -12.36 -4.08
C THR I 337 14.94 -12.54 -4.30
N MSE I 338 15.56 -13.25 -3.35
CA MSE I 338 17.02 -13.32 -3.16
C MSE I 338 17.85 -14.62 -3.40
O MSE I 338 18.91 -14.54 -4.03
CB MSE I 338 17.35 -12.83 -1.75
CG MSE I 338 16.79 -11.46 -1.43
SE MSE I 338 18.25 -10.15 -1.58
CE MSE I 338 17.39 -8.72 -3.05
N ALA I 339 17.44 -15.79 -2.89
CA ALA I 339 18.18 -17.01 -3.22
C ALA I 339 17.95 -17.29 -4.72
N SER I 340 17.53 -16.23 -5.42
CA SER I 340 17.36 -16.12 -6.90
C SER I 340 18.11 -14.87 -7.51
N GLN I 341 18.18 -13.74 -6.75
CA GLN I 341 19.00 -12.55 -7.09
C GLN I 341 20.41 -12.75 -6.42
N PHE I 342 20.82 -14.03 -6.31
CA PHE I 342 22.10 -14.49 -5.76
C PHE I 342 22.65 -15.67 -6.56
N ARG I 343 21.77 -16.32 -7.34
CA ARG I 343 22.09 -17.48 -8.21
C ARG I 343 22.18 -16.98 -9.68
N ASP I 344 21.66 -15.76 -9.89
CA ASP I 344 21.78 -14.97 -11.12
C ASP I 344 23.29 -14.85 -11.46
N ASP I 345 23.64 -14.65 -12.72
CA ASP I 345 25.07 -14.61 -13.08
C ASP I 345 25.74 -13.21 -13.34
N ARG I 346 25.06 -12.34 -14.11
CA ARG I 346 25.48 -10.94 -14.46
C ARG I 346 26.62 -10.76 -15.53
N GLY I 347 26.27 -11.09 -16.77
CA GLY I 347 27.22 -11.12 -17.88
C GLY I 347 27.91 -12.48 -17.86
N ARG I 348 28.85 -12.65 -16.91
CA ARG I 348 29.81 -13.79 -16.75
C ARG I 348 29.51 -15.15 -17.39
N GLU I 349 28.82 -16.01 -16.63
CA GLU I 349 28.55 -17.40 -17.05
C GLU I 349 27.27 -17.60 -17.89
N TRP I 350 27.35 -18.49 -18.89
CA TRP I 350 26.24 -18.85 -19.79
C TRP I 350 25.44 -20.06 -19.23
N ASP I 351 24.17 -19.82 -18.89
CA ASP I 351 23.31 -20.86 -18.28
C ASP I 351 23.08 -22.00 -19.25
N LYS I 352 24.01 -22.95 -19.23
CA LYS I 352 23.92 -24.12 -20.09
C LYS I 352 22.74 -24.98 -19.62
N ILE I 353 21.77 -25.21 -20.50
CA ILE I 353 20.68 -26.09 -20.13
C ILE I 353 21.12 -27.52 -20.42
N GLU I 354 20.43 -28.48 -19.83
CA GLU I 354 20.82 -29.89 -19.90
C GLU I 354 19.74 -30.82 -20.51
N ILE I 355 19.95 -32.13 -20.46
CA ILE I 355 18.92 -33.11 -20.82
C ILE I 355 18.33 -33.68 -19.49
N LYS I 356 17.87 -32.76 -18.61
CA LYS I 356 17.27 -33.04 -17.25
C LYS I 356 16.33 -31.93 -16.62
N ARG J 10 -21.13 57.03 -11.89
CA ARG J 10 -21.34 55.61 -12.35
C ARG J 10 -20.14 54.62 -11.99
N ASP J 11 -20.33 54.04 -10.80
CA ASP J 11 -19.39 53.16 -10.08
C ASP J 11 -19.52 51.68 -10.43
N LEU J 12 -19.97 51.41 -11.65
CA LEU J 12 -20.33 50.08 -12.14
C LEU J 12 -19.18 49.09 -12.13
N PRO J 13 -19.16 48.26 -11.08
CA PRO J 13 -18.13 47.27 -10.87
C PRO J 13 -18.00 46.40 -12.08
N PRO J 14 -16.75 46.05 -12.30
CA PRO J 14 -16.28 45.19 -13.37
C PRO J 14 -17.01 43.88 -13.56
N ASN J 15 -17.28 43.46 -14.80
CA ASN J 15 -18.00 42.22 -15.17
C ASN J 15 -19.42 42.18 -14.80
N LEU J 16 -19.91 43.26 -14.22
CA LEU J 16 -21.30 43.34 -13.88
C LEU J 16 -21.89 44.37 -14.76
N TYR J 17 -23.01 44.02 -15.32
CA TYR J 17 -23.60 44.90 -16.27
C TYR J 17 -25.05 45.02 -15.92
N ILE J 18 -25.70 46.03 -16.51
CA ILE J 18 -27.08 46.36 -16.24
C ILE J 18 -27.93 46.14 -17.48
N ARG J 19 -29.23 45.90 -17.27
CA ARG J 19 -30.18 45.78 -18.39
C ARG J 19 -31.14 46.99 -18.50
N ASN J 20 -31.94 46.94 -19.55
CA ASN J 20 -32.87 47.98 -19.93
C ASN J 20 -33.71 48.52 -18.86
N ASN J 21 -34.17 47.62 -18.05
CA ASN J 21 -35.13 47.98 -17.06
C ASN J 21 -34.48 48.54 -15.82
N GLY J 22 -33.24 48.13 -15.64
CA GLY J 22 -32.62 48.31 -14.39
C GLY J 22 -32.63 46.93 -13.74
N TYR J 23 -32.19 45.92 -14.50
CA TYR J 23 -31.85 44.58 -13.97
C TYR J 23 -30.36 44.27 -13.99
N TYR J 24 -29.87 43.79 -12.88
CA TYR J 24 -28.49 43.64 -12.82
C TYR J 24 -28.05 42.21 -13.02
N CYS J 25 -26.95 42.12 -13.74
CA CYS J 25 -26.31 40.89 -13.99
C CYS J 25 -24.74 40.88 -13.96
N TYR J 26 -24.23 39.79 -13.42
CA TYR J 26 -22.84 39.58 -13.31
C TYR J 26 -22.48 38.59 -14.38
N ARG J 27 -21.37 38.85 -15.05
CA ARG J 27 -20.96 37.95 -16.09
C ARG J 27 -19.68 37.31 -15.78
N ASP J 28 -19.75 35.99 -15.74
CA ASP J 28 -18.59 35.16 -15.61
C ASP J 28 -17.97 35.29 -16.96
N PRO J 29 -16.72 35.74 -17.06
CA PRO J 29 -16.07 35.87 -18.37
C PRO J 29 -15.50 34.55 -18.77
N ARG J 30 -15.36 33.70 -17.76
CA ARG J 30 -14.83 32.39 -17.93
C ARG J 30 -15.71 31.67 -18.94
N THR J 31 -16.98 31.52 -18.62
CA THR J 31 -17.95 30.86 -19.51
C THR J 31 -18.53 31.84 -20.52
N GLY J 32 -18.84 33.04 -20.04
CA GLY J 32 -19.53 34.03 -20.81
C GLY J 32 -20.98 34.19 -20.36
N LYS J 33 -21.48 33.17 -19.64
CA LYS J 33 -22.89 33.19 -19.20
C LYS J 33 -23.08 34.24 -18.13
N GLU J 34 -24.23 34.84 -18.10
CA GLU J 34 -24.31 35.91 -17.17
C GLU J 34 -25.11 35.36 -16.07
N PHE J 35 -25.33 36.16 -15.03
CA PHE J 35 -26.15 35.75 -13.85
C PHE J 35 -27.17 36.71 -13.12
N GLY J 36 -28.26 36.15 -12.66
CA GLY J 36 -29.22 37.02 -12.11
C GLY J 36 -28.90 37.38 -10.70
N LEU J 37 -29.14 38.64 -10.36
CA LEU J 37 -28.95 39.15 -9.02
C LEU J 37 -30.23 39.56 -8.35
N GLY J 38 -30.72 40.73 -8.74
CA GLY J 38 -31.95 41.30 -8.20
C GLY J 38 -32.15 42.73 -8.67
N ARG J 39 -32.81 43.56 -7.86
CA ARG J 39 -33.00 44.95 -8.22
C ARG J 39 -32.13 46.01 -7.48
N ASP J 40 -31.58 45.74 -6.29
CA ASP J 40 -30.79 46.80 -5.59
C ASP J 40 -29.38 46.78 -5.83
N ARG J 41 -28.99 47.87 -6.48
CA ARG J 41 -27.60 48.13 -6.85
C ARG J 41 -26.66 47.92 -5.68
N ARG J 42 -27.07 48.49 -4.54
CA ARG J 42 -26.41 48.27 -3.23
C ARG J 42 -26.08 46.78 -3.02
N ILE J 43 -27.08 45.89 -3.10
CA ILE J 43 -26.81 44.47 -2.82
C ILE J 43 -26.13 43.70 -3.99
N ALA J 44 -26.36 44.18 -5.22
CA ALA J 44 -25.78 43.64 -6.44
C ALA J 44 -24.29 43.77 -6.37
N ILE J 45 -23.92 45.04 -6.22
CA ILE J 45 -22.58 45.50 -5.98
C ILE J 45 -21.96 44.51 -5.05
N THR J 46 -22.62 44.37 -3.92
CA THR J 46 -22.11 43.58 -2.80
C THR J 46 -21.61 42.27 -3.33
N GLU J 47 -22.55 41.51 -3.87
CA GLU J 47 -22.21 40.19 -4.28
C GLU J 47 -21.23 40.20 -5.39
N ALA J 48 -21.28 41.30 -6.14
CA ALA J 48 -20.35 41.60 -7.25
C ALA J 48 -18.96 41.43 -6.83
N ILE J 49 -18.55 42.32 -5.95
CA ILE J 49 -17.16 42.21 -5.58
C ILE J 49 -16.88 40.86 -4.99
N GLN J 50 -17.78 40.35 -4.16
CA GLN J 50 -17.60 39.02 -3.61
C GLN J 50 -17.02 38.12 -4.74
N ALA J 51 -17.69 38.22 -5.89
CA ALA J 51 -17.40 37.42 -7.06
C ALA J 51 -16.05 37.67 -7.65
N ASN J 52 -15.69 38.95 -7.66
CA ASN J 52 -14.43 39.36 -8.27
C ASN J 52 -13.25 39.11 -7.42
N ILE J 53 -13.53 38.68 -6.21
CA ILE J 53 -12.54 38.17 -5.30
C ILE J 53 -12.25 36.69 -5.68
N GLU J 54 -13.32 35.96 -5.98
CA GLU J 54 -13.26 34.53 -6.26
C GLU J 54 -12.45 34.16 -7.45
N LEU J 55 -12.69 34.85 -8.54
CA LEU J 55 -12.01 34.66 -9.82
C LEU J 55 -10.67 35.38 -9.74
N PHE J 56 -10.90 36.64 -9.45
CA PHE J 56 -9.83 37.43 -9.04
C PHE J 56 -9.79 37.86 -7.55
N SER J 57 -9.00 37.09 -6.77
CA SER J 57 -8.57 37.41 -5.36
C SER J 57 -7.28 38.35 -5.48
N GLY J 58 -7.53 39.62 -5.06
CA GLY J 58 -6.56 40.72 -5.18
C GLY J 58 -6.55 41.49 -6.52
N HIS J 59 -5.35 41.84 -7.02
CA HIS J 59 -5.32 42.52 -8.34
C HIS J 59 -3.95 42.84 -9.10
N LYS J 60 -3.11 43.58 -8.39
CA LYS J 60 -1.96 44.17 -9.07
C LYS J 60 -1.13 43.08 -9.78
N HIS J 61 0.07 43.01 -9.22
CA HIS J 61 1.09 42.16 -9.59
C HIS J 61 2.18 43.12 -9.35
N LYS J 62 3.27 42.54 -8.98
CA LYS J 62 4.44 43.31 -9.14
C LYS J 62 5.07 43.08 -10.62
N PRO J 63 5.30 44.12 -11.46
CA PRO J 63 6.05 43.94 -12.71
C PRO J 63 7.24 43.08 -12.41
N LEU J 64 7.59 42.97 -11.13
CA LEU J 64 8.38 41.85 -10.71
C LEU J 64 7.32 40.54 -10.72
N THR J 65 6.58 40.38 -11.81
CA THR J 65 5.86 39.13 -12.06
C THR J 65 5.74 39.02 -13.55
N ALA J 66 6.84 39.56 -14.14
CA ALA J 66 7.40 39.43 -15.52
C ALA J 66 8.41 38.39 -15.20
N ARG J 67 9.38 38.88 -14.43
CA ARG J 67 10.36 38.08 -13.76
C ARG J 67 9.74 36.84 -13.00
N ILE J 68 8.68 36.23 -13.53
CA ILE J 68 8.09 35.12 -12.78
C ILE J 68 7.12 34.28 -13.58
N ASN J 69 6.23 35.01 -14.26
CA ASN J 69 5.03 34.49 -14.92
C ASN J 69 5.08 34.16 -16.47
N SER J 70 6.29 34.16 -17.02
CA SER J 70 6.51 33.99 -18.50
C SER J 70 6.91 32.57 -18.91
N ASP J 71 7.99 32.15 -18.23
CA ASP J 71 8.57 30.81 -18.25
C ASP J 71 7.64 29.87 -17.38
N ASN J 72 6.78 30.42 -16.48
CA ASN J 72 5.71 29.68 -15.74
C ASN J 72 4.88 28.92 -16.83
N SER J 73 4.37 29.66 -17.83
CA SER J 73 3.65 29.02 -18.95
C SER J 73 4.54 28.53 -20.13
N VAL J 74 4.55 27.22 -20.21
CA VAL J 74 5.03 26.53 -21.34
C VAL J 74 3.66 25.99 -21.53
N THR J 75 3.54 25.29 -22.63
CA THR J 75 2.32 24.71 -23.17
C THR J 75 2.56 23.31 -23.56
N LEU J 76 1.53 22.49 -23.50
CA LEU J 76 1.65 21.07 -23.80
C LEU J 76 2.59 20.70 -24.86
N HIS J 77 2.23 21.09 -26.05
CA HIS J 77 3.00 20.65 -27.17
C HIS J 77 4.41 21.08 -26.98
N SER J 78 4.63 22.32 -26.59
CA SER J 78 6.01 22.79 -26.48
C SER J 78 6.90 21.99 -25.48
N TRP J 79 6.27 21.30 -24.50
CA TRP J 79 6.96 20.59 -23.42
C TRP J 79 7.15 19.22 -23.82
N LEU J 80 6.14 18.72 -24.50
CA LEU J 80 6.19 17.40 -25.11
C LEU J 80 7.38 17.41 -25.97
N ASP J 81 7.55 18.54 -26.61
CA ASP J 81 8.71 18.75 -27.45
C ASP J 81 9.96 18.61 -26.65
N ARG J 82 10.02 19.18 -25.46
CA ARG J 82 11.24 18.86 -24.78
C ARG J 82 11.17 17.55 -24.05
N TYR J 83 9.96 17.07 -23.81
CA TYR J 83 9.84 15.79 -23.16
C TYR J 83 10.67 14.92 -23.97
N GLU J 84 10.32 14.91 -25.23
CA GLU J 84 10.94 14.06 -26.15
C GLU J 84 12.37 13.96 -25.89
N LYS J 85 13.02 15.10 -25.95
CA LYS J 85 14.46 15.02 -25.91
C LYS J 85 14.99 14.46 -24.59
N ILE J 86 14.19 14.59 -23.56
CA ILE J 86 14.53 14.04 -22.28
C ILE J 86 14.67 12.54 -22.36
N LEU J 87 13.78 11.98 -23.16
CA LEU J 87 13.74 10.57 -23.37
C LEU J 87 14.95 10.17 -24.09
N ALA J 88 15.26 10.89 -25.14
CA ALA J 88 16.46 10.58 -25.93
C ALA J 88 17.70 10.27 -25.05
N SER J 89 17.84 11.02 -23.94
CA SER J 89 18.99 10.85 -23.02
C SER J 89 18.85 9.69 -22.03
N ARG J 90 17.61 9.28 -21.70
CA ARG J 90 17.31 8.15 -20.77
C ARG J 90 18.12 6.85 -21.00
N GLY J 91 18.66 6.73 -22.21
CA GLY J 91 19.43 5.56 -22.57
C GLY J 91 18.60 4.28 -22.62
N ILE J 92 17.95 4.01 -23.76
CA ILE J 92 17.16 2.81 -23.93
C ILE J 92 17.18 2.43 -25.33
N LYS J 93 16.42 1.38 -25.61
CA LYS J 93 16.38 0.71 -26.90
C LYS J 93 15.69 1.44 -28.02
N GLN J 94 16.36 1.46 -29.17
CA GLN J 94 15.94 2.27 -30.28
C GLN J 94 14.41 2.19 -30.47
N LYS J 95 13.83 1.00 -30.32
CA LYS J 95 12.38 0.84 -30.57
C LYS J 95 11.51 1.34 -29.44
N THR J 96 11.99 1.11 -28.24
CA THR J 96 11.30 1.56 -27.09
C THR J 96 10.88 3.00 -27.30
N LEU J 97 11.90 3.79 -27.59
CA LEU J 97 11.76 5.18 -27.89
C LEU J 97 10.59 5.40 -28.81
N ILE J 98 10.63 4.79 -29.98
CA ILE J 98 9.57 4.96 -30.99
C ILE J 98 8.15 4.60 -30.43
N ASN J 99 8.10 3.54 -29.61
CA ASN J 99 6.85 3.16 -29.00
C ASN J 99 6.37 4.44 -28.40
N TYR J 100 7.14 4.89 -27.45
CA TYR J 100 6.77 6.05 -26.74
C TYR J 100 6.36 7.17 -27.68
N MSE J 101 7.24 7.41 -28.63
CA MSE J 101 7.09 8.51 -29.55
C MSE J 101 5.70 8.48 -30.13
O MSE J 101 5.02 9.53 -30.20
CB MSE J 101 8.20 8.44 -30.60
CG MSE J 101 9.63 8.77 -30.11
SE MSE J 101 9.80 10.71 -29.67
CE MSE J 101 11.61 11.33 -30.83
N SER J 102 5.26 7.29 -30.53
CA SER J 102 3.96 7.15 -31.09
C SER J 102 2.95 7.66 -30.09
N LYS J 103 3.20 7.36 -28.85
CA LYS J 103 2.26 7.75 -27.88
C LYS J 103 2.12 9.23 -27.88
N ILE J 104 3.19 9.85 -27.58
CA ILE J 104 3.20 11.24 -27.63
C ILE J 104 2.29 11.72 -28.70
N LYS J 105 2.72 11.53 -29.93
CA LYS J 105 1.99 11.99 -31.09
C LYS J 105 0.54 11.78 -30.70
N ALA J 106 0.18 10.55 -30.35
CA ALA J 106 -1.18 10.30 -30.06
C ALA J 106 -1.67 11.48 -29.26
N ILE J 107 -0.94 11.79 -28.22
CA ILE J 107 -1.38 12.81 -27.33
C ILE J 107 -1.57 14.11 -28.07
N ARG J 108 -0.56 14.48 -28.86
CA ARG J 108 -0.60 15.72 -29.63
C ARG J 108 -1.98 15.91 -30.21
N ARG J 109 -2.46 14.84 -30.84
CA ARG J 109 -3.71 14.80 -31.55
C ARG J 109 -4.92 14.63 -30.67
N GLY J 110 -4.71 14.35 -29.39
CA GLY J 110 -5.84 14.27 -28.50
C GLY J 110 -6.06 15.57 -27.75
N LEU J 111 -4.98 16.27 -27.44
CA LEU J 111 -5.10 17.46 -26.65
C LEU J 111 -4.70 18.80 -27.27
N PRO J 112 -5.44 19.81 -26.86
CA PRO J 112 -5.09 21.19 -27.21
C PRO J 112 -3.66 21.52 -26.91
N ASP J 113 -3.23 22.59 -27.51
CA ASP J 113 -1.94 23.07 -27.18
C ASP J 113 -2.08 24.23 -26.18
N ALA J 114 -2.64 24.02 -25.02
CA ALA J 114 -2.59 25.14 -24.08
C ALA J 114 -1.53 24.90 -22.99
N PRO J 115 -1.55 25.63 -21.93
CA PRO J 115 -0.57 25.40 -20.87
C PRO J 115 -0.93 24.30 -19.96
N LEU J 116 0.12 23.72 -19.46
CA LEU J 116 -0.01 22.61 -18.58
C LEU J 116 -1.12 22.71 -17.49
N GLU J 117 -0.92 23.71 -16.65
CA GLU J 117 -1.76 24.06 -15.51
C GLU J 117 -3.24 23.92 -15.82
N ASP J 118 -3.50 24.15 -17.10
CA ASP J 118 -4.82 24.36 -17.68
C ASP J 118 -5.45 23.06 -18.11
N ILE J 119 -4.69 22.00 -18.17
CA ILE J 119 -5.32 20.83 -18.64
C ILE J 119 -5.97 20.09 -17.54
N THR J 120 -7.13 19.53 -17.85
CA THR J 120 -7.99 18.91 -16.89
C THR J 120 -8.00 17.47 -16.89
N THR J 121 -7.84 16.97 -15.71
CA THR J 121 -8.29 15.68 -15.46
C THR J 121 -9.32 15.34 -16.53
N LYS J 122 -10.52 15.90 -16.41
CA LYS J 122 -11.58 15.57 -17.36
C LYS J 122 -11.12 15.48 -18.78
N GLU J 123 -10.50 16.54 -19.27
CA GLU J 123 -10.13 16.55 -20.66
C GLU J 123 -9.34 15.29 -20.96
N ILE J 124 -8.53 14.90 -20.01
CA ILE J 124 -7.68 13.82 -20.24
C ILE J 124 -8.43 12.58 -20.35
N ALA J 125 -9.16 12.25 -19.33
CA ALA J 125 -9.81 10.97 -19.46
C ALA J 125 -10.65 11.01 -20.71
N ALA J 126 -11.30 12.15 -20.93
CA ALA J 126 -12.08 12.42 -22.11
C ALA J 126 -11.41 11.71 -23.23
N MSE J 127 -10.24 12.16 -23.58
CA MSE J 127 -9.66 11.49 -24.67
C MSE J 127 -9.37 10.04 -24.33
O MSE J 127 -9.54 9.17 -25.16
CB MSE J 127 -8.42 12.16 -25.08
CG MSE J 127 -7.42 11.21 -25.76
SE MSE J 127 -5.53 11.28 -24.94
CE MSE J 127 -6.10 10.75 -22.96
N LEU J 128 -8.94 9.78 -23.11
CA LEU J 128 -8.56 8.43 -22.81
C LEU J 128 -9.69 7.54 -23.16
N ASN J 129 -10.83 7.90 -22.65
CA ASN J 129 -12.00 7.13 -22.89
C ASN J 129 -12.21 6.96 -24.38
N GLY J 130 -11.83 7.97 -25.14
CA GLY J 130 -12.03 7.94 -26.57
C GLY J 130 -11.46 6.64 -27.07
N TYR J 131 -10.31 6.30 -26.50
CA TYR J 131 -9.53 5.13 -26.89
C TYR J 131 -10.09 3.78 -26.41
N ILE J 132 -10.84 3.83 -25.33
CA ILE J 132 -11.50 2.66 -24.82
C ILE J 132 -12.65 2.29 -25.70
N ASP J 133 -13.49 3.30 -25.90
CA ASP J 133 -14.75 3.12 -26.57
C ASP J 133 -14.59 2.51 -27.94
N GLU J 134 -13.50 2.87 -28.68
CA GLU J 134 -13.15 2.24 -29.99
C GLU J 134 -12.59 0.77 -29.80
N GLY J 135 -12.36 0.37 -28.53
CA GLY J 135 -11.92 -0.97 -28.21
C GLY J 135 -10.43 -1.11 -28.13
N LYS J 136 -9.74 0.02 -28.05
CA LYS J 136 -8.29 -0.01 -28.01
C LYS J 136 -7.82 0.25 -26.57
N ALA J 137 -8.38 -0.53 -25.70
CA ALA J 137 -8.01 -0.47 -24.31
C ALA J 137 -6.55 -0.33 -24.16
N ALA J 138 -5.85 -1.40 -24.35
CA ALA J 138 -4.45 -1.36 -24.05
C ALA J 138 -3.83 -0.04 -24.33
N SER J 139 -4.06 0.45 -25.52
CA SER J 139 -3.39 1.64 -25.88
C SER J 139 -3.61 2.59 -24.76
N ALA J 140 -4.86 2.78 -24.45
CA ALA J 140 -5.18 3.72 -23.41
C ALA J 140 -4.11 3.67 -22.34
N LYS J 141 -3.88 2.47 -21.90
CA LYS J 141 -3.02 2.33 -20.81
C LYS J 141 -1.78 3.09 -21.07
N LEU J 142 -1.11 2.72 -22.13
CA LEU J 142 0.23 3.26 -22.31
C LEU J 142 0.19 4.69 -22.65
N ILE J 143 -0.91 5.11 -23.22
CA ILE J 143 -0.98 6.47 -23.48
C ILE J 143 -0.96 7.11 -22.13
N ARG J 144 -1.94 6.71 -21.32
CA ARG J 144 -2.05 7.25 -19.99
C ARG J 144 -0.68 7.19 -19.39
N SER J 145 -0.31 5.99 -19.07
CA SER J 145 0.90 5.81 -18.40
C SER J 145 1.99 6.79 -18.92
N THR J 146 2.17 6.97 -20.21
CA THR J 146 3.20 7.86 -20.56
C THR J 146 2.82 9.28 -20.31
N LEU J 147 1.66 9.69 -20.78
CA LEU J 147 1.25 11.03 -20.49
C LEU J 147 1.70 11.39 -19.09
N SER J 148 1.35 10.47 -18.24
CA SER J 148 1.62 10.63 -16.87
C SER J 148 3.02 11.01 -16.70
N ASP J 149 3.89 10.24 -17.32
CA ASP J 149 5.26 10.45 -17.04
C ASP J 149 5.62 11.82 -17.41
N ALA J 150 5.25 12.19 -18.61
CA ALA J 150 5.73 13.46 -19.06
C ALA J 150 5.39 14.53 -18.07
N PHE J 151 4.20 14.40 -17.51
CA PHE J 151 3.87 15.33 -16.50
C PHE J 151 4.84 15.24 -15.37
N ARG J 152 5.01 14.06 -14.78
CA ARG J 152 5.96 13.95 -13.68
C ARG J 152 7.10 14.84 -13.93
N GLU J 153 7.85 14.56 -14.99
CA GLU J 153 9.06 15.28 -15.18
C GLU J 153 8.80 16.69 -15.52
N ALA J 154 7.63 16.92 -16.04
CA ALA J 154 7.25 18.29 -16.14
C ALA J 154 7.29 19.00 -14.74
N ILE J 155 6.74 18.37 -13.72
CA ILE J 155 6.77 19.02 -12.43
C ILE J 155 8.10 18.92 -11.92
N ALA J 156 8.92 18.04 -12.53
CA ALA J 156 10.34 17.84 -12.16
C ALA J 156 11.08 19.14 -12.42
N GLU J 157 10.60 19.81 -13.45
CA GLU J 157 11.22 21.02 -13.83
C GLU J 157 10.37 22.14 -13.44
N GLY J 158 9.36 21.81 -12.62
CA GLY J 158 8.48 22.81 -11.97
C GLY J 158 7.62 23.82 -12.78
N HIS J 159 7.02 23.31 -13.87
CA HIS J 159 6.15 24.15 -14.61
C HIS J 159 4.87 23.88 -14.02
N ILE J 160 4.83 22.85 -13.20
CA ILE J 160 3.62 22.65 -12.48
C ILE J 160 3.77 22.05 -11.10
N THR J 161 2.60 21.75 -10.59
CA THR J 161 2.37 21.54 -9.23
C THR J 161 1.87 20.12 -8.88
N THR J 162 1.06 19.63 -9.83
CA THR J 162 0.13 18.51 -9.71
C THR J 162 -0.08 17.62 -10.93
N ASN J 163 0.13 16.32 -10.76
CA ASN J 163 -0.06 15.47 -11.92
C ASN J 163 -1.53 15.25 -12.18
N HIS J 164 -2.11 15.86 -13.17
CA HIS J 164 -3.53 15.67 -13.25
C HIS J 164 -3.90 14.28 -13.60
N VAL J 165 -3.03 13.64 -14.29
CA VAL J 165 -3.29 12.31 -14.67
C VAL J 165 -3.55 11.34 -13.59
N ALA J 166 -2.69 11.39 -12.62
CA ALA J 166 -2.61 10.43 -11.52
C ALA J 166 -3.93 10.06 -10.98
N ALA J 167 -4.84 11.00 -11.09
CA ALA J 167 -6.12 10.74 -10.54
C ALA J 167 -6.94 9.76 -11.44
N THR J 168 -6.52 9.53 -12.67
CA THR J 168 -7.35 8.65 -13.46
C THR J 168 -6.95 7.24 -13.51
N ARG J 169 -7.92 6.44 -13.89
CA ARG J 169 -7.77 5.02 -13.88
C ARG J 169 -7.50 4.37 -15.21
N ALA J 170 -6.48 3.53 -15.11
CA ALA J 170 -5.95 2.75 -16.17
C ALA J 170 -6.93 1.70 -16.50
N ALA J 171 -7.34 1.58 -17.73
CA ALA J 171 -8.22 0.44 -17.94
C ALA J 171 -7.48 -0.88 -17.74
N LYS J 172 -8.24 -1.92 -17.40
CA LYS J 172 -7.65 -3.23 -17.24
C LYS J 172 -8.09 -3.99 -18.46
N SER J 173 -7.13 -4.73 -19.02
CA SER J 173 -7.23 -5.40 -20.32
C SER J 173 -7.13 -6.92 -20.30
N GLU J 174 -8.22 -7.59 -20.58
CA GLU J 174 -8.12 -9.01 -20.74
C GLU J 174 -7.47 -9.23 -22.13
N VAL J 175 -6.41 -10.01 -22.17
CA VAL J 175 -5.73 -10.37 -23.42
C VAL J 175 -6.60 -11.26 -24.32
N ARG J 176 -6.71 -10.91 -25.61
CA ARG J 176 -7.57 -11.70 -26.53
C ARG J 176 -6.89 -12.76 -27.40
N ARG J 177 -5.64 -12.54 -27.78
CA ARG J 177 -4.91 -13.52 -28.56
C ARG J 177 -5.15 -14.89 -27.98
N SER J 178 -5.68 -15.78 -28.80
CA SER J 178 -5.87 -17.11 -28.32
C SER J 178 -4.60 -17.91 -28.52
N ARG J 179 -4.53 -19.03 -27.81
CA ARG J 179 -3.41 -19.95 -27.89
C ARG J 179 -3.48 -20.93 -29.07
N LEU J 180 -2.39 -21.62 -29.29
CA LEU J 180 -2.30 -22.52 -30.39
C LEU J 180 -2.11 -23.92 -29.83
N THR J 181 -2.91 -24.89 -30.31
CA THR J 181 -2.71 -26.31 -29.92
C THR J 181 -1.94 -27.06 -30.98
N ALA J 182 -1.41 -28.18 -30.55
CA ALA J 182 -0.64 -29.08 -31.40
C ALA J 182 -1.32 -29.41 -32.74
N ASP J 183 -2.62 -29.72 -32.68
CA ASP J 183 -3.43 -30.05 -33.88
C ASP J 183 -3.30 -28.97 -34.94
N GLU J 184 -3.57 -27.75 -34.49
CA GLU J 184 -3.63 -26.58 -35.34
C GLU J 184 -2.29 -26.29 -36.02
N TYR J 185 -1.21 -26.32 -35.24
CA TYR J 185 0.12 -26.12 -35.79
C TYR J 185 0.29 -27.03 -36.98
N LEU J 186 0.02 -28.31 -36.77
CA LEU J 186 0.12 -29.28 -37.85
C LEU J 186 -0.72 -28.73 -39.00
N LYS J 187 -1.98 -28.35 -38.72
CA LYS J 187 -2.87 -27.88 -39.78
C LYS J 187 -2.28 -26.70 -40.56
N ILE J 188 -1.53 -25.86 -39.86
CA ILE J 188 -0.89 -24.73 -40.53
C ILE J 188 0.35 -25.17 -41.29
N TYR J 189 1.23 -25.93 -40.63
CA TYR J 189 2.44 -26.41 -41.27
C TYR J 189 2.08 -26.93 -42.62
N GLN J 190 0.89 -27.55 -42.69
CA GLN J 190 0.36 -28.13 -43.92
C GLN J 190 0.02 -27.05 -44.94
N ALA J 191 -0.69 -26.01 -44.51
CA ALA J 191 -1.08 -24.94 -45.43
C ALA J 191 0.14 -24.17 -45.90
N ALA J 192 1.21 -24.28 -45.12
CA ALA J 192 2.48 -23.62 -45.38
C ALA J 192 3.19 -24.11 -46.63
N GLU J 193 2.57 -25.07 -47.30
CA GLU J 193 3.12 -25.70 -48.50
C GLU J 193 3.30 -24.71 -49.66
N SER J 194 2.27 -23.89 -49.91
CA SER J 194 2.32 -22.89 -50.98
C SER J 194 3.29 -21.75 -50.66
N SER J 195 3.74 -21.74 -49.42
CA SER J 195 4.64 -20.71 -48.95
C SER J 195 6.10 -21.11 -49.18
N PRO J 196 6.98 -20.12 -49.30
CA PRO J 196 8.42 -20.39 -49.51
C PRO J 196 8.91 -21.32 -48.41
N CYS J 197 9.93 -22.08 -48.73
CA CYS J 197 10.41 -23.14 -47.86
C CYS J 197 10.86 -22.81 -46.44
N TRP J 198 11.45 -21.63 -46.21
CA TRP J 198 11.95 -21.30 -44.86
C TRP J 198 10.87 -21.16 -43.80
N LEU J 199 9.67 -20.77 -44.22
CA LEU J 199 8.55 -20.63 -43.32
C LEU J 199 8.52 -21.86 -42.48
N ARG J 200 8.33 -22.99 -43.14
CA ARG J 200 8.27 -24.29 -42.49
C ARG J 200 9.42 -24.36 -41.48
N LEU J 201 10.64 -24.23 -41.98
CA LEU J 201 11.84 -24.40 -41.17
C LEU J 201 11.76 -23.53 -39.98
N ALA J 202 11.43 -22.28 -40.24
CA ALA J 202 11.32 -21.32 -39.18
C ALA J 202 10.39 -21.88 -38.12
N MSE J 203 9.22 -22.32 -38.58
CA MSE J 203 8.20 -22.84 -37.70
C MSE J 203 8.77 -23.86 -36.78
O MSE J 203 8.77 -23.72 -35.57
CB MSE J 203 7.19 -23.55 -38.52
CG MSE J 203 6.81 -22.82 -39.72
SE MSE J 203 4.98 -22.57 -39.59
CE MSE J 203 4.63 -23.19 -37.78
N GLU J 204 9.27 -24.90 -37.42
CA GLU J 204 9.87 -26.00 -36.72
C GLU J 204 10.85 -25.37 -35.71
N LEU J 205 11.85 -24.70 -36.25
CA LEU J 205 12.88 -24.12 -35.45
C LEU J 205 12.29 -23.46 -34.25
N ALA J 206 11.29 -22.63 -34.51
CA ALA J 206 10.66 -21.82 -33.49
C ALA J 206 10.14 -22.67 -32.33
N VAL J 207 9.51 -23.77 -32.70
CA VAL J 207 8.89 -24.64 -31.73
C VAL J 207 9.96 -25.33 -30.96
N VAL J 208 10.97 -25.71 -31.69
CA VAL J 208 12.00 -26.51 -31.11
C VAL J 208 12.90 -25.72 -30.20
N THR J 209 13.15 -24.48 -30.53
CA THR J 209 14.06 -23.72 -29.74
C THR J 209 13.31 -22.83 -28.80
N GLY J 210 12.01 -22.66 -29.06
CA GLY J 210 11.13 -21.85 -28.24
C GLY J 210 11.66 -20.44 -28.10
N GLN J 211 12.32 -19.99 -29.14
CA GLN J 211 12.95 -18.70 -29.07
C GLN J 211 12.17 -17.63 -29.79
N ARG J 212 12.49 -16.39 -29.43
CA ARG J 212 11.83 -15.26 -30.00
C ARG J 212 12.16 -15.16 -31.48
N VAL J 213 11.11 -15.00 -32.26
CA VAL J 213 11.28 -14.77 -33.68
C VAL J 213 12.40 -13.73 -33.90
N GLY J 214 12.31 -12.58 -33.22
CA GLY J 214 13.31 -11.51 -33.28
C GLY J 214 14.73 -12.03 -33.17
N ASP J 215 14.98 -13.02 -32.30
CA ASP J 215 16.34 -13.56 -32.18
C ASP J 215 16.55 -14.63 -33.19
N LEU J 216 15.46 -15.30 -33.54
CA LEU J 216 15.50 -16.39 -34.49
C LEU J 216 16.12 -15.89 -35.77
N CYS J 217 15.66 -14.72 -36.18
CA CYS J 217 16.13 -14.06 -37.38
C CYS J 217 17.57 -13.58 -37.26
N GLU J 218 18.14 -13.73 -36.07
CA GLU J 218 19.47 -13.22 -35.77
C GLU J 218 20.54 -14.29 -35.61
N MSE J 219 20.12 -15.55 -35.68
CA MSE J 219 21.05 -16.65 -35.49
C MSE J 219 21.93 -16.93 -36.68
O MSE J 219 21.44 -17.10 -37.81
CB MSE J 219 20.28 -17.89 -35.10
CG MSE J 219 19.51 -17.73 -33.80
SE MSE J 219 17.95 -18.86 -33.77
CE MSE J 219 17.75 -19.14 -31.88
N LYS J 220 23.22 -16.96 -36.38
CA LYS J 220 24.34 -17.22 -37.31
C LYS J 220 24.76 -18.69 -37.19
N TRP J 221 25.25 -19.29 -38.29
CA TRP J 221 25.79 -20.66 -38.23
C TRP J 221 27.08 -20.68 -37.38
N SER J 222 27.60 -19.48 -37.14
CA SER J 222 28.73 -19.18 -36.24
C SER J 222 28.31 -19.30 -34.79
N ASP J 223 26.99 -19.31 -34.56
CA ASP J 223 26.42 -19.37 -33.22
C ASP J 223 26.47 -20.79 -32.67
N ILE J 224 26.81 -21.76 -33.52
CA ILE J 224 26.85 -23.17 -33.12
C ILE J 224 28.27 -23.75 -32.93
N VAL J 225 28.53 -24.20 -31.70
CA VAL J 225 29.82 -24.72 -31.23
C VAL J 225 29.64 -26.05 -30.47
N ASP J 226 30.26 -27.13 -30.97
CA ASP J 226 30.24 -28.48 -30.34
C ASP J 226 28.87 -29.02 -29.86
N GLY J 227 27.87 -28.94 -30.73
CA GLY J 227 26.53 -29.40 -30.42
C GLY J 227 25.67 -28.45 -29.61
N TYR J 228 26.06 -27.18 -29.55
CA TYR J 228 25.35 -26.16 -28.77
C TYR J 228 25.07 -24.85 -29.53
N LEU J 229 23.83 -24.39 -29.44
CA LEU J 229 23.38 -23.18 -30.09
C LEU J 229 23.42 -22.02 -29.10
N TYR J 230 24.30 -21.04 -29.35
CA TYR J 230 24.46 -19.84 -28.50
C TYR J 230 23.43 -18.79 -28.91
N VAL J 231 22.60 -18.35 -27.97
CA VAL J 231 21.68 -17.25 -28.26
C VAL J 231 21.82 -16.10 -27.27
N GLU J 232 21.90 -14.90 -27.84
CA GLU J 232 21.91 -13.65 -27.10
C GLU J 232 20.55 -13.02 -27.34
N GLN J 233 19.69 -13.05 -26.31
CA GLN J 233 18.31 -12.51 -26.33
C GLN J 233 18.16 -10.98 -26.48
N SER J 234 17.75 -10.57 -27.68
CA SER J 234 17.65 -9.17 -28.04
C SER J 234 16.91 -8.41 -26.96
N LYS J 235 15.80 -8.99 -26.52
CA LYS J 235 14.86 -8.36 -25.58
C LYS J 235 15.33 -8.16 -24.13
N THR J 236 15.84 -9.23 -23.50
CA THR J 236 16.30 -9.17 -22.10
C THR J 236 17.80 -9.33 -21.87
N GLY J 237 18.58 -9.56 -22.93
CA GLY J 237 20.01 -9.79 -22.78
C GLY J 237 20.45 -11.14 -22.17
N VAL J 238 19.51 -12.03 -21.85
CA VAL J 238 19.81 -13.36 -21.29
C VAL J 238 20.52 -14.22 -22.33
N LYS J 239 21.56 -14.90 -21.87
CA LYS J 239 22.42 -15.75 -22.71
C LYS J 239 22.13 -17.23 -22.46
N ILE J 240 21.93 -17.99 -23.53
CA ILE J 240 21.71 -19.44 -23.40
C ILE J 240 22.43 -20.21 -24.48
N ALA J 241 22.63 -21.51 -24.22
CA ALA J 241 23.16 -22.44 -25.21
C ALA J 241 22.22 -23.62 -25.32
N ILE J 242 21.52 -23.71 -26.45
CA ILE J 242 20.57 -24.78 -26.64
C ILE J 242 21.30 -25.93 -27.26
N PRO J 243 21.20 -27.11 -26.66
CA PRO J 243 21.81 -28.35 -27.21
C PRO J 243 21.11 -28.90 -28.47
N THR J 244 21.90 -29.25 -29.50
CA THR J 244 21.43 -29.75 -30.81
C THR J 244 20.64 -31.05 -30.73
N ALA J 245 20.43 -31.50 -29.51
CA ALA J 245 19.86 -32.82 -29.27
C ALA J 245 18.36 -32.81 -28.98
N LEU J 246 17.76 -31.63 -28.86
CA LEU J 246 16.35 -31.55 -28.54
C LEU J 246 15.43 -32.13 -29.61
N HIS J 247 14.33 -32.73 -29.14
CA HIS J 247 13.27 -33.19 -30.04
C HIS J 247 11.89 -33.12 -29.40
N ILE J 248 10.93 -32.60 -30.15
CA ILE J 248 9.56 -32.50 -29.67
C ILE J 248 8.77 -33.69 -30.17
N ASP J 249 8.41 -34.58 -29.25
CA ASP J 249 7.75 -35.85 -29.61
C ASP J 249 6.31 -35.73 -30.13
N ALA J 250 5.50 -34.85 -29.55
CA ALA J 250 4.12 -34.77 -29.98
C ALA J 250 3.92 -34.30 -31.43
N LEU J 251 4.96 -33.70 -32.03
CA LEU J 251 4.86 -33.23 -33.42
C LEU J 251 5.93 -33.79 -34.39
N GLY J 252 6.84 -34.60 -33.86
CA GLY J 252 7.83 -35.28 -34.66
C GLY J 252 8.88 -34.40 -35.33
N ILE J 253 9.53 -33.56 -34.52
CA ILE J 253 10.58 -32.69 -35.03
C ILE J 253 11.84 -32.77 -34.19
N SER J 254 12.95 -33.02 -34.87
CA SER J 254 14.22 -33.04 -34.16
C SER J 254 15.04 -31.83 -34.54
N MSE J 255 15.56 -31.16 -33.51
CA MSE J 255 16.39 -29.98 -33.68
C MSE J 255 17.48 -30.20 -34.70
O MSE J 255 17.61 -29.43 -35.66
CB MSE J 255 17.05 -29.62 -32.35
CG MSE J 255 18.28 -28.70 -32.47
SE MSE J 255 18.30 -27.12 -31.28
CE MSE J 255 19.51 -25.96 -32.29
N LYS J 256 18.26 -31.24 -34.48
CA LYS J 256 19.36 -31.55 -35.37
C LYS J 256 18.86 -31.71 -36.81
N GLU J 257 17.81 -32.53 -37.01
CA GLU J 257 17.24 -32.77 -38.36
C GLU J 257 16.64 -31.48 -38.94
N THR J 258 16.12 -30.63 -38.08
CA THR J 258 15.63 -29.32 -38.48
C THR J 258 16.76 -28.46 -39.00
N LEU J 259 17.84 -28.38 -38.22
CA LEU J 259 18.97 -27.53 -38.51
C LEU J 259 19.69 -27.85 -39.81
N ASP J 260 19.85 -29.13 -40.09
CA ASP J 260 20.54 -29.52 -41.31
C ASP J 260 19.69 -29.33 -42.58
N LYS J 261 18.36 -29.31 -42.43
CA LYS J 261 17.46 -29.03 -43.56
C LYS J 261 17.70 -27.56 -43.92
N CYS J 262 18.00 -26.74 -42.91
CA CYS J 262 18.29 -25.32 -43.06
C CYS J 262 19.61 -25.05 -43.79
N LYS J 263 20.64 -25.83 -43.48
CA LYS J 263 21.91 -25.57 -44.16
C LYS J 263 21.84 -26.00 -45.61
N GLU J 264 21.15 -27.12 -45.91
CA GLU J 264 21.00 -27.65 -47.30
C GLU J 264 20.08 -26.82 -48.22
N ILE J 265 18.84 -26.56 -47.80
CA ILE J 265 17.89 -25.85 -48.67
C ILE J 265 17.94 -24.31 -48.56
N LEU J 266 18.42 -23.79 -47.45
CA LEU J 266 18.49 -22.34 -47.28
C LEU J 266 19.83 -21.75 -47.63
N GLY J 267 20.88 -22.32 -47.07
CA GLY J 267 22.25 -21.92 -47.33
C GLY J 267 22.49 -20.43 -47.29
N GLY J 268 22.99 -19.95 -46.16
CA GLY J 268 23.24 -18.53 -45.94
C GLY J 268 23.90 -18.33 -44.59
N GLU J 269 24.31 -17.09 -44.28
CA GLU J 269 25.00 -16.77 -43.02
C GLU J 269 24.08 -17.05 -41.83
N THR J 270 22.81 -16.64 -41.97
CA THR J 270 21.81 -16.90 -40.94
C THR J 270 21.25 -18.29 -41.10
N ILE J 271 20.83 -18.85 -39.98
CA ILE J 271 20.24 -20.19 -39.95
C ILE J 271 18.94 -20.09 -40.73
N ILE J 272 18.22 -19.01 -40.51
CA ILE J 272 17.02 -18.72 -41.27
C ILE J 272 17.37 -17.65 -42.28
N ALA J 273 17.06 -17.89 -43.55
CA ALA J 273 17.38 -16.93 -44.62
C ALA J 273 16.38 -16.91 -45.79
N SER J 274 16.50 -15.89 -46.64
CA SER J 274 15.63 -15.69 -47.82
C SER J 274 15.95 -16.62 -49.00
N THR J 275 15.12 -16.60 -50.05
CA THR J 275 15.41 -17.44 -51.20
C THR J 275 16.63 -16.87 -51.93
N ARG J 276 16.93 -15.58 -51.69
CA ARG J 276 18.13 -14.94 -52.24
C ARG J 276 19.39 -15.04 -51.32
N ARG J 277 19.37 -16.01 -50.38
CA ARG J 277 20.53 -16.30 -49.52
C ARG J 277 20.85 -15.24 -48.44
N GLU J 278 19.88 -14.37 -48.14
CA GLU J 278 20.15 -13.29 -47.18
C GLU J 278 19.19 -13.27 -45.96
N PRO J 279 19.53 -12.49 -44.92
CA PRO J 279 18.80 -12.56 -43.66
C PRO J 279 17.45 -11.88 -43.79
N LEU J 280 16.43 -12.42 -43.13
CA LEU J 280 15.08 -11.88 -43.29
C LEU J 280 14.72 -10.93 -42.20
N SER J 281 13.64 -10.18 -42.38
CA SER J 281 13.13 -9.28 -41.32
C SER J 281 12.04 -9.90 -40.43
N SER J 282 12.23 -9.72 -39.12
CA SER J 282 11.36 -10.24 -38.09
C SER J 282 9.91 -10.29 -38.56
N GLY J 283 9.42 -9.14 -39.02
CA GLY J 283 8.03 -9.00 -39.42
C GLY J 283 7.54 -9.85 -40.59
N THR J 284 8.44 -10.12 -41.51
CA THR J 284 8.09 -10.89 -42.64
C THR J 284 7.71 -12.27 -42.12
N VAL J 285 8.58 -12.83 -41.29
CA VAL J 285 8.36 -14.16 -40.76
C VAL J 285 6.95 -14.32 -40.24
N SER J 286 6.56 -13.49 -39.31
CA SER J 286 5.23 -13.65 -38.80
C SER J 286 4.26 -13.42 -39.88
N ARG J 287 4.54 -12.42 -40.67
CA ARG J 287 3.65 -12.02 -41.73
C ARG J 287 3.23 -13.17 -42.63
N TYR J 288 4.18 -13.96 -43.11
CA TYR J 288 3.83 -15.05 -43.98
C TYR J 288 3.13 -16.12 -43.17
N PHE J 289 3.58 -16.31 -41.94
CA PHE J 289 2.92 -17.27 -41.08
C PHE J 289 1.44 -16.99 -41.06
N MSE J 290 1.17 -15.71 -40.97
CA MSE J 290 -0.17 -15.21 -40.96
C MSE J 290 -0.94 -15.75 -42.15
O MSE J 290 -2.01 -16.34 -42.00
CB MSE J 290 -0.08 -13.67 -40.99
CG MSE J 290 -1.38 -12.90 -40.72
SE MSE J 290 -2.14 -12.06 -42.34
CE MSE J 290 -0.72 -10.61 -42.63
N ARG J 291 -0.39 -15.55 -43.34
CA ARG J 291 -1.12 -15.93 -44.53
C ARG J 291 -1.52 -17.40 -44.44
N ALA J 292 -0.59 -18.23 -43.97
CA ALA J 292 -0.82 -19.66 -43.78
C ALA J 292 -1.95 -19.89 -42.79
N ARG J 293 -2.04 -19.02 -41.81
CA ARG J 293 -3.11 -19.04 -40.85
C ARG J 293 -4.43 -18.99 -41.56
N LYS J 294 -4.63 -17.92 -42.32
CA LYS J 294 -5.90 -17.74 -42.97
C LYS J 294 -6.16 -18.80 -44.05
N ALA J 295 -5.11 -19.22 -44.75
CA ALA J 295 -5.23 -20.25 -45.81
C ALA J 295 -5.54 -21.66 -45.28
N SER J 296 -5.35 -21.84 -43.95
CA SER J 296 -5.66 -23.07 -43.23
C SER J 296 -7.15 -23.15 -42.94
N GLY J 297 -7.76 -21.96 -42.84
CA GLY J 297 -9.19 -21.81 -42.69
C GLY J 297 -9.80 -22.13 -41.34
N LEU J 298 -8.99 -22.32 -40.30
CA LEU J 298 -9.53 -22.61 -38.96
C LEU J 298 -10.18 -21.40 -38.28
N SER J 299 -11.11 -21.67 -37.35
CA SER J 299 -11.78 -20.60 -36.60
C SER J 299 -11.37 -20.69 -35.17
N PHE J 300 -11.32 -19.55 -34.52
CA PHE J 300 -11.04 -19.54 -33.10
C PHE J 300 -11.86 -18.47 -32.50
N GLU J 301 -11.72 -18.39 -31.18
CA GLU J 301 -12.41 -17.46 -30.32
C GLU J 301 -11.47 -16.26 -30.12
N GLY J 302 -11.99 -15.03 -30.30
CA GLY J 302 -11.19 -13.80 -30.21
C GLY J 302 -10.28 -13.57 -31.42
N ASP J 303 -9.08 -13.05 -31.17
CA ASP J 303 -8.10 -12.85 -32.24
C ASP J 303 -7.29 -14.12 -32.45
N PRO J 304 -6.96 -14.43 -33.71
CA PRO J 304 -6.19 -15.64 -34.02
C PRO J 304 -4.75 -15.58 -33.50
N PRO J 305 -4.26 -16.70 -32.99
CA PRO J 305 -2.88 -16.77 -32.50
C PRO J 305 -1.93 -16.28 -33.57
N THR J 306 -0.68 -16.01 -33.21
CA THR J 306 0.31 -15.61 -34.21
C THR J 306 1.65 -16.20 -33.89
N PHE J 307 2.61 -15.94 -34.77
CA PHE J 307 3.90 -16.60 -34.69
C PHE J 307 4.44 -16.74 -33.29
N HIS J 308 4.53 -15.63 -32.56
CA HIS J 308 5.04 -15.71 -31.21
C HIS J 308 4.41 -16.92 -30.57
N GLU J 309 3.13 -17.12 -30.85
CA GLU J 309 2.39 -18.22 -30.30
C GLU J 309 3.16 -19.54 -30.30
N LEU J 310 4.08 -19.66 -31.25
CA LEU J 310 4.85 -20.87 -31.40
C LEU J 310 5.76 -21.06 -30.24
N ARG J 311 6.23 -19.95 -29.69
CA ARG J 311 7.04 -20.03 -28.52
C ARG J 311 6.23 -20.56 -27.37
N SER J 312 4.96 -20.14 -27.30
CA SER J 312 4.03 -20.56 -26.24
C SER J 312 3.68 -22.03 -26.36
N LEU J 313 3.44 -22.48 -27.59
CA LEU J 313 3.19 -23.88 -27.76
C LEU J 313 4.46 -24.62 -27.37
N SER J 314 5.60 -24.10 -27.82
CA SER J 314 6.91 -24.68 -27.53
C SER J 314 7.07 -25.02 -26.06
N ALA J 315 6.74 -24.07 -25.20
CA ALA J 315 6.86 -24.30 -23.77
C ALA J 315 5.81 -25.30 -23.24
N ARG J 316 4.58 -25.22 -23.74
CA ARG J 316 3.46 -26.07 -23.29
C ARG J 316 3.71 -27.53 -23.51
N LEU J 317 4.44 -27.85 -24.58
CA LEU J 317 4.73 -29.23 -24.94
C LEU J 317 6.05 -29.72 -24.33
N TYR J 318 6.97 -28.79 -24.06
CA TYR J 318 8.20 -29.11 -23.35
C TYR J 318 7.91 -29.35 -21.84
N GLU J 319 6.91 -28.65 -21.28
CA GLU J 319 6.50 -28.84 -19.86
C GLU J 319 6.09 -30.29 -19.60
N LYS J 320 5.28 -30.84 -20.50
CA LYS J 320 4.76 -32.20 -20.39
C LYS J 320 5.79 -33.27 -20.81
N GLN J 321 6.57 -33.01 -21.86
CA GLN J 321 7.56 -34.01 -22.31
C GLN J 321 8.75 -34.22 -21.34
N ILE J 322 9.41 -33.15 -20.89
CA ILE J 322 10.49 -33.31 -19.91
C ILE J 322 10.18 -32.70 -18.51
N SER J 323 10.19 -31.36 -18.39
CA SER J 323 9.86 -30.71 -17.10
C SER J 323 9.64 -29.19 -17.17
N ASP J 324 8.94 -28.66 -16.17
CA ASP J 324 8.61 -27.22 -16.05
C ASP J 324 9.83 -26.35 -15.84
N LYS J 325 10.85 -26.96 -15.22
CA LYS J 325 12.17 -26.35 -14.98
C LYS J 325 12.92 -26.16 -16.32
N PHE J 326 12.74 -27.12 -17.22
CA PHE J 326 13.34 -27.10 -18.55
C PHE J 326 12.74 -25.97 -19.43
N ALA J 327 11.40 -25.93 -19.48
CA ALA J 327 10.64 -24.91 -20.23
C ALA J 327 11.05 -23.52 -19.84
N GLN J 328 11.22 -23.32 -18.55
CA GLN J 328 11.66 -22.03 -18.08
C GLN J 328 13.10 -21.73 -18.52
N HIS J 329 13.97 -22.73 -18.50
CA HIS J 329 15.37 -22.54 -18.87
C HIS J 329 15.57 -22.15 -20.33
N LEU J 330 14.85 -22.82 -21.20
CA LEU J 330 14.99 -22.64 -22.63
C LEU J 330 14.48 -21.29 -23.08
N LEU J 331 13.36 -20.90 -22.50
CA LEU J 331 12.68 -19.67 -22.85
C LEU J 331 13.52 -18.40 -22.65
N GLY J 332 14.43 -18.41 -21.66
CA GLY J 332 15.27 -17.25 -21.34
C GLY J 332 14.86 -16.61 -20.02
N HIS J 333 14.09 -17.40 -19.27
CA HIS J 333 13.51 -17.03 -17.98
C HIS J 333 14.44 -17.49 -16.86
N LYS J 334 14.48 -16.72 -15.77
CA LYS J 334 15.38 -16.97 -14.62
C LYS J 334 14.65 -17.37 -13.33
N SER J 335 13.51 -16.69 -13.09
CA SER J 335 12.73 -16.72 -11.83
C SER J 335 11.53 -17.72 -11.79
N ASP J 336 10.28 -17.19 -11.84
CA ASP J 336 8.99 -17.94 -11.77
C ASP J 336 7.67 -17.23 -12.34
N THR J 337 7.19 -16.15 -11.67
CA THR J 337 5.87 -15.48 -11.92
C THR J 337 5.27 -15.45 -13.38
N GLU J 349 -4.49 -24.86 -14.02
CA GLU J 349 -5.59 -25.71 -14.53
C GLU J 349 -5.65 -27.18 -13.99
N TRP J 350 -6.68 -27.97 -14.38
CA TRP J 350 -7.06 -29.30 -13.78
C TRP J 350 -6.21 -29.82 -12.56
N ASP J 351 -6.61 -29.40 -11.37
CA ASP J 351 -5.90 -29.70 -10.13
C ASP J 351 -6.33 -31.05 -9.68
N LYS J 352 -5.39 -31.74 -9.05
CA LYS J 352 -5.65 -33.07 -8.49
C LYS J 352 -5.78 -33.01 -6.96
N ILE J 353 -6.94 -33.43 -6.47
CA ILE J 353 -7.14 -33.57 -5.05
C ILE J 353 -6.66 -35.00 -4.80
N GLU J 354 -5.55 -35.13 -4.05
CA GLU J 354 -4.95 -36.45 -3.76
C GLU J 354 -5.75 -37.26 -2.70
N ILE J 355 -5.30 -38.49 -2.40
CA ILE J 355 -5.91 -39.29 -1.31
C ILE J 355 -5.27 -38.90 0.08
N LYS J 356 -4.33 -37.94 0.10
CA LYS J 356 -3.65 -37.46 1.33
C LYS J 356 -3.70 -35.92 1.49
N GLU K 8 -42.12 61.08 18.76
CA GLU K 8 -41.33 60.09 17.88
C GLU K 8 -39.97 59.46 18.52
N ARG K 9 -39.80 58.07 18.49
CA ARG K 9 -38.50 57.35 18.93
C ARG K 9 -37.59 56.64 17.81
N ARG K 10 -37.67 55.30 17.60
CA ARG K 10 -36.68 54.57 16.71
C ARG K 10 -37.13 53.48 15.61
N ASP K 11 -36.35 53.39 14.52
CA ASP K 11 -36.56 52.45 13.37
C ASP K 11 -35.76 51.10 13.52
N LEU K 12 -35.57 50.73 14.79
CA LEU K 12 -34.90 49.54 15.32
C LEU K 12 -35.34 48.23 14.75
N PRO K 13 -34.72 47.78 13.64
CA PRO K 13 -35.03 46.50 13.02
C PRO K 13 -34.96 45.38 14.05
N PRO K 14 -35.96 44.53 14.03
CA PRO K 14 -36.11 43.52 15.07
C PRO K 14 -34.93 42.61 15.06
N ASN K 15 -34.62 42.07 16.22
CA ASN K 15 -33.56 41.15 16.30
C ASN K 15 -32.29 41.89 16.40
N LEU K 16 -32.33 43.18 16.03
CA LEU K 16 -31.10 44.00 16.01
C LEU K 16 -31.08 44.87 17.15
N TYR K 17 -29.93 44.97 17.77
CA TYR K 17 -29.81 45.73 18.97
C TYR K 17 -28.68 46.64 18.76
N ILE K 18 -28.62 47.64 19.61
CA ILE K 18 -27.51 48.57 19.68
C ILE K 18 -26.77 48.48 21.02
N ARG K 19 -25.49 48.85 21.02
CA ARG K 19 -24.60 48.89 22.18
C ARG K 19 -24.39 50.32 22.68
N ASN K 20 -23.74 50.42 23.85
CA ASN K 20 -23.64 51.72 24.49
C ASN K 20 -22.80 52.71 23.71
N ASN K 21 -21.90 52.29 22.86
CA ASN K 21 -21.33 53.44 22.22
C ASN K 21 -22.01 53.83 20.96
N GLY K 22 -22.88 52.93 20.51
CA GLY K 22 -23.44 53.00 19.19
C GLY K 22 -22.81 51.94 18.26
N TYR K 23 -22.64 50.71 18.76
CA TYR K 23 -22.23 49.65 17.85
C TYR K 23 -23.38 48.59 17.71
N TYR K 24 -23.60 48.16 16.49
CA TYR K 24 -24.75 47.34 16.24
C TYR K 24 -24.52 45.82 16.15
N CYS K 25 -25.48 45.09 16.72
CA CYS K 25 -25.52 43.62 16.61
C CYS K 25 -26.90 43.03 16.34
N TYR K 26 -26.82 41.90 15.68
CA TYR K 26 -27.94 41.20 15.28
C TYR K 26 -27.82 40.06 16.18
N ARG K 27 -28.95 39.58 16.64
CA ARG K 27 -28.93 38.44 17.52
C ARG K 27 -29.77 37.38 16.88
N ASP K 28 -29.15 36.24 16.62
CA ASP K 28 -29.97 35.14 16.19
C ASP K 28 -30.58 34.64 17.46
N PRO K 29 -31.91 34.61 17.48
CA PRO K 29 -32.66 34.05 18.62
C PRO K 29 -32.67 32.55 18.61
N ARG K 30 -32.10 32.00 17.54
CA ARG K 30 -31.91 30.56 17.33
C ARG K 30 -30.90 30.12 18.41
N THR K 31 -29.74 30.73 18.42
CA THR K 31 -28.77 30.32 19.39
C THR K 31 -28.72 31.26 20.55
N GLY K 32 -28.89 32.53 20.27
CA GLY K 32 -28.87 33.52 21.31
C GLY K 32 -27.68 34.39 21.20
N LYS K 33 -26.77 33.91 20.35
CA LYS K 33 -25.46 34.57 20.03
C LYS K 33 -25.62 35.86 19.17
N GLU K 34 -24.91 36.94 19.53
CA GLU K 34 -25.09 38.21 18.86
C GLU K 34 -24.09 38.18 17.84
N PHE K 35 -24.17 39.15 16.92
CA PHE K 35 -23.13 39.32 15.89
C PHE K 35 -22.71 40.73 15.57
N GLY K 36 -21.45 40.84 15.23
CA GLY K 36 -20.97 42.14 14.92
C GLY K 36 -21.17 42.62 13.50
N LEU K 37 -21.70 43.84 13.38
CA LEU K 37 -21.89 44.47 12.07
C LEU K 37 -20.86 45.55 11.76
N GLY K 38 -21.02 46.74 12.34
CA GLY K 38 -20.09 47.82 12.11
C GLY K 38 -20.56 49.07 12.81
N ARG K 39 -20.37 50.24 12.18
CA ARG K 39 -20.78 51.56 12.71
C ARG K 39 -21.97 52.25 11.99
N ASP K 40 -22.14 51.89 10.72
CA ASP K 40 -23.07 52.52 9.79
C ASP K 40 -24.49 51.96 9.85
N ARG K 41 -25.32 52.66 10.62
CA ARG K 41 -26.74 52.35 10.85
C ARG K 41 -27.44 51.82 9.58
N ARG K 42 -27.25 52.64 8.55
CA ARG K 42 -27.63 52.40 7.17
C ARG K 42 -27.31 50.96 6.69
N ILE K 43 -26.06 50.54 6.83
CA ILE K 43 -25.64 49.25 6.37
C ILE K 43 -26.08 48.08 7.28
N ALA K 44 -26.13 48.34 8.59
CA ALA K 44 -26.59 47.40 9.65
C ALA K 44 -27.94 46.94 9.34
N ILE K 45 -28.75 47.97 9.35
CA ILE K 45 -30.08 47.97 8.86
C ILE K 45 -30.14 46.93 7.78
N THR K 46 -29.43 47.25 6.68
CA THR K 46 -29.59 46.46 5.45
C THR K 46 -29.43 44.98 5.73
N GLU K 47 -28.26 44.64 6.29
CA GLU K 47 -27.91 43.24 6.58
C GLU K 47 -28.90 42.60 7.55
N ALA K 48 -29.36 43.46 8.41
CA ALA K 48 -30.31 43.09 9.35
C ALA K 48 -31.49 42.54 8.61
N ILE K 49 -32.10 43.36 7.78
CA ILE K 49 -33.31 42.94 7.12
C ILE K 49 -33.12 41.62 6.36
N GLN K 50 -32.04 41.57 5.57
CA GLN K 50 -31.74 40.35 4.84
C GLN K 50 -31.92 39.10 5.76
N ALA K 51 -31.33 39.19 6.96
CA ALA K 51 -31.38 38.06 7.89
C ALA K 51 -32.79 37.80 8.45
N ASN K 52 -33.59 38.86 8.53
CA ASN K 52 -34.96 38.86 9.02
C ASN K 52 -35.83 38.11 8.09
N ILE K 53 -35.42 38.12 6.84
CA ILE K 53 -36.21 37.31 5.97
C ILE K 53 -35.70 35.83 5.91
N GLU K 54 -34.37 35.58 6.07
CA GLU K 54 -33.81 34.22 6.20
C GLU K 54 -34.57 33.28 7.29
N LEU K 55 -34.77 33.81 8.51
CA LEU K 55 -35.47 33.10 9.58
C LEU K 55 -36.82 32.91 9.08
N PHE K 56 -37.25 33.87 8.29
CA PHE K 56 -38.52 33.73 7.64
C PHE K 56 -38.59 32.57 6.55
N SER K 57 -37.49 31.81 6.29
CA SER K 57 -37.55 30.67 5.32
C SER K 57 -36.30 29.93 4.74
N GLY K 58 -35.37 29.37 5.54
CA GLY K 58 -34.22 28.57 5.02
C GLY K 58 -33.67 28.99 3.64
N HIS K 59 -34.28 30.06 3.10
CA HIS K 59 -34.01 30.79 1.84
C HIS K 59 -32.87 31.81 2.03
N LYS K 60 -31.81 31.70 1.24
CA LYS K 60 -30.73 32.66 1.39
C LYS K 60 -30.40 33.43 0.10
N HIS K 61 -29.73 34.58 0.29
CA HIS K 61 -29.05 35.21 -0.80
C HIS K 61 -27.75 34.43 -0.58
N LYS K 62 -27.54 33.48 -1.49
CA LYS K 62 -26.39 32.62 -1.49
C LYS K 62 -25.34 33.28 -2.31
N PRO K 63 -24.20 33.57 -1.70
CA PRO K 63 -22.97 33.99 -2.41
C PRO K 63 -22.70 33.48 -3.89
N LEU K 64 -22.10 34.39 -4.68
CA LEU K 64 -21.96 34.24 -6.12
C LEU K 64 -21.08 33.09 -6.32
N THR K 65 -19.97 33.13 -5.64
CA THR K 65 -19.11 31.99 -5.54
C THR K 65 -19.98 30.73 -5.79
N ALA K 66 -21.02 30.60 -4.95
CA ALA K 66 -21.90 29.44 -4.89
C ALA K 66 -22.54 29.30 -6.26
N ARG K 67 -23.55 30.16 -6.51
CA ARG K 67 -24.25 30.32 -7.80
C ARG K 67 -23.39 30.27 -9.09
N ILE K 68 -22.08 30.47 -8.97
CA ILE K 68 -21.30 30.34 -10.15
C ILE K 68 -21.05 28.88 -10.22
N ASN K 69 -20.24 28.42 -9.29
CA ASN K 69 -19.88 27.04 -9.33
C ASN K 69 -20.98 26.11 -9.67
N SER K 70 -22.15 26.39 -9.14
CA SER K 70 -23.35 25.61 -9.41
C SER K 70 -23.60 25.06 -10.88
N ASP K 71 -24.42 25.77 -11.68
CA ASP K 71 -25.16 25.28 -12.92
C ASP K 71 -24.29 24.51 -13.96
N ASN K 72 -23.01 24.72 -13.85
CA ASN K 72 -22.08 24.18 -14.82
C ASN K 72 -21.35 22.86 -14.37
N SER K 73 -21.73 22.29 -13.23
CA SER K 73 -21.12 21.04 -12.76
C SER K 73 -22.14 20.18 -12.01
N VAL K 74 -21.80 18.93 -11.86
CA VAL K 74 -22.84 17.92 -12.03
C VAL K 74 -24.30 17.87 -11.59
N THR K 75 -24.71 16.63 -11.37
CA THR K 75 -25.96 16.31 -10.76
C THR K 75 -25.93 14.81 -10.38
N LEU K 76 -26.14 14.52 -9.11
CA LEU K 76 -25.99 13.18 -8.63
C LEU K 76 -26.65 12.13 -9.46
N HIS K 77 -27.98 12.17 -9.50
CA HIS K 77 -28.72 11.14 -10.24
C HIS K 77 -28.18 11.10 -11.68
N SER K 78 -27.99 12.26 -12.32
CA SER K 78 -27.48 12.35 -13.69
C SER K 78 -26.10 11.66 -13.93
N TRP K 79 -25.24 11.65 -12.91
CA TRP K 79 -23.92 11.07 -13.03
C TRP K 79 -23.96 9.59 -12.70
N LEU K 80 -24.80 9.26 -11.73
CA LEU K 80 -25.02 7.87 -11.38
C LEU K 80 -25.45 7.18 -12.64
N ASP K 81 -26.32 7.88 -13.37
CA ASP K 81 -26.84 7.36 -14.63
C ASP K 81 -25.65 7.05 -15.50
N ARG K 82 -24.67 7.92 -15.49
CA ARG K 82 -23.51 7.58 -16.26
C ARG K 82 -22.64 6.60 -15.49
N TYR K 83 -22.67 6.69 -14.17
CA TYR K 83 -21.86 5.79 -13.39
C TYR K 83 -22.20 4.46 -13.97
N GLU K 84 -23.48 4.17 -13.86
CA GLU K 84 -24.02 2.93 -14.33
C GLU K 84 -23.25 2.43 -15.55
N LYS K 85 -23.37 3.17 -16.64
CA LYS K 85 -22.83 2.70 -17.91
C LYS K 85 -21.36 2.31 -17.80
N ILE K 86 -20.63 3.02 -16.96
CA ILE K 86 -19.23 2.76 -16.88
C ILE K 86 -18.99 1.42 -16.32
N LEU K 87 -19.87 1.07 -15.43
CA LEU K 87 -19.80 -0.22 -14.84
C LEU K 87 -19.99 -1.25 -15.92
N ALA K 88 -21.07 -1.12 -16.70
CA ALA K 88 -21.38 -2.09 -17.78
C ALA K 88 -20.14 -2.50 -18.57
N SER K 89 -19.21 -1.53 -18.65
CA SER K 89 -17.91 -1.61 -19.37
C SER K 89 -16.84 -2.42 -18.67
N ARG K 90 -16.80 -2.33 -17.36
CA ARG K 90 -15.78 -3.01 -16.55
C ARG K 90 -15.50 -4.50 -16.84
N GLY K 91 -16.47 -5.17 -17.46
CA GLY K 91 -16.35 -6.59 -17.74
C GLY K 91 -16.44 -7.39 -16.45
N ILE K 92 -17.68 -7.70 -16.06
CA ILE K 92 -18.02 -8.27 -14.77
C ILE K 92 -19.04 -9.27 -14.96
N LYS K 93 -19.26 -10.14 -13.97
CA LYS K 93 -20.38 -11.09 -14.11
C LYS K 93 -21.76 -10.51 -13.85
N GLN K 94 -22.71 -10.93 -14.67
CA GLN K 94 -24.05 -10.37 -14.70
C GLN K 94 -24.67 -10.06 -13.35
N LYS K 95 -24.41 -10.89 -12.34
CA LYS K 95 -25.01 -10.63 -11.03
C LYS K 95 -24.26 -9.60 -10.23
N THR K 96 -22.93 -9.62 -10.31
CA THR K 96 -22.10 -8.60 -9.67
C THR K 96 -22.82 -7.27 -9.97
N LEU K 97 -22.97 -7.02 -11.26
CA LEU K 97 -23.66 -5.88 -11.80
C LEU K 97 -24.87 -5.52 -11.01
N ILE K 98 -25.84 -6.41 -11.00
CA ILE K 98 -27.09 -6.08 -10.35
C ILE K 98 -26.94 -5.82 -8.85
N ASN K 99 -26.00 -6.50 -8.20
CA ASN K 99 -25.78 -6.24 -6.80
C ASN K 99 -25.54 -4.75 -6.76
N TYR K 100 -24.51 -4.31 -7.46
CA TYR K 100 -24.19 -2.90 -7.51
C TYR K 100 -25.39 -2.05 -7.83
N MSE K 101 -26.14 -2.48 -8.84
CA MSE K 101 -27.29 -1.75 -9.33
C MSE K 101 -28.26 -1.41 -8.24
O MSE K 101 -28.80 -0.30 -8.15
CB MSE K 101 -28.02 -2.56 -10.38
CG MSE K 101 -27.36 -2.47 -11.75
SE MSE K 101 -27.35 -0.61 -12.43
CE MSE K 101 -28.30 -0.93 -14.37
N SER K 102 -28.46 -2.41 -7.40
CA SER K 102 -29.33 -2.32 -6.27
C SER K 102 -28.86 -1.23 -5.38
N LYS K 103 -27.58 -1.24 -5.13
CA LYS K 103 -27.10 -0.25 -4.23
C LYS K 103 -27.33 1.14 -4.83
N ILE K 104 -26.84 1.42 -6.04
CA ILE K 104 -27.15 2.68 -6.66
C ILE K 104 -28.53 3.07 -6.26
N LYS K 105 -29.49 2.29 -6.77
CA LYS K 105 -30.91 2.51 -6.52
C LYS K 105 -31.01 2.98 -5.08
N ALA K 106 -30.45 2.19 -4.16
CA ALA K 106 -30.48 2.57 -2.78
C ALA K 106 -30.15 4.04 -2.69
N ILE K 107 -29.05 4.47 -3.31
CA ILE K 107 -28.61 5.85 -3.18
C ILE K 107 -29.54 6.87 -3.76
N ARG K 108 -30.04 6.59 -4.94
CA ARG K 108 -30.99 7.50 -5.52
C ARG K 108 -31.95 7.95 -4.45
N ARG K 109 -32.50 6.94 -3.77
CA ARG K 109 -33.58 7.07 -2.78
C ARG K 109 -33.13 7.63 -1.46
N GLY K 110 -31.83 7.65 -1.24
CA GLY K 110 -31.35 8.19 0.01
C GLY K 110 -30.94 9.63 -0.17
N LEU K 111 -30.50 9.97 -1.39
CA LEU K 111 -29.95 11.29 -1.62
C LEU K 111 -30.62 12.17 -2.66
N PRO K 112 -30.51 13.47 -2.36
CA PRO K 112 -30.93 14.57 -3.24
C PRO K 112 -30.38 14.40 -4.64
N ASP K 113 -31.10 14.92 -5.61
CA ASP K 113 -30.54 14.95 -6.93
C ASP K 113 -29.92 16.32 -7.12
N ALA K 114 -29.02 16.69 -6.22
CA ALA K 114 -28.39 17.98 -6.36
C ALA K 114 -27.04 17.85 -7.08
N PRO K 115 -26.25 18.93 -7.08
CA PRO K 115 -24.89 18.94 -7.64
C PRO K 115 -23.84 18.20 -6.78
N LEU K 116 -22.87 17.49 -7.37
CA LEU K 116 -21.94 16.70 -6.57
C LEU K 116 -21.15 17.37 -5.48
N GLU K 117 -20.52 18.45 -5.80
CA GLU K 117 -19.68 19.00 -4.77
C GLU K 117 -20.50 19.47 -3.66
N ASP K 118 -21.79 19.56 -3.90
CA ASP K 118 -22.67 20.13 -2.90
C ASP K 118 -23.24 19.05 -1.93
N ILE K 119 -22.81 17.81 -2.20
CA ILE K 119 -23.15 16.72 -1.35
C ILE K 119 -22.14 16.72 -0.24
N THR K 120 -22.65 16.74 0.99
CA THR K 120 -21.75 16.69 2.14
C THR K 120 -21.68 15.41 2.92
N THR K 121 -20.44 15.12 3.27
CA THR K 121 -20.13 14.13 4.24
C THR K 121 -21.33 13.87 5.10
N LYS K 122 -21.69 14.88 5.88
CA LYS K 122 -22.78 14.66 6.79
C LYS K 122 -24.02 14.04 6.12
N GLU K 123 -24.45 14.60 5.01
CA GLU K 123 -25.66 14.09 4.38
C GLU K 123 -25.49 12.63 4.13
N ILE K 124 -24.28 12.28 3.75
CA ILE K 124 -24.01 10.92 3.40
C ILE K 124 -24.07 10.07 4.60
N ALA K 125 -23.33 10.46 5.61
CA ALA K 125 -23.33 9.68 6.83
C ALA K 125 -24.77 9.51 7.29
N ALA K 126 -25.47 10.63 7.34
CA ALA K 126 -26.86 10.69 7.69
C ALA K 126 -27.64 9.49 7.13
N MSE K 127 -27.69 9.38 5.81
CA MSE K 127 -28.41 8.25 5.26
C MSE K 127 -27.69 6.94 5.61
O MSE K 127 -28.35 5.95 5.94
CB MSE K 127 -28.68 8.44 3.78
CG MSE K 127 -28.96 7.17 3.02
SE MSE K 127 -27.65 6.85 1.59
CE MSE K 127 -25.94 6.82 2.63
N LEU K 128 -26.35 6.93 5.57
CA LEU K 128 -25.61 5.73 5.91
C LEU K 128 -26.11 5.21 7.23
N ASN K 129 -26.06 6.09 8.23
CA ASN K 129 -26.52 5.76 9.57
C ASN K 129 -27.99 5.26 9.57
N GLY K 130 -28.81 5.77 8.66
CA GLY K 130 -30.20 5.34 8.57
C GLY K 130 -30.25 3.82 8.46
N TYR K 131 -29.29 3.30 7.69
CA TYR K 131 -29.17 1.88 7.41
C TYR K 131 -28.58 1.04 8.55
N ILE K 132 -27.73 1.67 9.35
CA ILE K 132 -27.20 1.04 10.56
C ILE K 132 -28.31 0.89 11.60
N ASP K 133 -29.02 2.01 11.85
CA ASP K 133 -30.03 2.11 12.94
C ASP K 133 -31.12 1.05 12.78
N GLU K 134 -31.44 0.69 11.51
CA GLU K 134 -32.40 -0.40 11.20
C GLU K 134 -31.80 -1.84 11.30
N GLY K 135 -30.48 -1.90 11.49
CA GLY K 135 -29.80 -3.16 11.73
C GLY K 135 -29.23 -3.72 10.47
N LYS K 136 -29.27 -2.92 9.42
CA LYS K 136 -28.80 -3.29 8.09
C LYS K 136 -27.33 -2.96 7.89
N ALA K 137 -26.57 -3.22 8.95
CA ALA K 137 -25.15 -3.00 8.98
C ALA K 137 -24.56 -3.28 7.64
N ALA K 138 -24.43 -4.57 7.32
CA ALA K 138 -23.77 -5.00 6.09
C ALA K 138 -24.06 -4.07 4.90
N SER K 139 -25.35 -3.83 4.67
CA SER K 139 -25.83 -2.98 3.59
C SER K 139 -24.94 -1.76 3.46
N ALA K 140 -25.01 -0.99 4.53
CA ALA K 140 -24.32 0.26 4.63
C ALA K 140 -22.97 0.12 4.00
N LYS K 141 -22.24 -0.93 4.40
CA LYS K 141 -20.90 -1.14 3.93
C LYS K 141 -20.92 -0.98 2.43
N LEU K 142 -21.72 -1.83 1.79
CA LEU K 142 -21.71 -1.88 0.35
C LEU K 142 -22.21 -0.64 -0.28
N ILE K 143 -23.22 -0.07 0.34
CA ILE K 143 -23.72 1.18 -0.15
C ILE K 143 -22.56 2.15 -0.19
N ARG K 144 -22.03 2.41 1.01
CA ARG K 144 -20.84 3.22 1.14
C ARG K 144 -19.87 2.83 0.03
N SER K 145 -19.21 1.71 0.20
CA SER K 145 -18.24 1.23 -0.76
C SER K 145 -18.52 1.71 -2.18
N THR K 146 -19.70 1.39 -2.67
CA THR K 146 -20.00 1.74 -3.99
C THR K 146 -20.10 3.21 -4.09
N LEU K 147 -20.95 3.83 -3.31
CA LEU K 147 -21.05 5.27 -3.48
C LEU K 147 -19.68 5.82 -3.69
N SER K 148 -18.81 5.40 -2.79
CA SER K 148 -17.43 5.76 -2.73
C SER K 148 -16.89 5.79 -4.14
N ASP K 149 -16.96 4.62 -4.74
CA ASP K 149 -16.37 4.41 -6.04
C ASP K 149 -16.87 5.41 -7.02
N ALA K 150 -18.19 5.47 -7.10
CA ALA K 150 -18.85 6.35 -8.00
C ALA K 150 -18.13 7.70 -7.98
N PHE K 151 -17.89 8.14 -6.76
CA PHE K 151 -17.19 9.33 -6.64
C PHE K 151 -15.87 9.21 -7.32
N ARG K 152 -14.96 8.35 -6.89
CA ARG K 152 -13.59 8.34 -7.51
C ARG K 152 -13.68 8.68 -8.91
N GLU K 153 -14.48 7.87 -9.56
CA GLU K 153 -14.60 7.92 -10.95
C GLU K 153 -15.17 9.21 -11.30
N ALA K 154 -16.17 9.65 -10.59
CA ALA K 154 -16.64 10.97 -10.92
C ALA K 154 -15.45 12.01 -10.93
N ILE K 155 -14.54 11.80 -9.98
CA ILE K 155 -13.45 12.66 -9.81
C ILE K 155 -12.52 12.37 -10.90
N ALA K 156 -12.47 11.12 -11.34
CA ALA K 156 -11.58 10.78 -12.46
C ALA K 156 -12.04 11.40 -13.73
N GLU K 157 -13.25 11.91 -13.70
CA GLU K 157 -13.82 12.59 -14.82
C GLU K 157 -13.98 14.06 -14.41
N GLY K 158 -13.28 14.40 -13.35
CA GLY K 158 -13.13 15.78 -12.91
C GLY K 158 -14.34 16.66 -12.76
N HIS K 159 -15.40 16.10 -12.23
CA HIS K 159 -16.47 16.97 -11.94
C HIS K 159 -16.15 17.43 -10.59
N ILE K 160 -15.49 16.55 -9.87
CA ILE K 160 -15.14 16.85 -8.52
C ILE K 160 -13.69 16.87 -8.34
N THR K 161 -13.38 17.32 -7.13
CA THR K 161 -12.03 17.47 -6.62
C THR K 161 -11.72 16.50 -5.46
N THR K 162 -12.73 16.18 -4.63
CA THR K 162 -12.57 15.32 -3.42
C THR K 162 -13.71 14.41 -3.06
N ASN K 163 -13.31 13.23 -2.59
CA ASN K 163 -14.30 12.21 -2.27
C ASN K 163 -14.93 12.53 -0.99
N HIS K 164 -16.21 12.87 -0.96
CA HIS K 164 -16.76 13.17 0.36
C HIS K 164 -16.98 11.97 1.23
N VAL K 165 -17.15 10.84 0.60
CA VAL K 165 -17.35 9.64 1.36
C VAL K 165 -16.19 9.17 2.13
N ALA K 166 -15.04 9.09 1.49
CA ALA K 166 -13.95 8.40 2.13
C ALA K 166 -13.61 8.94 3.51
N ALA K 167 -14.15 10.11 3.82
CA ALA K 167 -14.01 10.69 5.13
C ALA K 167 -14.90 9.86 6.10
N THR K 168 -15.81 9.09 5.54
CA THR K 168 -16.72 8.35 6.37
C THR K 168 -16.26 6.97 6.79
N ARG K 169 -16.85 6.46 7.86
CA ARG K 169 -16.51 5.18 8.44
C ARG K 169 -17.43 4.05 8.18
N ALA K 170 -16.79 3.01 7.69
CA ALA K 170 -17.42 1.77 7.35
C ALA K 170 -17.92 1.11 8.60
N ALA K 171 -19.19 0.77 8.61
CA ALA K 171 -19.69 -0.05 9.69
C ALA K 171 -18.96 -1.41 9.63
N LYS K 172 -18.47 -1.91 10.73
CA LYS K 172 -17.90 -3.25 10.67
C LYS K 172 -18.94 -4.20 11.28
N SER K 173 -19.16 -5.30 10.55
CA SER K 173 -20.22 -6.29 10.85
C SER K 173 -19.78 -7.64 11.45
N GLU K 174 -20.24 -7.92 12.68
CA GLU K 174 -20.01 -9.24 13.23
C GLU K 174 -21.07 -10.19 12.58
N VAL K 175 -20.60 -11.25 11.91
CA VAL K 175 -21.46 -12.23 11.19
C VAL K 175 -22.38 -12.93 12.13
N ARG K 176 -23.64 -13.02 11.73
CA ARG K 176 -24.67 -13.53 12.61
C ARG K 176 -25.07 -15.01 12.35
N ARG K 177 -25.05 -15.43 11.09
CA ARG K 177 -25.34 -16.83 10.75
C ARG K 177 -24.58 -17.81 11.63
N SER K 178 -25.36 -18.60 12.34
CA SER K 178 -24.79 -19.60 13.20
C SER K 178 -24.33 -20.72 12.31
N ARG K 179 -23.43 -21.53 12.85
CA ARG K 179 -22.98 -22.73 12.14
C ARG K 179 -23.88 -23.97 12.42
N LEU K 180 -23.60 -25.04 11.72
CA LEU K 180 -24.38 -26.22 11.82
C LEU K 180 -23.52 -27.32 12.37
N THR K 181 -24.01 -28.03 13.40
CA THR K 181 -23.32 -29.21 13.96
C THR K 181 -23.89 -30.54 13.40
N ALA K 182 -23.08 -31.59 13.45
CA ALA K 182 -23.43 -32.88 12.91
C ALA K 182 -24.82 -33.34 13.39
N ASP K 183 -25.09 -33.15 14.69
CA ASP K 183 -26.37 -33.49 15.34
C ASP K 183 -27.56 -32.89 14.58
N GLU K 184 -27.48 -31.57 14.39
CA GLU K 184 -28.53 -30.79 13.78
C GLU K 184 -28.84 -31.24 12.35
N TYR K 185 -27.79 -31.46 11.56
CA TYR K 185 -27.93 -31.94 10.18
C TYR K 185 -28.83 -33.16 10.18
N LEU K 186 -28.47 -34.15 10.99
CA LEU K 186 -29.26 -35.37 11.08
C LEU K 186 -30.70 -34.99 11.39
N LYS K 187 -30.91 -34.09 12.36
CA LYS K 187 -32.27 -33.72 12.75
C LYS K 187 -33.04 -33.03 11.61
N ILE K 188 -32.33 -32.31 10.74
CA ILE K 188 -33.01 -31.75 9.57
C ILE K 188 -33.19 -32.80 8.47
N TYR K 189 -32.16 -33.62 8.22
CA TYR K 189 -32.22 -34.78 7.28
C TYR K 189 -33.51 -35.53 7.52
N GLN K 190 -33.85 -35.66 8.80
CA GLN K 190 -35.05 -36.33 9.28
C GLN K 190 -36.32 -35.56 8.89
N ALA K 191 -36.35 -34.27 9.18
CA ALA K 191 -37.51 -33.41 8.87
C ALA K 191 -37.77 -33.31 7.37
N ALA K 192 -36.72 -33.47 6.58
CA ALA K 192 -36.80 -33.39 5.13
C ALA K 192 -37.57 -34.54 4.48
N GLU K 193 -38.19 -35.37 5.32
CA GLU K 193 -39.02 -36.51 4.93
C GLU K 193 -40.23 -36.09 4.07
N SER K 194 -40.94 -35.07 4.56
CA SER K 194 -42.13 -34.56 3.89
C SER K 194 -41.76 -33.76 2.64
N SER K 195 -40.47 -33.54 2.46
CA SER K 195 -39.94 -32.81 1.34
C SER K 195 -39.64 -33.76 0.14
N PRO K 196 -39.74 -33.29 -1.12
CA PRO K 196 -39.37 -34.11 -2.29
C PRO K 196 -37.99 -34.71 -2.13
N CYS K 197 -37.83 -35.88 -2.74
CA CYS K 197 -36.65 -36.71 -2.55
C CYS K 197 -35.29 -36.12 -2.84
N TRP K 198 -35.22 -35.18 -3.79
CA TRP K 198 -33.96 -34.53 -4.16
C TRP K 198 -33.27 -33.70 -3.05
N LEU K 199 -34.08 -33.08 -2.19
CA LEU K 199 -33.54 -32.26 -1.11
C LEU K 199 -32.54 -33.13 -0.36
N ARG K 200 -32.99 -34.30 0.07
CA ARG K 200 -32.16 -35.32 0.73
C ARG K 200 -30.81 -35.40 0.03
N LEU K 201 -30.88 -35.93 -1.18
CA LEU K 201 -29.68 -36.23 -1.95
C LEU K 201 -28.81 -35.00 -2.08
N ALA K 202 -29.42 -33.85 -2.37
CA ALA K 202 -28.68 -32.61 -2.48
C ALA K 202 -27.90 -32.40 -1.18
N MSE K 203 -28.59 -32.56 -0.05
CA MSE K 203 -28.00 -32.42 1.28
C MSE K 203 -26.76 -33.28 1.36
O MSE K 203 -25.65 -32.76 1.50
CB MSE K 203 -28.99 -32.84 2.37
CG MSE K 203 -30.41 -32.46 2.07
SE MSE K 203 -31.41 -31.79 3.54
CE MSE K 203 -30.28 -32.38 5.01
N GLU K 204 -26.97 -34.59 1.26
CA GLU K 204 -25.90 -35.56 1.27
C GLU K 204 -24.79 -35.04 0.36
N LEU K 205 -25.11 -34.93 -0.93
CA LEU K 205 -24.15 -34.47 -1.91
C LEU K 205 -23.38 -33.29 -1.42
N ALA K 206 -24.13 -32.30 -0.97
CA ALA K 206 -23.59 -31.05 -0.50
C ALA K 206 -22.47 -31.25 0.51
N VAL K 207 -22.73 -32.10 1.47
CA VAL K 207 -21.77 -32.30 2.53
C VAL K 207 -20.60 -33.10 2.01
N VAL K 208 -20.91 -34.05 1.15
CA VAL K 208 -19.89 -34.97 0.71
C VAL K 208 -18.93 -34.34 -0.25
N THR K 209 -19.42 -33.40 -1.04
CA THR K 209 -18.55 -32.76 -2.00
C THR K 209 -18.08 -31.39 -1.53
N GLY K 210 -18.76 -30.88 -0.50
CA GLY K 210 -18.46 -29.59 0.09
C GLY K 210 -18.47 -28.54 -0.98
N GLN K 211 -19.36 -28.68 -1.94
CA GLN K 211 -19.40 -27.75 -3.04
C GLN K 211 -20.52 -26.76 -2.93
N ARG K 212 -20.33 -25.66 -3.64
CA ARG K 212 -21.28 -24.58 -3.65
C ARG K 212 -22.58 -25.09 -4.24
N VAL K 213 -23.65 -24.76 -3.55
CA VAL K 213 -24.97 -25.01 -4.04
C VAL K 213 -25.05 -24.60 -5.51
N GLY K 214 -24.66 -23.37 -5.81
CA GLY K 214 -24.69 -22.84 -7.16
C GLY K 214 -24.05 -23.77 -8.16
N ASP K 215 -22.94 -24.39 -7.76
CA ASP K 215 -22.22 -25.27 -8.66
C ASP K 215 -22.87 -26.63 -8.65
N LEU K 216 -23.44 -27.00 -7.49
CA LEU K 216 -24.12 -28.30 -7.32
C LEU K 216 -25.26 -28.46 -8.32
N CYS K 217 -26.00 -27.38 -8.53
CA CYS K 217 -27.12 -27.40 -9.44
C CYS K 217 -26.69 -27.37 -10.88
N GLU K 218 -25.38 -27.33 -11.10
CA GLU K 218 -24.84 -27.25 -12.43
C GLU K 218 -24.06 -28.48 -12.86
N MSE K 219 -23.97 -29.48 -11.98
CA MSE K 219 -23.24 -30.70 -12.33
C MSE K 219 -24.03 -31.66 -13.21
O MSE K 219 -25.17 -32.01 -12.91
CB MSE K 219 -22.81 -31.45 -11.11
CG MSE K 219 -21.77 -30.80 -10.30
SE MSE K 219 -22.02 -31.70 -8.63
CE MSE K 219 -20.51 -30.95 -7.62
N LYS K 220 -23.37 -32.09 -14.30
CA LYS K 220 -23.92 -33.02 -15.28
C LYS K 220 -23.35 -34.43 -15.04
N TRP K 221 -24.08 -35.47 -15.43
CA TRP K 221 -23.62 -36.87 -15.34
C TRP K 221 -22.44 -37.09 -16.28
N SER K 222 -22.30 -36.18 -17.23
CA SER K 222 -21.15 -36.16 -18.14
C SER K 222 -19.91 -35.46 -17.50
N ASP K 223 -20.07 -34.88 -16.29
CA ASP K 223 -18.96 -34.28 -15.51
C ASP K 223 -18.12 -35.36 -14.82
N ILE K 224 -18.61 -36.60 -14.87
CA ILE K 224 -17.95 -37.73 -14.23
C ILE K 224 -17.25 -38.70 -15.23
N VAL K 225 -15.93 -38.81 -15.07
CA VAL K 225 -15.08 -39.69 -15.90
C VAL K 225 -14.04 -40.47 -15.05
N ASP K 226 -14.08 -41.81 -15.17
CA ASP K 226 -13.18 -42.75 -14.46
C ASP K 226 -13.05 -42.56 -12.93
N GLY K 227 -14.20 -42.46 -12.25
CA GLY K 227 -14.24 -42.31 -10.81
C GLY K 227 -13.94 -40.93 -10.25
N TYR K 228 -14.00 -39.91 -11.12
CA TYR K 228 -13.71 -38.51 -10.79
C TYR K 228 -14.80 -37.52 -11.23
N LEU K 229 -15.27 -36.69 -10.29
CA LEU K 229 -16.26 -35.69 -10.62
C LEU K 229 -15.55 -34.38 -10.88
N TYR K 230 -15.70 -33.88 -12.11
CA TYR K 230 -15.06 -32.63 -12.52
C TYR K 230 -15.99 -31.45 -12.22
N VAL K 231 -15.48 -30.45 -11.51
CA VAL K 231 -16.26 -29.24 -11.26
C VAL K 231 -15.52 -28.01 -11.62
N GLU K 232 -16.26 -27.15 -12.31
CA GLU K 232 -15.85 -25.83 -12.73
C GLU K 232 -16.60 -24.86 -11.83
N GLN K 233 -15.97 -24.38 -10.76
CA GLN K 233 -16.62 -23.47 -9.82
C GLN K 233 -17.09 -22.23 -10.54
N SER K 234 -18.32 -21.82 -10.30
CA SER K 234 -18.88 -20.64 -10.96
C SER K 234 -18.32 -19.29 -10.42
N LYS K 235 -18.16 -19.26 -9.10
CA LYS K 235 -17.70 -18.05 -8.37
C LYS K 235 -16.24 -17.62 -8.63
N THR K 236 -15.28 -18.54 -8.50
CA THR K 236 -13.86 -18.20 -8.69
C THR K 236 -13.12 -18.85 -9.86
N GLY K 237 -13.81 -19.69 -10.65
CA GLY K 237 -13.24 -20.38 -11.81
C GLY K 237 -12.27 -21.51 -11.54
N VAL K 238 -12.01 -21.82 -10.27
CA VAL K 238 -11.06 -22.87 -9.96
C VAL K 238 -11.68 -24.25 -10.25
N LYS K 239 -10.80 -25.11 -10.75
CA LYS K 239 -11.20 -26.38 -11.30
C LYS K 239 -10.71 -27.55 -10.43
N ILE K 240 -11.60 -28.50 -10.21
CA ILE K 240 -11.31 -29.61 -9.32
C ILE K 240 -11.90 -30.92 -9.85
N ALA K 241 -11.32 -32.03 -9.43
CA ALA K 241 -11.85 -33.37 -9.73
C ALA K 241 -12.00 -34.16 -8.43
N ILE K 242 -13.24 -34.33 -7.99
CA ILE K 242 -13.50 -35.01 -6.74
C ILE K 242 -13.65 -36.50 -7.00
N PRO K 243 -12.84 -37.32 -6.33
CA PRO K 243 -12.92 -38.79 -6.43
C PRO K 243 -14.20 -39.38 -5.83
N THR K 244 -14.82 -40.30 -6.57
CA THR K 244 -16.07 -40.93 -6.20
C THR K 244 -15.95 -41.84 -4.99
N ALA K 245 -14.79 -41.79 -4.35
CA ALA K 245 -14.41 -42.67 -3.26
C ALA K 245 -14.65 -42.09 -1.87
N LEU K 246 -14.99 -40.81 -1.79
CA LEU K 246 -15.13 -40.18 -0.48
C LEU K 246 -16.28 -40.68 0.35
N HIS K 247 -16.06 -40.69 1.66
CA HIS K 247 -17.13 -40.97 2.61
C HIS K 247 -16.98 -40.22 3.94
N ILE K 248 -18.11 -39.68 4.41
CA ILE K 248 -18.19 -38.92 5.66
C ILE K 248 -18.57 -39.89 6.76
N ASP K 249 -17.60 -40.22 7.61
CA ASP K 249 -17.79 -41.20 8.68
C ASP K 249 -18.77 -40.78 9.79
N ALA K 250 -18.67 -39.52 10.23
CA ALA K 250 -19.53 -39.00 11.31
C ALA K 250 -21.04 -39.00 11.02
N LEU K 251 -21.41 -39.02 9.73
CA LEU K 251 -22.83 -39.01 9.30
C LEU K 251 -23.31 -40.22 8.45
N GLY K 252 -22.39 -41.13 8.13
CA GLY K 252 -22.69 -42.36 7.39
C GLY K 252 -23.18 -42.16 5.97
N ILE K 253 -22.42 -41.35 5.21
CA ILE K 253 -22.75 -41.06 3.81
C ILE K 253 -21.57 -41.36 2.89
N SER K 254 -21.80 -42.19 1.87
CA SER K 254 -20.77 -42.48 0.89
C SER K 254 -21.11 -41.79 -0.42
N MSE K 255 -20.14 -41.05 -0.95
CA MSE K 255 -20.28 -40.32 -2.21
C MSE K 255 -20.83 -41.23 -3.30
O MSE K 255 -21.84 -40.91 -3.93
CB MSE K 255 -18.94 -39.68 -2.65
CG MSE K 255 -19.04 -38.52 -3.69
SE MSE K 255 -17.39 -37.45 -4.12
CE MSE K 255 -17.53 -37.46 -6.09
N LYS K 256 -20.16 -42.38 -3.51
CA LYS K 256 -20.58 -43.33 -4.53
C LYS K 256 -22.03 -43.73 -4.30
N GLU K 257 -22.35 -44.10 -3.05
CA GLU K 257 -23.71 -44.49 -2.65
C GLU K 257 -24.72 -43.33 -2.82
N THR K 258 -24.28 -42.10 -2.54
CA THR K 258 -25.14 -40.92 -2.74
C THR K 258 -25.44 -40.71 -4.22
N LEU K 259 -24.39 -40.79 -5.04
CA LEU K 259 -24.49 -40.52 -6.47
C LEU K 259 -25.40 -41.44 -7.24
N ASP K 260 -25.33 -42.74 -6.95
CA ASP K 260 -26.17 -43.70 -7.67
C ASP K 260 -27.67 -43.72 -7.20
N LYS K 261 -27.95 -43.15 -6.01
CA LYS K 261 -29.33 -42.94 -5.54
C LYS K 261 -29.92 -41.81 -6.42
N CYS K 262 -29.05 -40.86 -6.81
CA CYS K 262 -29.43 -39.76 -7.68
C CYS K 262 -29.71 -40.18 -9.11
N LYS K 263 -29.00 -41.20 -9.60
CA LYS K 263 -29.22 -41.78 -10.93
C LYS K 263 -30.54 -42.52 -11.03
N GLU K 264 -30.84 -43.37 -10.01
CA GLU K 264 -32.09 -44.19 -9.94
C GLU K 264 -33.35 -43.36 -9.64
N ILE K 265 -33.32 -42.56 -8.57
CA ILE K 265 -34.49 -41.80 -8.10
C ILE K 265 -34.75 -40.45 -8.81
N LEU K 266 -33.69 -39.79 -9.26
CA LEU K 266 -33.85 -38.48 -9.89
C LEU K 266 -33.89 -38.52 -11.40
N GLY K 267 -32.93 -39.23 -12.00
CA GLY K 267 -32.87 -39.42 -13.45
C GLY K 267 -33.04 -38.16 -14.28
N GLY K 268 -31.93 -37.56 -14.68
CA GLY K 268 -31.95 -36.36 -15.48
C GLY K 268 -30.53 -36.05 -15.89
N GLU K 269 -30.36 -35.03 -16.75
CA GLU K 269 -29.03 -34.63 -17.21
C GLU K 269 -28.17 -34.13 -16.05
N THR K 270 -28.82 -33.40 -15.13
CA THR K 270 -28.20 -32.91 -13.88
C THR K 270 -28.11 -34.05 -12.88
N ILE K 271 -27.06 -34.05 -12.05
CA ILE K 271 -26.95 -35.05 -10.98
C ILE K 271 -28.08 -34.76 -9.99
N ILE K 272 -28.31 -33.47 -9.70
CA ILE K 272 -29.48 -33.05 -8.92
C ILE K 272 -30.51 -32.50 -9.91
N ALA K 273 -31.74 -33.05 -9.82
CA ALA K 273 -32.85 -32.73 -10.74
C ALA K 273 -34.23 -32.64 -10.07
N SER K 274 -35.19 -31.99 -10.77
CA SER K 274 -36.57 -31.83 -10.29
C SER K 274 -37.38 -33.13 -10.41
N THR K 275 -38.61 -33.14 -9.91
CA THR K 275 -39.46 -34.34 -10.04
C THR K 275 -39.89 -34.56 -11.50
N ARG K 276 -39.86 -33.50 -12.33
CA ARG K 276 -40.15 -33.66 -13.77
C ARG K 276 -38.85 -33.77 -14.64
N ARG K 277 -37.78 -34.25 -14.01
CA ARG K 277 -36.47 -34.56 -14.65
C ARG K 277 -35.67 -33.38 -15.24
N GLU K 278 -35.88 -32.18 -14.69
CA GLU K 278 -35.25 -30.96 -15.17
C GLU K 278 -34.35 -30.39 -14.09
N PRO K 279 -33.36 -29.63 -14.50
CA PRO K 279 -32.43 -28.99 -13.56
C PRO K 279 -33.10 -27.91 -12.72
N LEU K 280 -32.71 -27.77 -11.46
CA LEU K 280 -33.38 -26.77 -10.64
C LEU K 280 -32.61 -25.50 -10.39
N SER K 281 -33.29 -24.52 -9.80
CA SER K 281 -32.67 -23.21 -9.50
C SER K 281 -32.03 -23.14 -8.10
N SER K 282 -30.79 -22.67 -8.10
CA SER K 282 -29.98 -22.54 -6.89
C SER K 282 -30.84 -22.16 -5.69
N GLY K 283 -31.68 -21.15 -5.88
CA GLY K 283 -32.54 -20.62 -4.84
C GLY K 283 -33.60 -21.55 -4.26
N THR K 284 -34.14 -22.44 -5.08
CA THR K 284 -35.15 -23.32 -4.54
C THR K 284 -34.51 -24.34 -3.60
N VAL K 285 -33.37 -24.92 -3.98
CA VAL K 285 -32.69 -25.88 -3.11
C VAL K 285 -32.51 -25.34 -1.69
N SER K 286 -31.89 -24.17 -1.51
CA SER K 286 -31.78 -23.63 -0.14
C SER K 286 -33.18 -23.38 0.37
N ARG K 287 -34.07 -22.90 -0.50
CA ARG K 287 -35.45 -22.58 -0.11
C ARG K 287 -36.16 -23.72 0.60
N TYR K 288 -36.11 -24.92 0.03
CA TYR K 288 -36.78 -26.05 0.69
C TYR K 288 -35.98 -26.46 1.91
N PHE K 289 -34.65 -26.39 1.85
CA PHE K 289 -33.88 -26.78 3.02
C PHE K 289 -34.32 -25.92 4.16
N MSE K 290 -34.65 -24.67 3.85
CA MSE K 290 -35.18 -23.72 4.81
C MSE K 290 -36.40 -24.31 5.50
O MSE K 290 -36.48 -24.30 6.73
CB MSE K 290 -35.54 -22.42 4.10
CG MSE K 290 -36.29 -21.39 4.96
SE MSE K 290 -38.16 -21.05 4.40
CE MSE K 290 -37.86 -20.49 2.51
N ARG K 291 -37.35 -24.80 4.70
CA ARG K 291 -38.61 -25.36 5.24
C ARG K 291 -38.38 -26.48 6.26
N ALA K 292 -37.52 -27.43 5.92
CA ALA K 292 -37.19 -28.52 6.83
C ALA K 292 -36.46 -28.04 8.08
N ARG K 293 -35.77 -26.89 7.98
CA ARG K 293 -35.13 -26.24 9.14
C ARG K 293 -36.21 -25.83 10.13
N LYS K 294 -37.18 -25.04 9.66
CA LYS K 294 -38.32 -24.62 10.51
C LYS K 294 -39.08 -25.84 11.02
N ALA K 295 -39.32 -26.81 10.15
CA ALA K 295 -40.08 -28.02 10.47
C ALA K 295 -39.37 -28.95 11.45
N SER K 296 -38.05 -28.82 11.58
CA SER K 296 -37.27 -29.60 12.53
C SER K 296 -37.44 -29.02 13.94
N GLY K 297 -37.75 -27.73 13.99
CA GLY K 297 -38.06 -27.01 15.22
C GLY K 297 -36.94 -26.63 16.16
N LEU K 298 -35.69 -26.77 15.72
CA LEU K 298 -34.55 -26.45 16.58
C LEU K 298 -34.39 -24.94 16.84
N SER K 299 -33.71 -24.62 17.95
CA SER K 299 -33.46 -23.26 18.42
C SER K 299 -31.99 -22.94 18.23
N PHE K 300 -31.68 -21.71 17.86
CA PHE K 300 -30.30 -21.33 17.66
C PHE K 300 -30.11 -19.90 18.13
N GLU K 301 -28.86 -19.52 18.37
CA GLU K 301 -28.51 -18.14 18.75
C GLU K 301 -28.27 -17.34 17.47
N GLY K 302 -28.87 -16.15 17.37
CA GLY K 302 -28.77 -15.33 16.17
C GLY K 302 -29.62 -15.84 15.00
N ASP K 303 -29.13 -15.66 13.76
CA ASP K 303 -29.77 -16.15 12.54
C ASP K 303 -29.58 -17.67 12.41
N PRO K 304 -30.59 -18.37 11.94
CA PRO K 304 -30.50 -19.84 11.77
C PRO K 304 -29.57 -20.23 10.62
N PRO K 305 -28.77 -21.29 10.75
CA PRO K 305 -27.90 -21.76 9.65
C PRO K 305 -28.68 -21.97 8.33
N THR K 306 -28.04 -21.95 7.16
CA THR K 306 -28.71 -22.35 5.92
C THR K 306 -27.83 -23.18 5.02
N PHE K 307 -28.39 -23.53 3.88
CA PHE K 307 -27.78 -24.53 3.04
C PHE K 307 -26.28 -24.40 2.93
N HIS K 308 -25.81 -23.25 2.49
CA HIS K 308 -24.40 -23.12 2.33
C HIS K 308 -23.74 -23.76 3.54
N GLU K 309 -24.32 -23.55 4.70
CA GLU K 309 -23.76 -24.07 5.94
C GLU K 309 -23.28 -25.48 5.80
N LEU K 310 -23.87 -26.17 4.84
CA LEU K 310 -23.56 -27.55 4.58
C LEU K 310 -22.15 -27.66 4.14
N ARG K 311 -21.74 -26.69 3.36
CA ARG K 311 -20.38 -26.70 2.90
C ARG K 311 -19.43 -26.50 4.09
N SER K 312 -19.82 -25.68 5.06
CA SER K 312 -19.00 -25.41 6.23
C SER K 312 -18.93 -26.62 7.17
N LEU K 313 -20.05 -27.30 7.33
CA LEU K 313 -20.00 -28.50 8.13
C LEU K 313 -19.11 -29.51 7.41
N SER K 314 -19.25 -29.58 6.09
CA SER K 314 -18.47 -30.48 5.25
C SER K 314 -16.96 -30.36 5.50
N ALA K 315 -16.46 -29.13 5.53
CA ALA K 315 -15.04 -28.86 5.80
C ALA K 315 -14.64 -29.24 7.23
N ARG K 316 -15.50 -28.90 8.18
CA ARG K 316 -15.30 -29.14 9.61
C ARG K 316 -15.16 -30.63 9.96
N LEU K 317 -15.91 -31.47 9.27
CA LEU K 317 -15.83 -32.91 9.51
C LEU K 317 -14.73 -33.58 8.66
N TYR K 318 -14.39 -32.94 7.53
CA TYR K 318 -13.26 -33.33 6.66
C TYR K 318 -11.92 -33.07 7.37
N GLU K 319 -11.85 -31.94 8.09
CA GLU K 319 -10.66 -31.55 8.84
C GLU K 319 -10.22 -32.63 9.83
N LYS K 320 -11.18 -33.11 10.62
CA LYS K 320 -10.89 -34.12 11.63
C LYS K 320 -10.80 -35.53 11.05
N GLN K 321 -11.59 -35.84 10.01
CA GLN K 321 -11.54 -37.19 9.41
C GLN K 321 -10.20 -37.51 8.76
N ILE K 322 -9.80 -36.76 7.74
CA ILE K 322 -8.46 -37.04 7.21
C ILE K 322 -7.43 -35.90 7.41
N SER K 323 -7.62 -34.70 6.84
CA SER K 323 -6.67 -33.59 7.09
C SER K 323 -7.10 -32.19 6.69
N ASP K 324 -6.45 -31.19 7.29
CA ASP K 324 -6.58 -29.73 7.04
C ASP K 324 -6.34 -29.32 5.58
N LYS K 325 -5.35 -30.00 5.01
CA LYS K 325 -4.88 -29.84 3.62
C LYS K 325 -5.90 -30.41 2.62
N PHE K 326 -6.62 -31.44 3.06
CA PHE K 326 -7.67 -32.05 2.28
C PHE K 326 -8.92 -31.14 2.18
N ALA K 327 -9.41 -30.65 3.33
CA ALA K 327 -10.55 -29.71 3.44
C ALA K 327 -10.35 -28.47 2.59
N GLN K 328 -9.13 -27.96 2.64
CA GLN K 328 -8.70 -26.85 1.82
C GLN K 328 -8.81 -27.20 0.31
N HIS K 329 -8.36 -28.38 -0.11
CA HIS K 329 -8.36 -28.71 -1.53
C HIS K 329 -9.71 -28.99 -2.19
N LEU K 330 -10.62 -29.60 -1.43
CA LEU K 330 -11.94 -29.92 -1.98
C LEU K 330 -12.81 -28.69 -2.16
N LEU K 331 -12.70 -27.77 -1.22
CA LEU K 331 -13.49 -26.55 -1.23
C LEU K 331 -13.25 -25.64 -2.47
N GLY K 332 -12.27 -25.99 -3.33
CA GLY K 332 -11.86 -25.15 -4.47
C GLY K 332 -11.35 -23.83 -3.92
N HIS K 333 -10.32 -23.96 -3.11
CA HIS K 333 -9.99 -22.96 -2.12
C HIS K 333 -8.47 -22.90 -2.05
N LYS K 334 -7.93 -21.71 -2.32
CA LYS K 334 -6.48 -21.49 -2.44
C LYS K 334 -5.79 -20.81 -1.25
N SER K 335 -6.35 -19.67 -0.82
CA SER K 335 -5.71 -18.83 0.22
C SER K 335 -5.53 -19.49 1.62
N ASP K 336 -4.62 -18.90 2.41
CA ASP K 336 -4.28 -19.34 3.79
C ASP K 336 -4.59 -18.22 4.90
N THR K 337 -5.71 -17.49 4.73
CA THR K 337 -6.27 -16.47 5.66
C THR K 337 -7.66 -16.92 6.22
N MSE K 338 -8.20 -17.96 5.56
CA MSE K 338 -9.58 -18.48 5.70
C MSE K 338 -9.77 -19.94 6.15
O MSE K 338 -10.79 -20.27 6.75
CB MSE K 338 -10.29 -18.33 4.34
CG MSE K 338 -10.71 -16.89 3.95
SE MSE K 338 -12.65 -16.77 3.49
CE MSE K 338 -13.38 -16.40 5.42
N ALA K 339 -8.81 -20.82 5.84
CA ALA K 339 -8.84 -22.19 6.35
C ALA K 339 -8.80 -22.02 7.86
N SER K 340 -8.52 -20.77 8.23
CA SER K 340 -8.54 -20.26 9.59
C SER K 340 -9.63 -19.13 9.74
N GLN K 341 -10.81 -19.40 9.16
CA GLN K 341 -12.06 -18.61 9.26
C GLN K 341 -13.23 -19.41 8.62
N PHE K 342 -12.89 -20.61 8.15
CA PHE K 342 -13.83 -21.62 7.69
C PHE K 342 -13.59 -22.80 8.62
N ARG K 343 -13.00 -22.47 9.78
CA ARG K 343 -12.65 -23.42 10.86
C ARG K 343 -13.25 -22.95 12.22
N ASP K 344 -13.35 -21.62 12.37
CA ASP K 344 -13.90 -20.92 13.56
C ASP K 344 -15.36 -21.33 13.86
N ASP K 345 -15.64 -21.73 15.11
CA ASP K 345 -17.01 -22.12 15.46
C ASP K 345 -18.03 -20.96 15.63
N ARG K 346 -17.56 -19.76 16.01
CA ARG K 346 -18.42 -18.57 16.21
C ARG K 346 -19.30 -18.57 17.50
N GLY K 347 -18.83 -19.31 18.51
CA GLY K 347 -19.51 -19.42 19.80
C GLY K 347 -20.39 -20.64 20.07
N ARG K 348 -20.51 -21.54 19.09
CA ARG K 348 -21.42 -22.70 19.17
C ARG K 348 -21.07 -23.83 20.15
N GLU K 349 -20.10 -24.68 19.76
CA GLU K 349 -19.59 -25.79 20.58
C GLU K 349 -18.05 -25.65 20.83
N TRP K 350 -17.62 -26.04 22.04
CA TRP K 350 -16.25 -25.85 22.59
C TRP K 350 -15.07 -26.63 21.98
N ASP K 351 -14.19 -25.91 21.28
CA ASP K 351 -12.98 -26.46 20.63
C ASP K 351 -12.23 -27.31 21.64
N LYS K 352 -12.66 -28.56 21.74
CA LYS K 352 -12.05 -29.50 22.67
C LYS K 352 -10.55 -29.62 22.35
N ILE K 353 -9.72 -29.02 23.20
CA ILE K 353 -8.30 -29.20 23.09
C ILE K 353 -8.09 -30.61 23.60
N GLU K 354 -7.33 -31.41 22.87
CA GLU K 354 -7.07 -32.77 23.33
C GLU K 354 -5.76 -32.84 24.14
N ILE K 355 -5.29 -34.04 24.48
CA ILE K 355 -3.92 -34.21 24.99
C ILE K 355 -3.07 -33.91 23.73
N LYS K 356 -3.76 -33.40 22.67
CA LYS K 356 -3.31 -33.13 21.27
C LYS K 356 -3.31 -31.64 20.82
N ARG L 10 -7.03 61.97 6.64
CA ARG L 10 -6.03 60.84 6.58
C ARG L 10 -6.44 59.68 5.60
N ASP L 11 -5.39 58.95 5.21
CA ASP L 11 -5.43 57.84 4.23
C ASP L 11 -5.04 56.50 4.86
N LEU L 12 -4.62 56.49 6.14
CA LEU L 12 -3.80 55.38 6.70
C LEU L 12 -4.46 54.03 6.84
N PRO L 13 -4.12 53.14 5.89
CA PRO L 13 -4.73 51.83 5.74
C PRO L 13 -4.41 51.01 6.94
N PRO L 14 -5.29 50.05 7.13
CA PRO L 14 -5.44 49.27 8.36
C PRO L 14 -4.24 48.44 8.68
N ASN L 15 -3.94 48.24 9.97
CA ASN L 15 -2.75 47.58 10.53
C ASN L 15 -1.42 48.18 10.17
N LEU L 16 -1.42 49.27 9.41
CA LEU L 16 -0.20 49.99 9.08
C LEU L 16 -0.18 51.18 9.99
N TYR L 17 0.98 51.39 10.60
CA TYR L 17 1.15 52.39 11.65
C TYR L 17 2.32 53.25 11.27
N ILE L 18 2.41 54.47 11.76
CA ILE L 18 3.55 55.29 11.41
C ILE L 18 4.27 55.65 12.67
N ARG L 19 5.54 56.02 12.54
CA ARG L 19 6.32 56.43 13.71
C ARG L 19 6.63 57.94 13.81
N ASN L 20 7.29 58.36 14.90
CA ASN L 20 7.51 59.80 15.24
C ASN L 20 8.29 60.53 14.16
N ASN L 21 9.09 59.79 13.43
CA ASN L 21 9.91 60.35 12.41
C ASN L 21 9.20 60.63 11.10
N GLY L 22 8.26 59.75 10.87
CA GLY L 22 7.76 59.61 9.53
C GLY L 22 8.40 58.31 9.02
N TYR L 23 8.34 57.25 9.86
CA TYR L 23 8.64 55.84 9.51
C TYR L 23 7.43 54.92 9.46
N TYR L 24 7.34 54.18 8.37
CA TYR L 24 6.23 53.35 8.14
C TYR L 24 6.47 51.91 8.55
N CYS L 25 5.52 51.36 9.32
CA CYS L 25 5.43 49.94 9.62
C CYS L 25 3.98 49.28 9.59
N TYR L 26 4.04 48.03 9.13
CA TYR L 26 2.94 47.15 8.98
C TYR L 26 3.01 46.14 10.08
N ARG L 27 1.97 46.11 10.88
CA ARG L 27 1.95 45.21 12.02
C ARG L 27 1.05 44.06 11.67
N ASP L 28 1.72 42.92 11.66
CA ASP L 28 1.08 41.66 11.46
C ASP L 28 0.28 41.48 12.73
N PRO L 29 -1.04 41.44 12.66
CA PRO L 29 -1.91 41.25 13.83
C PRO L 29 -1.80 39.87 14.47
N ARG L 30 -1.43 38.93 13.63
CA ARG L 30 -1.30 37.53 14.00
C ARG L 30 -0.24 37.41 15.07
N THR L 31 0.97 37.74 14.72
CA THR L 31 1.97 37.58 15.72
C THR L 31 1.94 38.78 16.70
N GLY L 32 1.91 39.99 16.15
CA GLY L 32 2.00 41.26 16.91
C GLY L 32 3.23 42.10 16.51
N LYS L 33 4.01 41.40 15.72
CA LYS L 33 5.22 41.88 15.24
C LYS L 33 5.00 42.89 14.13
N GLU L 34 5.82 43.94 14.20
CA GLU L 34 5.74 45.08 13.33
C GLU L 34 6.78 44.83 12.23
N PHE L 35 6.57 45.49 11.08
CA PHE L 35 7.42 45.41 9.87
C PHE L 35 7.90 46.67 9.13
N GLY L 36 9.15 46.63 8.71
CA GLY L 36 9.70 47.82 8.12
C GLY L 36 9.42 47.93 6.66
N LEU L 37 9.09 49.14 6.22
CA LEU L 37 8.81 49.37 4.82
C LEU L 37 9.74 50.31 4.16
N GLY L 38 9.64 51.59 4.52
CA GLY L 38 10.54 52.60 3.99
C GLY L 38 10.08 53.98 4.37
N ARG L 39 10.43 54.99 3.56
CA ARG L 39 9.90 56.31 3.83
C ARG L 39 8.69 56.76 2.96
N ASP L 40 8.38 56.09 1.84
CA ASP L 40 7.35 56.64 0.92
C ASP L 40 5.98 56.09 1.01
N ARG L 41 5.05 56.92 1.56
CA ARG L 41 3.61 56.65 1.87
C ARG L 41 2.82 55.93 0.79
N ARG L 42 2.90 56.52 -0.39
CA ARG L 42 2.37 55.97 -1.61
C ARG L 42 2.82 54.52 -1.76
N ILE L 43 4.13 54.21 -1.65
CA ILE L 43 4.58 52.82 -1.82
C ILE L 43 4.14 51.90 -0.68
N ALA L 44 4.06 52.51 0.50
CA ALA L 44 3.73 51.88 1.81
C ALA L 44 2.38 51.30 1.73
N ILE L 45 1.48 52.23 1.51
CA ILE L 45 0.14 51.93 1.29
C ILE L 45 0.05 50.75 0.35
N THR L 46 0.69 50.88 -0.79
CA THR L 46 0.53 49.88 -1.85
C THR L 46 0.65 48.52 -1.26
N GLU L 47 1.81 48.27 -0.69
CA GLU L 47 2.11 46.95 -0.29
C GLU L 47 1.29 46.61 0.88
N ALA L 48 0.82 47.65 1.53
CA ALA L 48 0.00 47.49 2.69
C ALA L 48 -1.23 46.75 2.31
N ILE L 49 -2.01 47.32 1.41
CA ILE L 49 -3.24 46.60 1.17
C ILE L 49 -2.93 45.23 0.67
N GLN L 50 -1.91 45.13 -0.17
CA GLN L 50 -1.44 43.83 -0.62
C GLN L 50 -1.57 42.87 0.59
N ALA L 51 -1.02 43.32 1.70
CA ALA L 51 -0.90 42.54 2.91
C ALA L 51 -2.20 42.14 3.36
N ASN L 52 -3.08 43.09 3.15
CA ASN L 52 -4.41 43.01 3.71
C ASN L 52 -5.43 42.24 2.95
N ILE L 53 -5.00 41.85 1.75
CA ILE L 53 -5.73 40.84 0.98
C ILE L 53 -5.30 39.45 1.50
N GLU L 54 -4.00 39.30 1.81
CA GLU L 54 -3.41 38.03 2.22
C GLU L 54 -4.08 37.38 3.37
N LEU L 55 -4.28 38.13 4.46
CA LEU L 55 -4.91 37.63 5.71
C LEU L 55 -6.34 37.70 5.61
N PHE L 56 -6.72 38.91 5.25
CA PHE L 56 -8.06 39.10 4.87
C PHE L 56 -8.25 39.84 3.50
N SER L 57 -8.82 39.05 2.60
CA SER L 57 -9.47 39.57 1.43
C SER L 57 -10.94 39.40 1.75
N GLY L 58 -11.65 40.51 1.54
CA GLY L 58 -13.01 40.73 2.02
C GLY L 58 -12.77 41.55 3.29
N HIS L 59 -13.74 41.57 4.23
CA HIS L 59 -13.73 42.14 5.67
C HIS L 59 -15.19 41.99 6.20
N LYS L 60 -15.99 42.17 5.12
CA LYS L 60 -17.40 42.01 5.02
C LYS L 60 -17.62 40.48 4.91
N HIS L 61 -18.89 40.17 5.28
CA HIS L 61 -19.64 38.94 5.08
C HIS L 61 -20.98 39.50 5.00
N LYS L 62 -21.80 38.66 4.47
CA LYS L 62 -23.17 38.92 4.71
C LYS L 62 -23.46 38.49 6.18
N PRO L 63 -23.98 39.35 7.06
CA PRO L 63 -24.68 38.83 8.24
C PRO L 63 -25.46 37.58 7.84
N LEU L 64 -26.01 37.52 6.62
CA LEU L 64 -26.43 36.25 6.08
C LEU L 64 -25.09 35.43 5.86
N THR L 65 -24.30 35.17 6.94
CA THR L 65 -23.13 34.22 7.03
C THR L 65 -22.83 34.13 8.52
N ALA L 66 -23.95 34.34 9.21
CA ALA L 66 -24.27 34.07 10.63
C ALA L 66 -24.80 32.66 10.64
N ARG L 67 -25.87 32.45 9.86
CA ARG L 67 -26.43 31.12 9.54
C ARG L 67 -25.31 30.24 8.86
N ILE L 68 -24.08 30.18 9.41
CA ILE L 68 -22.99 29.31 8.89
C ILE L 68 -21.74 29.37 9.77
N ASN L 69 -21.44 30.61 10.25
CA ASN L 69 -20.33 30.94 11.16
C ASN L 69 -20.47 30.23 12.49
N SER L 70 -21.69 30.22 13.00
CA SER L 70 -22.04 29.67 14.36
C SER L 70 -21.69 28.19 14.64
N ASP L 71 -22.74 27.37 14.38
CA ASP L 71 -22.77 25.93 14.44
C ASP L 71 -21.58 25.33 13.71
N ASN L 72 -20.78 26.18 12.97
CA ASN L 72 -19.48 25.81 12.35
C ASN L 72 -18.59 25.90 13.53
N SER L 73 -18.86 26.91 14.39
CA SER L 73 -17.85 27.15 15.41
C SER L 73 -17.89 26.35 16.72
N VAL L 74 -16.82 25.51 16.67
CA VAL L 74 -16.44 24.42 17.55
C VAL L 74 -15.02 24.52 17.91
N THR L 75 -14.85 23.92 19.08
CA THR L 75 -13.69 24.00 19.91
C THR L 75 -13.34 22.64 20.49
N LEU L 76 -12.04 22.38 20.56
CA LEU L 76 -11.52 21.08 20.92
C LEU L 76 -12.16 20.44 22.09
N HIS L 77 -11.99 21.05 23.24
CA HIS L 77 -12.49 20.42 24.42
C HIS L 77 -14.00 20.18 24.26
N SER L 78 -14.74 21.15 23.71
CA SER L 78 -16.20 21.02 23.52
C SER L 78 -16.61 19.82 22.63
N TRP L 79 -15.73 19.43 21.74
CA TRP L 79 -15.98 18.37 20.82
C TRP L 79 -15.57 17.09 21.42
N LEU L 80 -14.45 17.13 22.10
CA LEU L 80 -13.92 15.97 22.79
C LEU L 80 -14.99 15.54 23.71
N ASP L 81 -15.63 16.55 24.28
CA ASP L 81 -16.77 16.39 25.16
C ASP L 81 -17.83 15.54 24.42
N ARG L 82 -18.16 15.88 23.20
CA ARG L 82 -19.13 15.00 22.55
C ARG L 82 -18.47 13.77 21.90
N TYR L 83 -17.17 13.85 21.66
CA TYR L 83 -16.47 12.71 21.11
C TYR L 83 -16.76 11.62 22.05
N GLU L 84 -16.44 11.90 23.30
CA GLU L 84 -16.63 10.98 24.39
C GLU L 84 -17.93 10.23 24.18
N LYS L 85 -19.03 10.99 24.16
CA LYS L 85 -20.37 10.42 24.03
C LYS L 85 -20.53 9.46 22.88
N ILE L 86 -19.89 9.72 21.74
CA ILE L 86 -20.14 8.78 20.68
C ILE L 86 -19.40 7.49 20.90
N LEU L 87 -18.33 7.57 21.67
CA LEU L 87 -17.59 6.40 22.04
C LEU L 87 -18.48 5.51 22.85
N ALA L 88 -19.11 6.06 23.90
CA ALA L 88 -20.02 5.27 24.77
C ALA L 88 -21.06 4.42 24.00
N SER L 89 -21.43 4.93 22.82
CA SER L 89 -22.38 4.29 21.92
C SER L 89 -21.78 3.17 21.07
N ARG L 90 -20.51 3.28 20.67
CA ARG L 90 -19.84 2.29 19.81
C ARG L 90 -19.94 0.81 20.22
N GLY L 91 -20.28 0.56 21.50
CA GLY L 91 -20.46 -0.77 22.07
C GLY L 91 -19.17 -1.53 22.22
N ILE L 92 -18.46 -1.23 23.29
CA ILE L 92 -17.18 -1.87 23.51
C ILE L 92 -17.04 -2.18 24.97
N LYS L 93 -15.96 -2.86 25.34
CA LYS L 93 -15.82 -3.28 26.75
C LYS L 93 -15.39 -2.16 27.67
N GLN L 94 -16.01 -2.13 28.82
CA GLN L 94 -15.84 -1.02 29.73
C GLN L 94 -14.37 -0.53 29.89
N LYS L 95 -13.37 -1.43 29.86
CA LYS L 95 -11.94 -1.02 30.01
C LYS L 95 -11.39 -0.32 28.80
N THR L 96 -11.72 -0.84 27.62
CA THR L 96 -11.32 -0.23 26.36
C THR L 96 -11.63 1.26 26.47
N LEU L 97 -12.90 1.52 26.75
CA LEU L 97 -13.40 2.84 26.96
C LEU L 97 -12.45 3.67 27.81
N ILE L 98 -12.19 3.25 29.06
CA ILE L 98 -11.34 4.07 29.93
C ILE L 98 -9.90 4.23 29.39
N ASN L 99 -9.39 3.23 28.69
CA ASN L 99 -8.10 3.38 28.06
C ASN L 99 -8.25 4.66 27.28
N TYR L 100 -9.19 4.60 26.36
CA TYR L 100 -9.49 5.69 25.50
C TYR L 100 -9.62 7.01 26.24
N MSE L 101 -10.44 6.99 27.27
CA MSE L 101 -10.73 8.20 28.03
C MSE L 101 -9.49 8.83 28.64
O MSE L 101 -9.40 10.06 28.71
CB MSE L 101 -11.81 7.97 29.08
CG MSE L 101 -13.12 7.45 28.46
SE MSE L 101 -14.45 8.81 28.08
CE MSE L 101 -15.51 8.81 29.99
N SER L 102 -8.55 7.99 29.05
CA SER L 102 -7.27 8.42 29.57
C SER L 102 -6.56 9.20 28.48
N LYS L 103 -6.62 8.68 27.28
CA LYS L 103 -5.99 9.34 26.19
C LYS L 103 -6.57 10.72 26.08
N ILE L 104 -7.87 10.75 25.84
CA ILE L 104 -8.61 11.98 25.77
C ILE L 104 -7.99 12.96 26.74
N LYS L 105 -8.21 12.70 28.01
CA LYS L 105 -7.65 13.50 29.09
C LYS L 105 -6.24 13.97 28.66
N ALA L 106 -5.34 13.04 28.37
CA ALA L 106 -4.00 13.43 27.99
C ALA L 106 -4.11 14.62 27.02
N ILE L 107 -4.94 14.50 25.98
CA ILE L 107 -5.12 15.56 24.98
C ILE L 107 -5.53 16.87 25.59
N ARG L 108 -6.59 16.81 26.39
CA ARG L 108 -7.11 18.00 27.02
C ARG L 108 -5.93 18.80 27.51
N ARG L 109 -5.05 18.11 28.25
CA ARG L 109 -3.87 18.67 28.94
C ARG L 109 -2.71 19.04 28.01
N GLY L 110 -2.74 18.56 26.79
CA GLY L 110 -1.67 18.90 25.89
C GLY L 110 -2.07 20.06 25.04
N LEU L 111 -3.35 20.21 24.78
CA LEU L 111 -3.72 21.21 23.82
C LEU L 111 -4.70 22.27 24.24
N PRO L 112 -4.51 23.46 23.66
CA PRO L 112 -5.44 24.58 23.81
C PRO L 112 -6.89 24.18 23.56
N ASP L 113 -7.78 24.97 24.10
CA ASP L 113 -9.14 24.71 23.82
C ASP L 113 -9.57 25.70 22.78
N ALA L 114 -8.93 25.70 21.65
CA ALA L 114 -9.38 26.62 20.64
C ALA L 114 -10.30 25.88 19.62
N PRO L 115 -10.58 26.44 18.42
CA PRO L 115 -11.43 25.76 17.42
C PRO L 115 -10.65 24.81 16.57
N LEU L 116 -11.34 23.77 16.16
CA LEU L 116 -10.71 22.68 15.45
C LEU L 116 -9.81 23.06 14.31
N GLU L 117 -10.37 23.86 13.42
CA GLU L 117 -9.72 24.32 12.21
C GLU L 117 -8.35 24.95 12.46
N ASP L 118 -8.21 25.50 13.66
CA ASP L 118 -7.03 26.27 14.09
C ASP L 118 -5.93 25.45 14.76
N ILE L 119 -6.14 24.16 14.90
CA ILE L 119 -5.16 23.31 15.50
C ILE L 119 -4.25 22.94 14.36
N THR L 120 -2.95 23.12 14.59
CA THR L 120 -1.96 22.77 13.57
C THR L 120 -1.28 21.49 13.82
N THR L 121 -1.18 20.78 12.74
CA THR L 121 -0.22 19.75 12.61
C THR L 121 0.85 20.01 13.67
N LYS L 122 1.62 21.09 13.45
CA LYS L 122 2.74 21.51 14.29
C LYS L 122 2.46 21.32 15.76
N GLU L 123 1.40 21.95 16.23
CA GLU L 123 1.14 21.89 17.65
C GLU L 123 0.95 20.47 18.06
N ILE L 124 0.37 19.67 17.18
CA ILE L 124 0.08 18.30 17.51
C ILE L 124 1.35 17.57 17.72
N ALA L 125 2.19 17.65 16.72
CA ALA L 125 3.45 17.00 16.82
C ALA L 125 4.09 17.38 18.10
N ALA L 126 4.21 18.69 18.23
CA ALA L 126 4.78 19.33 19.39
C ALA L 126 4.44 18.53 20.62
N MSE L 127 3.17 18.50 20.98
CA MSE L 127 2.81 17.72 22.11
C MSE L 127 3.21 16.23 21.94
O MSE L 127 3.74 15.62 22.86
CB MSE L 127 1.34 17.93 22.36
CG MSE L 127 0.77 17.04 23.43
SE MSE L 127 -0.80 15.97 22.82
CE MSE L 127 -0.17 15.49 20.97
N LEU L 128 2.98 15.64 20.77
CA LEU L 128 3.27 14.23 20.63
C LEU L 128 4.71 13.99 20.99
N ASN L 129 5.58 14.78 20.38
CA ASN L 129 6.99 14.63 20.62
C ASN L 129 7.31 14.78 22.10
N GLY L 130 6.52 15.58 22.81
CA GLY L 130 6.72 15.77 24.24
C GLY L 130 6.72 14.42 24.94
N TYR L 131 5.85 13.53 24.45
CA TYR L 131 5.68 12.20 25.00
C TYR L 131 6.80 11.24 24.57
N ILE L 132 7.39 11.53 23.43
CA ILE L 132 8.54 10.79 22.93
C ILE L 132 9.75 11.01 23.81
N ASP L 133 10.04 12.31 23.97
CA ASP L 133 11.24 12.82 24.63
C ASP L 133 11.38 12.28 26.04
N GLU L 134 10.25 12.14 26.74
CA GLU L 134 10.17 11.55 28.10
C GLU L 134 10.37 10.00 28.08
N GLY L 135 10.35 9.41 26.87
CA GLY L 135 10.54 7.98 26.66
C GLY L 135 9.25 7.18 26.64
N LYS L 136 8.14 7.88 26.60
CA LYS L 136 6.82 7.25 26.61
C LYS L 136 6.32 7.06 25.17
N ALA L 137 7.22 6.48 24.40
CA ALA L 137 6.99 6.11 23.03
C ALA L 137 5.57 5.66 22.87
N ALA L 138 5.34 4.44 23.25
CA ALA L 138 4.07 3.85 22.95
C ALA L 138 2.87 4.76 23.15
N SER L 139 2.84 5.47 24.27
CA SER L 139 1.67 6.27 24.58
C SER L 139 1.40 7.11 23.38
N ALA L 140 2.44 7.79 22.94
CA ALA L 140 2.31 8.72 21.83
C ALA L 140 1.45 8.10 20.78
N LYS L 141 1.79 6.86 20.46
CA LYS L 141 1.09 6.20 19.41
C LYS L 141 -0.39 6.30 19.69
N LEU L 142 -0.79 5.81 20.86
CA LEU L 142 -2.21 5.72 21.14
C LEU L 142 -2.86 7.06 21.27
N ILE L 143 -2.13 8.01 21.78
CA ILE L 143 -2.67 9.31 21.84
C ILE L 143 -2.99 9.71 20.45
N ARG L 144 -1.95 9.69 19.64
CA ARG L 144 -2.07 9.95 18.24
C ARG L 144 -3.30 9.25 17.79
N SER L 145 -3.16 7.94 17.65
CA SER L 145 -4.20 7.11 17.13
C SER L 145 -5.56 7.66 17.48
N THR L 146 -5.77 7.89 18.75
CA THR L 146 -7.06 8.34 19.12
C THR L 146 -7.31 9.70 18.61
N LEU L 147 -6.44 10.62 18.95
CA LEU L 147 -6.68 11.96 18.53
C LEU L 147 -7.19 11.93 17.12
N SER L 148 -6.47 11.16 16.32
CA SER L 148 -6.80 11.05 14.93
C SER L 148 -8.24 10.78 14.82
N ASP L 149 -8.66 9.72 15.50
CA ASP L 149 -10.01 9.30 15.30
C ASP L 149 -10.97 10.40 15.60
N ALA L 150 -10.77 11.03 16.73
CA ALA L 150 -11.68 12.05 17.14
C ALA L 150 -11.84 13.01 16.02
N PHE L 151 -10.72 13.33 15.40
CA PHE L 151 -10.83 14.21 14.30
C PHE L 151 -11.69 13.61 13.24
N ARG L 152 -11.36 12.42 12.79
CA ARG L 152 -12.13 11.81 11.72
C ARG L 152 -13.60 12.06 11.91
N GLU L 153 -14.13 11.54 12.99
CA GLU L 153 -15.56 11.71 13.20
C GLU L 153 -15.91 13.20 13.40
N ALA L 154 -14.96 14.01 13.81
CA ALA L 154 -15.22 15.42 13.81
C ALA L 154 -15.61 15.80 12.40
N ILE L 155 -14.83 15.32 11.46
CA ILE L 155 -15.12 15.71 10.12
C ILE L 155 -16.30 15.03 9.63
N ALA L 156 -16.58 13.88 10.24
CA ALA L 156 -17.77 13.10 9.86
C ALA L 156 -19.00 13.94 10.13
N GLU L 157 -18.88 14.87 11.07
CA GLU L 157 -20.00 15.75 11.30
C GLU L 157 -19.68 17.12 10.89
N GLY L 158 -18.71 17.15 9.98
CA GLY L 158 -18.37 18.31 9.20
C GLY L 158 -18.09 19.63 9.90
N HIS L 159 -17.42 19.60 11.02
CA HIS L 159 -17.02 20.89 11.53
C HIS L 159 -15.67 21.18 10.86
N ILE L 160 -15.07 20.14 10.35
CA ILE L 160 -13.80 20.31 9.75
C ILE L 160 -13.74 19.66 8.41
N THR L 161 -12.61 19.99 7.78
CA THR L 161 -12.26 19.71 6.42
C THR L 161 -11.19 18.62 6.25
N THR L 162 -10.27 18.69 7.22
CA THR L 162 -8.96 18.11 7.19
C THR L 162 -8.39 17.53 8.46
N ASN L 163 -7.96 16.28 8.40
CA ASN L 163 -7.40 15.71 9.59
C ASN L 163 -5.98 16.13 9.70
N HIS L 164 -5.68 17.12 10.52
CA HIS L 164 -4.29 17.49 10.50
C HIS L 164 -3.41 16.41 11.05
N VAL L 165 -3.95 15.55 11.88
CA VAL L 165 -3.15 14.52 12.49
C VAL L 165 -2.48 13.68 11.47
N ALA L 166 -3.31 13.23 10.54
CA ALA L 166 -2.96 12.20 9.57
C ALA L 166 -1.60 12.45 8.97
N ALA L 167 -1.24 13.71 8.88
CA ALA L 167 0.03 13.97 8.28
C ALA L 167 1.14 13.52 9.25
N THR L 168 0.83 13.38 10.52
CA THR L 168 1.90 13.05 11.42
C THR L 168 2.29 11.59 11.40
N ARG L 169 3.50 11.29 11.85
CA ARG L 169 3.84 9.89 11.95
C ARG L 169 3.95 9.34 13.40
N ALA L 170 3.57 8.06 13.45
CA ALA L 170 3.50 7.22 14.64
C ALA L 170 4.86 6.80 15.13
N ALA L 171 5.17 7.07 16.37
CA ALA L 171 6.46 6.56 16.75
C ALA L 171 6.35 5.04 16.66
N LYS L 172 7.44 4.43 16.23
CA LYS L 172 7.45 3.00 16.21
C LYS L 172 8.29 2.68 17.41
N SER L 173 7.82 1.70 18.21
CA SER L 173 8.49 1.27 19.48
C SER L 173 8.91 -0.18 19.60
N GLU L 174 10.15 -0.30 20.03
CA GLU L 174 10.73 -1.59 20.31
C GLU L 174 10.24 -2.01 21.70
N VAL L 175 9.66 -3.22 21.80
CA VAL L 175 9.23 -3.87 23.06
C VAL L 175 10.39 -4.01 24.01
N ARG L 176 10.24 -3.51 25.23
CA ARG L 176 11.31 -3.55 26.22
C ARG L 176 11.28 -4.77 27.19
N ARG L 177 10.10 -5.14 27.64
CA ARG L 177 9.92 -6.27 28.57
C ARG L 177 10.73 -7.47 28.09
N SER L 178 11.67 -7.91 28.91
CA SER L 178 12.44 -9.09 28.53
C SER L 178 11.66 -10.35 28.83
N ARG L 179 12.14 -11.44 28.24
CA ARG L 179 11.58 -12.76 28.41
C ARG L 179 12.00 -13.42 29.73
N LEU L 180 11.32 -14.49 30.04
CA LEU L 180 11.58 -15.25 31.26
C LEU L 180 12.08 -16.64 30.84
N THR L 181 13.25 -17.05 31.34
CA THR L 181 13.79 -18.41 31.07
C THR L 181 13.43 -19.36 32.20
N ALA L 182 13.46 -20.66 31.90
CA ALA L 182 13.13 -21.72 32.85
C ALA L 182 13.86 -21.61 34.20
N ASP L 183 15.17 -21.31 34.13
CA ASP L 183 16.02 -21.15 35.34
C ASP L 183 15.47 -20.06 36.27
N GLU L 184 15.18 -18.89 35.69
CA GLU L 184 14.67 -17.72 36.42
C GLU L 184 13.36 -18.02 37.17
N TYR L 185 12.39 -18.61 36.48
CA TYR L 185 11.11 -18.97 37.11
C TYR L 185 11.40 -19.77 38.35
N LEU L 186 12.21 -20.81 38.21
CA LEU L 186 12.62 -21.62 39.34
C LEU L 186 13.12 -20.66 40.43
N LYS L 187 14.03 -19.74 40.09
CA LYS L 187 14.57 -18.87 41.15
C LYS L 187 13.54 -17.93 41.78
N ILE L 188 12.52 -17.57 41.00
CA ILE L 188 11.41 -16.76 41.51
C ILE L 188 10.48 -17.62 42.38
N TYR L 189 10.10 -18.80 41.88
CA TYR L 189 9.26 -19.75 42.65
C TYR L 189 9.83 -19.92 44.04
N GLN L 190 11.16 -19.95 44.12
CA GLN L 190 11.87 -20.11 45.38
C GLN L 190 11.72 -18.89 46.30
N ALA L 191 11.89 -17.69 45.74
CA ALA L 191 11.75 -16.46 46.52
C ALA L 191 10.30 -16.25 46.98
N ALA L 192 9.37 -16.84 46.24
CA ALA L 192 7.93 -16.75 46.52
C ALA L 192 7.52 -17.45 47.81
N GLU L 193 8.52 -17.98 48.55
CA GLU L 193 8.25 -18.69 49.80
C GLU L 193 7.70 -17.77 50.91
N SER L 194 8.24 -16.55 50.98
CA SER L 194 7.79 -15.54 51.95
C SER L 194 6.39 -15.01 51.60
N SER L 195 5.96 -15.31 50.38
CA SER L 195 4.67 -14.86 49.88
C SER L 195 3.57 -15.85 50.24
N PRO L 196 2.34 -15.37 50.39
CA PRO L 196 1.20 -16.25 50.64
C PRO L 196 1.16 -17.38 49.63
N CYS L 197 0.64 -18.51 50.10
CA CYS L 197 0.63 -19.75 49.33
C CYS L 197 0.08 -19.73 47.88
N TRP L 198 -0.98 -18.96 47.62
CA TRP L 198 -1.61 -18.97 46.28
C TRP L 198 -0.69 -18.52 45.19
N LEU L 199 0.24 -17.63 45.54
CA LEU L 199 1.19 -17.11 44.58
C LEU L 199 1.78 -18.26 43.81
N ARG L 200 2.44 -19.14 44.56
CA ARG L 200 3.07 -20.32 44.00
C ARG L 200 2.08 -21.02 43.06
N LEU L 201 0.94 -21.42 43.61
CA LEU L 201 -0.06 -22.15 42.84
C LEU L 201 -0.46 -21.43 41.58
N ALA L 202 -0.74 -20.13 41.70
CA ALA L 202 -1.09 -19.32 40.55
C ALA L 202 0.02 -19.47 39.51
N MSE L 203 1.27 -19.30 39.95
CA MSE L 203 2.42 -19.37 39.07
C MSE L 203 2.42 -20.69 38.30
O MSE L 203 2.38 -20.69 37.06
CB MSE L 203 3.71 -19.19 39.87
CG MSE L 203 3.87 -17.77 40.38
SE MSE L 203 5.35 -17.57 41.61
CE MSE L 203 6.81 -18.09 40.43
N GLU L 204 2.44 -21.79 39.05
CA GLU L 204 2.39 -23.12 38.45
C GLU L 204 1.21 -23.14 37.45
N LEU L 205 0.00 -22.90 37.96
CA LEU L 205 -1.21 -22.89 37.14
C LEU L 205 -1.01 -22.13 35.85
N ALA L 206 -0.48 -20.92 35.97
CA ALA L 206 -0.27 -20.04 34.84
C ALA L 206 0.58 -20.68 33.75
N VAL L 207 1.66 -21.33 34.17
CA VAL L 207 2.59 -21.94 33.23
C VAL L 207 1.93 -23.14 32.58
N VAL L 208 1.27 -23.92 33.43
CA VAL L 208 0.65 -25.16 33.00
C VAL L 208 -0.52 -24.94 32.07
N THR L 209 -1.29 -23.88 32.33
CA THR L 209 -2.46 -23.62 31.53
C THR L 209 -2.13 -22.62 30.45
N GLY L 210 -1.03 -21.89 30.63
CA GLY L 210 -0.63 -20.86 29.70
C GLY L 210 -1.78 -19.91 29.48
N GLN L 211 -2.54 -19.69 30.54
CA GLN L 211 -3.73 -18.86 30.47
C GLN L 211 -3.51 -17.45 31.02
N ARG L 212 -4.33 -16.52 30.55
CA ARG L 212 -4.25 -15.12 30.92
C ARG L 212 -4.53 -15.01 32.39
N VAL L 213 -3.69 -14.26 33.07
CA VAL L 213 -3.93 -13.98 34.47
C VAL L 213 -5.40 -13.54 34.65
N GLY L 214 -5.86 -12.58 33.84
CA GLY L 214 -7.23 -12.08 33.89
C GLY L 214 -8.26 -13.18 33.89
N ASP L 215 -7.99 -14.25 33.14
CA ASP L 215 -8.89 -15.38 33.10
C ASP L 215 -8.64 -16.35 34.23
N LEU L 216 -7.38 -16.48 34.62
CA LEU L 216 -6.94 -17.36 35.71
C LEU L 216 -7.73 -17.06 36.97
N CYS L 217 -7.89 -15.78 37.26
CA CYS L 217 -8.58 -15.34 38.46
C CYS L 217 -10.09 -15.50 38.36
N GLU L 218 -10.56 -16.01 37.23
CA GLU L 218 -11.99 -16.16 37.04
C GLU L 218 -12.45 -17.62 36.91
N MSE L 219 -11.49 -18.54 36.97
CA MSE L 219 -11.76 -19.97 36.86
C MSE L 219 -12.49 -20.45 38.10
O MSE L 219 -12.02 -20.23 39.22
CB MSE L 219 -10.44 -20.78 36.75
CG MSE L 219 -9.41 -20.36 35.64
SE MSE L 219 -7.63 -21.34 35.63
CE MSE L 219 -7.25 -21.33 33.63
N LYS L 220 -13.64 -21.10 37.90
CA LYS L 220 -14.44 -21.70 38.98
C LYS L 220 -14.21 -23.23 39.03
N TRP L 221 -14.35 -23.85 40.19
CA TRP L 221 -14.22 -25.30 40.30
C TRP L 221 -15.35 -25.98 39.50
N SER L 222 -16.39 -25.20 39.20
CA SER L 222 -17.51 -25.64 38.36
C SER L 222 -17.14 -25.63 36.87
N ASP L 223 -15.99 -25.03 36.55
CA ASP L 223 -15.44 -24.96 35.19
C ASP L 223 -14.86 -26.32 34.73
N ILE L 224 -14.67 -27.25 35.68
CA ILE L 224 -14.08 -28.58 35.41
C ILE L 224 -15.12 -29.72 35.34
N VAL L 225 -15.21 -30.35 34.17
CA VAL L 225 -16.10 -31.50 33.94
C VAL L 225 -15.35 -32.67 33.26
N ASP L 226 -15.37 -33.85 33.88
CA ASP L 226 -14.74 -35.09 33.39
C ASP L 226 -13.29 -35.01 32.85
N GLY L 227 -12.42 -34.37 33.64
CA GLY L 227 -11.01 -34.21 33.32
C GLY L 227 -10.63 -33.06 32.39
N TYR L 228 -11.56 -32.11 32.17
CA TYR L 228 -11.37 -30.99 31.26
C TYR L 228 -11.70 -29.63 31.92
N LEU L 229 -10.79 -28.65 31.80
CA LEU L 229 -11.03 -27.32 32.34
C LEU L 229 -11.55 -26.40 31.24
N TYR L 230 -12.79 -25.92 31.42
CA TYR L 230 -13.42 -25.03 30.45
C TYR L 230 -13.03 -23.59 30.73
N VAL L 231 -12.48 -22.92 29.73
CA VAL L 231 -12.16 -21.51 29.91
C VAL L 231 -12.74 -20.66 28.80
N GLU L 232 -13.38 -19.58 29.22
CA GLU L 232 -13.94 -18.60 28.32
C GLU L 232 -13.05 -17.36 28.44
N GLN L 233 -12.17 -17.17 27.51
CA GLN L 233 -11.21 -16.07 27.51
C GLN L 233 -11.87 -14.69 27.46
N SER L 234 -11.66 -13.90 28.44
CA SER L 234 -12.28 -12.58 28.61
C SER L 234 -11.89 -11.61 27.48
N LYS L 235 -10.61 -11.65 27.09
CA LYS L 235 -10.02 -10.78 26.06
C LYS L 235 -10.58 -10.94 24.62
N THR L 236 -10.61 -12.18 24.09
CA THR L 236 -11.15 -12.39 22.71
C THR L 236 -12.36 -13.34 22.55
N GLY L 237 -12.86 -13.88 23.66
CA GLY L 237 -14.04 -14.74 23.65
C GLY L 237 -13.81 -16.17 23.22
N VAL L 238 -12.57 -16.52 22.90
CA VAL L 238 -12.23 -17.88 22.46
C VAL L 238 -12.52 -18.86 23.59
N LYS L 239 -13.11 -19.99 23.21
CA LYS L 239 -13.51 -21.03 24.15
C LYS L 239 -12.60 -22.25 24.03
N ILE L 240 -12.06 -22.71 25.16
CA ILE L 240 -11.19 -23.88 25.18
C ILE L 240 -11.46 -24.80 26.38
N ALA L 241 -11.09 -26.06 26.21
CA ALA L 241 -11.18 -27.06 27.26
C ALA L 241 -9.81 -27.69 27.43
N ILE L 242 -9.15 -27.35 28.53
CA ILE L 242 -7.81 -27.86 28.81
C ILE L 242 -7.91 -29.16 29.61
N PRO L 243 -7.31 -30.24 29.10
CA PRO L 243 -7.29 -31.54 29.81
C PRO L 243 -6.42 -31.55 31.09
N THR L 244 -6.95 -32.11 32.18
CA THR L 244 -6.27 -32.17 33.50
C THR L 244 -5.03 -33.04 33.51
N ALA L 245 -4.63 -33.53 32.35
CA ALA L 245 -3.53 -34.46 32.26
C ALA L 245 -2.19 -33.85 31.84
N LEU L 246 -2.17 -32.55 31.58
CA LEU L 246 -0.94 -31.93 31.10
C LEU L 246 0.14 -31.85 32.17
N HIS L 247 1.38 -31.92 31.73
CA HIS L 247 2.52 -31.68 32.61
C HIS L 247 3.74 -31.10 31.90
N ILE L 248 4.37 -30.13 32.57
CA ILE L 248 5.55 -29.45 32.03
C ILE L 248 6.78 -30.16 32.61
N ASP L 249 7.49 -30.87 31.73
CA ASP L 249 8.65 -31.67 32.11
C ASP L 249 9.85 -30.86 32.59
N ALA L 250 10.17 -29.77 31.89
CA ALA L 250 11.34 -28.96 32.23
C ALA L 250 11.32 -28.35 33.65
N LEU L 251 10.14 -28.25 34.26
CA LEU L 251 10.01 -27.65 35.60
C LEU L 251 9.35 -28.55 36.65
N GLY L 252 8.94 -29.73 36.23
CA GLY L 252 8.37 -30.72 37.11
C GLY L 252 7.06 -30.30 37.75
N ILE L 253 6.09 -29.91 36.91
CA ILE L 253 4.79 -29.53 37.41
C ILE L 253 3.67 -30.25 36.65
N SER L 254 2.79 -30.92 37.39
CA SER L 254 1.65 -31.63 36.81
C SER L 254 0.36 -30.88 37.09
N MSE L 255 -0.41 -30.64 36.03
CA MSE L 255 -1.67 -29.92 36.14
C MSE L 255 -2.56 -30.53 37.20
O MSE L 255 -3.01 -29.82 38.10
CB MSE L 255 -2.43 -29.87 34.79
CG MSE L 255 -3.24 -28.57 34.62
SE MSE L 255 -4.59 -28.56 33.21
CE MSE L 255 -5.79 -27.20 33.92
N LYS L 256 -2.80 -31.83 37.11
CA LYS L 256 -3.66 -32.47 38.08
C LYS L 256 -3.11 -32.26 39.50
N GLU L 257 -1.81 -32.46 39.68
CA GLU L 257 -1.15 -32.28 40.99
C GLU L 257 -1.21 -30.83 41.47
N THR L 258 -1.12 -29.90 40.52
CA THR L 258 -1.22 -28.50 40.84
C THR L 258 -2.64 -28.16 41.29
N LEU L 259 -3.63 -28.65 40.54
CA LEU L 259 -5.06 -28.40 40.79
C LEU L 259 -5.55 -28.84 42.16
N ASP L 260 -5.14 -30.03 42.58
CA ASP L 260 -5.62 -30.54 43.86
C ASP L 260 -4.90 -29.93 45.09
N LYS L 261 -3.72 -29.34 44.89
CA LYS L 261 -3.07 -28.60 45.98
C LYS L 261 -3.89 -27.32 46.20
N CYS L 262 -4.53 -26.83 45.12
CA CYS L 262 -5.41 -25.66 45.15
C CYS L 262 -6.73 -25.93 45.88
N LYS L 263 -7.30 -27.13 45.71
CA LYS L 263 -8.54 -27.44 46.41
C LYS L 263 -8.31 -27.62 47.91
N GLU L 264 -7.20 -28.27 48.30
CA GLU L 264 -6.92 -28.47 49.73
C GLU L 264 -6.35 -27.24 50.49
N ILE L 265 -5.36 -26.55 49.92
CA ILE L 265 -4.72 -25.39 50.57
C ILE L 265 -5.51 -24.07 50.43
N LEU L 266 -6.20 -23.90 49.31
CA LEU L 266 -6.91 -22.65 49.04
C LEU L 266 -8.39 -22.68 49.38
N GLY L 267 -9.09 -23.73 48.94
CA GLY L 267 -10.50 -23.93 49.24
C GLY L 267 -11.40 -22.72 49.07
N GLY L 268 -12.07 -22.66 47.93
CA GLY L 268 -12.96 -21.55 47.62
C GLY L 268 -13.64 -21.83 46.29
N GLU L 269 -14.59 -20.97 45.87
CA GLU L 269 -15.30 -21.20 44.61
C GLU L 269 -14.36 -21.10 43.42
N THR L 270 -13.43 -20.16 43.51
CA THR L 270 -12.42 -19.94 42.50
C THR L 270 -11.29 -20.94 42.72
N ILE L 271 -10.65 -21.39 41.64
CA ILE L 271 -9.51 -22.30 41.78
C ILE L 271 -8.33 -21.55 42.41
N ILE L 272 -8.13 -20.30 42.01
CA ILE L 272 -7.16 -19.42 42.67
C ILE L 272 -7.97 -18.54 43.62
N ALA L 273 -7.58 -18.50 44.90
CA ALA L 273 -8.32 -17.74 45.91
C ALA L 273 -7.44 -17.09 46.99
N SER L 274 -8.02 -16.14 47.72
CA SER L 274 -7.36 -15.42 48.82
C SER L 274 -7.22 -16.25 50.10
N THR L 275 -6.50 -15.70 51.07
CA THR L 275 -6.32 -16.34 52.37
C THR L 275 -7.68 -16.45 53.12
N ARG L 276 -8.61 -15.53 52.81
CA ARG L 276 -9.97 -15.56 53.40
C ARG L 276 -11.03 -16.25 52.50
N ARG L 277 -10.56 -17.14 51.62
CA ARG L 277 -11.40 -17.99 50.74
C ARG L 277 -12.21 -17.24 49.67
N GLU L 278 -11.72 -16.08 49.24
CA GLU L 278 -12.44 -15.27 48.25
C GLU L 278 -11.64 -15.03 46.96
N PRO L 279 -12.32 -14.62 45.89
CA PRO L 279 -11.69 -14.43 44.58
C PRO L 279 -10.74 -13.23 44.59
N LEU L 280 -9.57 -13.33 43.94
CA LEU L 280 -8.57 -12.25 43.96
C LEU L 280 -8.67 -11.33 42.75
N SER L 281 -8.05 -10.15 42.87
CA SER L 281 -7.97 -9.15 41.79
C SER L 281 -6.75 -9.37 40.88
N SER L 282 -7.02 -9.47 39.58
CA SER L 282 -5.98 -9.68 38.57
C SER L 282 -4.67 -8.99 38.97
N GLY L 283 -4.80 -7.71 39.31
CA GLY L 283 -3.68 -6.84 39.62
C GLY L 283 -2.85 -7.26 40.80
N THR L 284 -3.51 -7.83 41.79
CA THR L 284 -2.78 -8.23 42.96
C THR L 284 -1.85 -9.37 42.58
N VAL L 285 -2.36 -10.34 41.85
CA VAL L 285 -1.57 -11.51 41.44
C VAL L 285 -0.26 -11.09 40.80
N SER L 286 -0.34 -10.29 39.75
CA SER L 286 0.88 -9.82 39.13
C SER L 286 1.67 -9.08 40.19
N ARG L 287 0.97 -8.27 40.99
CA ARG L 287 1.60 -7.42 42.00
C ARG L 287 2.53 -8.16 42.95
N TYR L 288 2.08 -9.28 43.47
CA TYR L 288 2.94 -9.99 44.38
C TYR L 288 4.03 -10.74 43.65
N PHE L 289 3.71 -11.22 42.45
CA PHE L 289 4.69 -11.87 41.61
C PHE L 289 5.87 -10.91 41.50
N MSE L 290 5.55 -9.64 41.30
CA MSE L 290 6.53 -8.56 41.21
C MSE L 290 7.46 -8.59 42.42
O MSE L 290 8.68 -8.56 42.28
CB MSE L 290 5.82 -7.19 41.09
CG MSE L 290 6.70 -5.93 41.20
SE MSE L 290 6.39 -4.82 42.81
CE MSE L 290 4.52 -4.27 42.50
N ARG L 291 6.86 -8.64 43.61
CA ARG L 291 7.62 -8.62 44.85
C ARG L 291 8.69 -9.70 44.84
N ALA L 292 8.27 -10.92 44.51
CA ALA L 292 9.16 -12.07 44.45
C ALA L 292 10.26 -11.88 43.42
N ARG L 293 9.96 -11.12 42.36
CA ARG L 293 10.94 -10.76 41.32
C ARG L 293 12.09 -10.03 41.95
N LYS L 294 11.74 -8.91 42.57
CA LYS L 294 12.69 -8.05 43.25
C LYS L 294 13.46 -8.83 44.30
N ALA L 295 12.73 -9.61 45.11
CA ALA L 295 13.30 -10.40 46.20
C ALA L 295 14.22 -11.56 45.77
N SER L 296 14.10 -11.96 44.49
CA SER L 296 14.96 -12.99 43.89
C SER L 296 16.33 -12.39 43.53
N GLY L 297 16.33 -11.07 43.28
CA GLY L 297 17.53 -10.30 43.05
C GLY L 297 18.22 -10.42 41.72
N LEU L 298 17.58 -11.08 40.77
CA LEU L 298 18.18 -11.25 39.45
C LEU L 298 18.22 -9.94 38.64
N SER L 299 19.14 -9.89 37.67
CA SER L 299 19.33 -8.73 36.80
C SER L 299 18.90 -9.10 35.40
N PHE L 300 18.31 -8.14 34.70
CA PHE L 300 17.81 -8.35 33.34
C PHE L 300 18.21 -7.15 32.50
N GLU L 301 18.19 -7.32 31.19
CA GLU L 301 18.40 -6.24 30.24
C GLU L 301 17.01 -5.60 29.94
N GLY L 302 16.92 -4.26 30.00
CA GLY L 302 15.67 -3.53 29.82
C GLY L 302 14.73 -3.65 31.02
N ASP L 303 13.42 -3.71 30.77
CA ASP L 303 12.42 -3.89 31.82
C ASP L 303 12.38 -5.34 32.29
N PRO L 304 12.12 -5.58 33.57
CA PRO L 304 12.04 -6.94 34.11
C PRO L 304 10.76 -7.66 33.67
N PRO L 305 10.85 -8.97 33.36
CA PRO L 305 9.67 -9.76 32.97
C PRO L 305 8.55 -9.61 33.97
N THR L 306 7.31 -9.95 33.62
CA THR L 306 6.24 -9.89 34.59
C THR L 306 5.34 -11.08 34.42
N PHE L 307 4.33 -11.17 35.28
CA PHE L 307 3.47 -12.33 35.34
C PHE L 307 3.06 -12.85 33.99
N HIS L 308 2.48 -12.00 33.16
CA HIS L 308 2.05 -12.51 31.89
C HIS L 308 3.17 -13.32 31.28
N GLU L 309 4.40 -12.88 31.53
CA GLU L 309 5.59 -13.57 31.10
C GLU L 309 5.45 -15.06 31.19
N LEU L 310 4.71 -15.49 32.19
CA LEU L 310 4.55 -16.90 32.48
C LEU L 310 3.81 -17.59 31.39
N ARG L 311 2.90 -16.87 30.77
CA ARG L 311 2.19 -17.45 29.67
C ARG L 311 3.16 -17.65 28.50
N SER L 312 4.10 -16.72 28.32
CA SER L 312 5.11 -16.79 27.26
C SER L 312 6.07 -17.96 27.49
N LEU L 313 6.48 -18.13 28.74
CA LEU L 313 7.28 -19.26 29.12
C LEU L 313 6.52 -20.55 28.80
N SER L 314 5.26 -20.57 29.23
CA SER L 314 4.37 -21.71 29.05
C SER L 314 4.37 -22.20 27.64
N ALA L 315 4.24 -21.28 26.70
CA ALA L 315 4.24 -21.59 25.28
C ALA L 315 5.61 -22.11 24.80
N ARG L 316 6.67 -21.44 25.22
CA ARG L 316 8.04 -21.77 24.81
C ARG L 316 8.47 -23.16 25.20
N LEU L 317 7.96 -23.61 26.34
CA LEU L 317 8.30 -24.94 26.83
C LEU L 317 7.38 -26.02 26.27
N TYR L 318 6.15 -25.64 25.94
CA TYR L 318 5.22 -26.56 25.29
C TYR L 318 5.59 -26.79 23.83
N GLU L 319 6.16 -25.76 23.17
CA GLU L 319 6.62 -25.84 21.76
C GLU L 319 7.59 -27.03 21.61
N LYS L 320 8.57 -27.08 22.51
CA LYS L 320 9.63 -28.10 22.49
C LYS L 320 9.23 -29.47 23.07
N GLN L 321 8.41 -29.43 24.12
CA GLN L 321 8.00 -30.72 24.69
C GLN L 321 7.04 -31.55 23.81
N ILE L 322 5.98 -31.01 23.33
CA ILE L 322 5.11 -31.73 22.39
C ILE L 322 5.01 -31.12 20.96
N SER L 323 4.39 -29.95 20.77
CA SER L 323 4.35 -29.36 19.41
C SER L 323 3.92 -27.90 19.32
N ASP L 324 4.32 -27.26 18.23
CA ASP L 324 4.02 -25.87 17.90
C ASP L 324 2.51 -25.63 17.69
N LYS L 325 1.83 -26.66 17.16
CA LYS L 325 0.39 -26.67 16.94
C LYS L 325 -0.39 -26.75 18.28
N PHE L 326 0.24 -27.38 19.27
CA PHE L 326 -0.34 -27.52 20.60
C PHE L 326 -0.28 -26.20 21.38
N ALA L 327 0.89 -25.55 21.40
CA ALA L 327 1.07 -24.27 22.08
C ALA L 327 0.10 -23.21 21.56
N GLN L 328 -0.17 -23.25 20.25
CA GLN L 328 -1.16 -22.41 19.58
C GLN L 328 -2.57 -22.67 20.10
N HIS L 329 -2.94 -23.96 20.22
CA HIS L 329 -4.27 -24.40 20.68
C HIS L 329 -4.58 -23.92 22.08
N LEU L 330 -3.58 -24.04 22.95
CA LEU L 330 -3.68 -23.75 24.37
C LEU L 330 -3.93 -22.31 24.79
N LEU L 331 -3.12 -21.39 24.30
CA LEU L 331 -3.24 -19.97 24.67
C LEU L 331 -4.46 -19.23 24.15
N GLY L 332 -5.43 -19.93 23.58
CA GLY L 332 -6.54 -19.24 22.96
C GLY L 332 -6.06 -18.51 21.72
N HIS L 333 -4.86 -18.83 21.25
CA HIS L 333 -4.27 -18.37 19.97
C HIS L 333 -5.05 -19.18 18.88
N LYS L 334 -5.48 -18.50 17.79
CA LYS L 334 -6.36 -19.12 16.76
C LYS L 334 -5.69 -19.67 15.47
N SER L 335 -4.89 -18.80 14.81
CA SER L 335 -4.29 -19.01 13.47
C SER L 335 -2.78 -19.39 13.52
N ASP L 336 -1.90 -18.44 13.17
CA ASP L 336 -0.42 -18.58 13.22
C ASP L 336 0.26 -17.23 13.67
N THR L 337 0.07 -16.16 12.87
CA THR L 337 0.58 -14.80 13.11
C THR L 337 1.80 -14.71 14.01
N GLU L 349 15.52 -18.44 19.73
CA GLU L 349 16.90 -18.37 19.21
C GLU L 349 17.24 -19.44 18.12
N TRP L 350 18.15 -20.39 18.38
CA TRP L 350 18.69 -21.35 17.35
C TRP L 350 17.76 -22.43 16.69
N ASP L 351 17.83 -22.50 15.34
CA ASP L 351 17.07 -23.45 14.47
C ASP L 351 18.08 -24.40 13.82
N LYS L 352 18.26 -25.58 14.42
CA LYS L 352 19.28 -26.54 13.96
C LYS L 352 19.23 -26.89 12.47
N ILE L 353 20.17 -26.34 11.69
CA ILE L 353 20.27 -26.71 10.29
C ILE L 353 20.95 -28.05 10.33
N GLU L 354 20.13 -29.08 10.22
CA GLU L 354 20.62 -30.42 10.01
C GLU L 354 20.96 -30.35 8.52
N ILE L 355 21.75 -31.32 8.04
CA ILE L 355 22.18 -31.38 6.63
C ILE L 355 21.00 -31.62 5.62
N LYS L 356 19.93 -30.79 5.73
CA LYS L 356 18.68 -30.87 4.91
C LYS L 356 17.72 -29.62 5.02
#